data_3U3X
#
_entry.id   3U3X
#
_cell.length_a   257.055
_cell.length_b   71.028
_cell.length_c   129.002
_cell.angle_alpha   90.00
_cell.angle_beta   104.68
_cell.angle_gamma   90.00
#
_symmetry.space_group_name_H-M   'C 1 2 1'
#
loop_
_entity.id
_entity.type
_entity.pdbx_description
1 polymer Oxidoreductase
2 non-polymer 'ACETATE ION'
3 water water
#
_entity_poly.entity_id   1
_entity_poly.type   'polypeptide(L)'
_entity_poly.pdbx_seq_one_letter_code
;(MSE)HHHHHHSSGVDLGTENLYFQS(MSE)(MSE)DELRFAAVGLNHNHIYGQVNCLLRAGARLAGFHEKDDALAAEFS
AVYADARRIATAEEILEDENIGLIVSAAVSSERAELAIRA(MSE)QHGKDVLVDKPG(MSE)TSFDQLAKLRRVQAETGR
IFSILYSEHFESPATVKAGELVAAGAIGEVVHIVGLGPHRLRRETRPDWFFRRADYGGILTDIASHQCEQFLFFTGVNDA
TVLSASVGNQSVPDAPELQDTGSIHLSTGRTTG(MSE)IHVNWLTPEG(MSE)PTWGDGRLFIVGTSGTIEVRKTVDLAG
REGGNHLFLADRNGVEHIDCSRVDLPFGRQFLADIRDRTETA(MSE)PQERCFKA(MSE)ELALQAQAIAEQNGDRN
;
_entity_poly.pdbx_strand_id   A,D,G,J,M
#
loop_
_chem_comp.id
_chem_comp.type
_chem_comp.name
_chem_comp.formula
ACT non-polymer 'ACETATE ION' 'C2 H3 O2 -1'
#
# COMPACT_ATOMS: atom_id res chain seq x y z
N GLU A 26 16.14 -11.38 -9.62
CA GLU A 26 15.78 -10.61 -8.38
C GLU A 26 14.86 -11.43 -7.45
N LEU A 27 15.34 -11.69 -6.22
CA LEU A 27 14.50 -12.32 -5.20
C LEU A 27 13.44 -11.37 -4.59
N ARG A 28 12.21 -11.86 -4.48
CA ARG A 28 11.13 -11.18 -3.79
C ARG A 28 10.86 -11.81 -2.40
N PHE A 29 10.63 -11.01 -1.38
CA PHE A 29 10.41 -11.62 -0.09
C PHE A 29 9.28 -10.96 0.63
N ALA A 30 8.78 -11.64 1.66
CA ALA A 30 7.75 -11.06 2.52
C ALA A 30 8.05 -11.15 4.03
N ALA A 31 7.60 -10.10 4.75
CA ALA A 31 7.70 -10.01 6.18
C ALA A 31 6.43 -10.57 6.86
N VAL A 32 6.57 -11.58 7.71
CA VAL A 32 5.41 -12.17 8.31
C VAL A 32 5.71 -12.30 9.77
N GLY A 33 4.95 -11.55 10.57
CA GLY A 33 5.21 -11.41 11.99
C GLY A 33 6.20 -10.31 12.29
N LEU A 34 5.67 -9.18 12.79
CA LEU A 34 6.43 -7.96 13.10
C LEU A 34 6.46 -7.71 14.61
N ASN A 35 6.42 -8.78 15.37
CA ASN A 35 6.32 -8.65 16.79
C ASN A 35 7.57 -8.11 17.45
N HIS A 36 8.67 -8.07 16.75
CA HIS A 36 9.87 -7.52 17.29
C HIS A 36 10.49 -6.52 16.35
N ASN A 37 11.24 -5.61 16.93
CA ASN A 37 11.94 -4.46 16.38
C ASN A 37 12.93 -4.86 15.35
N HIS A 38 13.53 -6.00 15.55
CA HIS A 38 14.56 -6.56 14.73
C HIS A 38 14.22 -6.83 13.28
N ILE A 39 12.95 -6.93 12.96
CA ILE A 39 12.41 -7.03 11.61
C ILE A 39 12.92 -5.92 10.70
N TYR A 40 13.01 -4.68 11.21
CA TYR A 40 13.53 -3.58 10.40
C TYR A 40 14.96 -3.81 9.93
N GLY A 41 15.81 -4.28 10.82
CA GLY A 41 17.16 -4.59 10.45
C GLY A 41 17.20 -5.73 9.46
N GLN A 42 16.40 -6.75 9.70
CA GLN A 42 16.30 -7.87 8.80
C GLN A 42 15.94 -7.36 7.42
N VAL A 43 14.80 -6.70 7.30
CA VAL A 43 14.30 -6.26 6.01
C VAL A 43 15.30 -5.31 5.32
N ASN A 44 15.79 -4.28 6.01
CA ASN A 44 16.82 -3.43 5.39
C ASN A 44 18.04 -4.23 4.89
N CYS A 45 18.51 -5.17 5.69
CA CYS A 45 19.62 -6.00 5.32
C CYS A 45 19.45 -6.55 3.90
N LEU A 46 18.30 -7.16 3.66
CA LEU A 46 17.93 -7.71 2.37
C LEU A 46 17.77 -6.65 1.27
N LEU A 47 17.01 -5.59 1.57
CA LEU A 47 16.81 -4.48 0.64
C LEU A 47 18.19 -3.93 0.21
N ARG A 48 19.00 -3.56 1.18
CA ARG A 48 20.39 -3.17 0.95
C ARG A 48 21.16 -4.10 -0.06
N ALA A 49 20.76 -5.36 -0.13
CA ALA A 49 21.52 -6.33 -0.90
C ALA A 49 20.93 -6.60 -2.27
N GLY A 50 19.79 -5.98 -2.58
CA GLY A 50 19.19 -6.13 -3.89
C GLY A 50 17.81 -6.75 -3.92
N ALA A 51 17.42 -7.50 -2.88
CA ALA A 51 16.09 -8.16 -2.89
C ALA A 51 14.94 -7.14 -2.85
N ARG A 52 13.73 -7.56 -3.22
CA ARG A 52 12.58 -6.65 -3.32
C ARG A 52 11.49 -7.12 -2.38
N LEU A 53 10.96 -6.17 -1.58
CA LEU A 53 9.91 -6.43 -0.59
C LEU A 53 8.57 -6.58 -1.25
N ALA A 54 7.95 -7.74 -1.14
CA ALA A 54 6.70 -7.99 -1.84
C ALA A 54 5.44 -7.76 -1.02
N GLY A 55 5.55 -7.42 0.25
CA GLY A 55 4.36 -7.27 1.07
C GLY A 55 4.62 -7.90 2.43
N PHE A 56 3.60 -7.96 3.26
CA PHE A 56 3.82 -8.34 4.64
C PHE A 56 2.49 -8.68 5.31
N HIS A 57 2.49 -9.60 6.27
CA HIS A 57 1.30 -9.82 7.05
C HIS A 57 1.49 -9.56 8.54
N GLU A 58 0.51 -8.91 9.14
CA GLU A 58 0.57 -8.63 10.58
C GLU A 58 -0.79 -8.29 11.11
N LYS A 59 -1.37 -9.23 11.83
CA LYS A 59 -2.69 -9.00 12.49
C LYS A 59 -2.76 -7.63 13.24
N ASP A 60 -1.74 -7.26 14.02
CA ASP A 60 -1.78 -6.00 14.79
C ASP A 60 -1.67 -4.69 13.98
N ASP A 61 -2.72 -3.88 14.12
CA ASP A 61 -2.92 -2.62 13.42
C ASP A 61 -1.75 -1.63 13.60
N ALA A 62 -1.36 -1.42 14.85
CA ALA A 62 -0.30 -0.50 15.19
C ALA A 62 1.05 -0.97 14.64
N LEU A 63 1.37 -2.25 14.84
CA LEU A 63 2.57 -2.81 14.26
C LEU A 63 2.59 -2.65 12.74
N ALA A 64 1.46 -2.81 12.09
CA ALA A 64 1.41 -2.65 10.66
C ALA A 64 1.51 -1.19 10.21
N ALA A 65 1.04 -0.29 11.06
CA ALA A 65 1.04 1.12 10.70
C ALA A 65 2.48 1.60 10.62
N GLU A 66 3.27 1.27 11.65
CA GLU A 66 4.72 1.53 11.66
C GLU A 66 5.35 1.01 10.34
N PHE A 67 5.05 -0.23 9.98
CA PHE A 67 5.73 -0.87 8.89
C PHE A 67 5.43 -0.14 7.56
N SER A 68 4.15 0.17 7.30
CA SER A 68 3.80 0.84 6.03
C SER A 68 4.48 2.20 5.95
N ALA A 69 4.57 2.86 7.09
CA ALA A 69 5.23 4.13 7.17
C ALA A 69 6.63 4.02 6.61
N VAL A 70 7.40 3.08 7.09
CA VAL A 70 8.77 2.85 6.66
C VAL A 70 8.99 2.25 5.30
N TYR A 71 8.15 1.35 4.88
CA TYR A 71 8.30 0.78 3.59
C TYR A 71 7.14 1.26 2.84
N ALA A 72 7.37 2.13 1.89
CA ALA A 72 6.30 2.77 1.23
C ALA A 72 5.38 1.91 0.46
N ASP A 73 5.88 0.98 -0.30
CA ASP A 73 4.96 0.22 -1.11
C ASP A 73 3.97 -0.55 -0.31
N ALA A 74 4.46 -1.21 0.73
CA ALA A 74 3.67 -1.71 1.81
C ALA A 74 2.49 -2.57 1.54
N ARG A 75 2.49 -3.55 0.66
CA ARG A 75 1.20 -4.17 0.49
C ARG A 75 0.89 -5.04 1.68
N ARG A 76 -0.15 -4.71 2.42
CA ARG A 76 -0.51 -5.50 3.59
C ARG A 76 -1.55 -6.57 3.27
N ILE A 77 -1.14 -7.83 3.44
CA ILE A 77 -1.95 -8.99 3.13
C ILE A 77 -2.72 -9.47 4.38
N ALA A 78 -3.98 -9.88 4.22
CA ALA A 78 -4.86 -10.04 5.39
C ALA A 78 -4.67 -11.36 6.11
N THR A 79 -4.00 -12.26 5.42
CA THR A 79 -3.90 -13.65 5.77
C THR A 79 -2.48 -14.13 5.44
N ALA A 80 -1.85 -14.77 6.42
CA ALA A 80 -0.50 -15.34 6.30
C ALA A 80 -0.40 -16.37 5.16
N GLU A 81 -1.37 -17.30 5.18
CA GLU A 81 -1.56 -18.34 4.17
C GLU A 81 -1.46 -17.78 2.77
N GLU A 82 -2.12 -16.66 2.48
CA GLU A 82 -2.01 -16.03 1.16
C GLU A 82 -0.56 -15.74 0.73
N ILE A 83 0.27 -15.23 1.67
CA ILE A 83 1.70 -14.96 1.37
C ILE A 83 2.42 -16.28 1.15
N LEU A 84 2.10 -17.25 2.00
CA LEU A 84 2.70 -18.58 1.93
C LEU A 84 2.45 -19.30 0.58
N GLU A 85 1.21 -19.23 0.12
CA GLU A 85 0.79 -19.93 -1.09
C GLU A 85 1.09 -19.14 -2.36
N ASP A 86 2.02 -18.19 -2.32
CA ASP A 86 2.23 -17.22 -3.42
C ASP A 86 3.49 -17.62 -4.19
N GLU A 87 3.30 -18.00 -5.45
CA GLU A 87 4.34 -18.68 -6.21
C GLU A 87 5.59 -17.80 -6.48
N ASN A 88 5.42 -16.47 -6.42
CA ASN A 88 6.43 -15.49 -6.86
C ASN A 88 7.36 -14.99 -5.76
N ILE A 89 7.07 -15.41 -4.54
CA ILE A 89 7.76 -14.98 -3.34
C ILE A 89 8.69 -16.09 -2.90
N GLY A 90 9.98 -15.81 -2.83
CA GLY A 90 10.93 -16.86 -2.50
C GLY A 90 11.39 -16.91 -1.06
N LEU A 91 11.12 -15.87 -0.28
CA LEU A 91 11.69 -15.76 1.07
C LEU A 91 10.73 -15.12 2.07
N ILE A 92 10.73 -15.64 3.29
CA ILE A 92 9.90 -15.13 4.34
C ILE A 92 10.84 -14.70 5.44
N VAL A 93 10.70 -13.43 5.83
CA VAL A 93 11.46 -12.86 6.92
C VAL A 93 10.47 -12.74 8.01
N SER A 94 10.89 -13.11 9.23
CA SER A 94 10.01 -12.94 10.37
C SER A 94 10.70 -12.56 11.68
N ALA A 95 9.92 -11.88 12.51
CA ALA A 95 10.23 -11.64 13.94
C ALA A 95 8.92 -11.73 14.73
N ALA A 96 8.19 -12.83 14.55
CA ALA A 96 7.02 -13.10 15.36
C ALA A 96 7.37 -13.36 16.83
N VAL A 97 6.34 -13.52 17.66
CA VAL A 97 6.52 -13.84 19.06
C VAL A 97 7.44 -15.04 19.02
N SER A 98 8.49 -15.05 19.84
CA SER A 98 9.58 -16.00 19.64
C SER A 98 9.10 -17.46 19.59
N SER A 99 8.28 -17.87 20.54
CA SER A 99 7.74 -19.24 20.58
C SER A 99 6.92 -19.68 19.36
N GLU A 100 6.62 -18.70 18.50
CA GLU A 100 5.74 -18.94 17.36
C GLU A 100 6.47 -18.99 16.04
N ARG A 101 7.69 -18.47 16.06
CA ARG A 101 8.59 -18.53 14.93
C ARG A 101 8.79 -19.92 14.38
N ALA A 102 9.11 -20.89 15.23
CA ALA A 102 9.30 -22.25 14.74
C ALA A 102 8.20 -22.66 13.76
N GLU A 103 6.94 -22.67 14.19
CA GLU A 103 5.87 -23.23 13.36
C GLU A 103 5.62 -22.39 12.11
N LEU A 104 5.94 -21.11 12.18
CA LEU A 104 5.80 -20.24 11.03
C LEU A 104 6.84 -20.63 9.97
N ALA A 105 8.11 -20.66 10.38
CA ALA A 105 9.20 -21.14 9.56
C ALA A 105 8.97 -22.48 8.90
N ILE A 106 8.30 -23.42 9.61
CA ILE A 106 7.98 -24.77 9.10
C ILE A 106 6.92 -24.65 7.98
N ARG A 107 5.86 -23.88 8.23
CA ARG A 107 4.83 -23.67 7.21
C ARG A 107 5.46 -23.06 5.98
N ALA A 108 6.44 -22.17 6.21
CA ALA A 108 7.12 -21.45 5.14
C ALA A 108 7.93 -22.41 4.32
N MSE A 109 8.69 -23.25 5.00
CA MSE A 109 9.57 -24.17 4.31
C MSE A 109 8.72 -25.14 3.52
O MSE A 109 9.02 -25.42 2.38
CB MSE A 109 10.50 -24.89 5.28
CG MSE A 109 11.42 -23.94 6.01
SE MSE A 109 13.07 -24.71 6.79
CE MSE A 109 12.40 -25.07 8.60
N GLN A 110 7.63 -25.61 4.10
CA GLN A 110 6.85 -26.63 3.44
C GLN A 110 6.15 -26.12 2.15
N HIS A 111 5.90 -24.80 2.09
CA HIS A 111 5.37 -24.10 0.92
C HIS A 111 6.51 -23.63 -0.02
N GLY A 112 7.65 -24.28 0.13
CA GLY A 112 8.73 -24.05 -0.79
C GLY A 112 9.47 -22.74 -0.61
N LYS A 113 9.45 -22.16 0.58
CA LYS A 113 10.22 -20.93 0.82
C LYS A 113 11.39 -21.10 1.78
N ASP A 114 12.52 -20.46 1.46
CA ASP A 114 13.59 -20.29 2.43
C ASP A 114 13.13 -19.26 3.47
N VAL A 115 13.85 -19.15 4.59
CA VAL A 115 13.38 -18.30 5.66
C VAL A 115 14.49 -17.71 6.50
N LEU A 116 14.35 -16.42 6.80
CA LEU A 116 15.28 -15.66 7.65
C LEU A 116 14.46 -15.14 8.81
N VAL A 117 14.79 -15.56 10.02
CA VAL A 117 13.99 -15.24 11.16
C VAL A 117 14.87 -14.48 12.17
N ASP A 118 14.24 -13.70 13.06
CA ASP A 118 14.98 -13.05 14.12
C ASP A 118 15.45 -14.09 15.11
N LYS A 119 16.58 -13.87 15.76
CA LYS A 119 16.94 -14.62 16.99
C LYS A 119 15.97 -14.28 18.14
N PRO A 120 15.60 -15.27 18.97
CA PRO A 120 15.86 -16.72 18.81
C PRO A 120 14.98 -17.33 17.72
N GLY A 121 15.50 -18.36 17.06
CA GLY A 121 14.78 -19.00 15.99
C GLY A 121 13.73 -19.90 16.57
N MSE A 122 13.92 -20.36 17.81
CA MSE A 122 12.93 -21.17 18.53
C MSE A 122 13.21 -21.17 20.01
O MSE A 122 14.21 -20.72 20.44
CB MSE A 122 12.90 -22.61 17.99
CG MSE A 122 13.92 -23.53 18.62
SE MSE A 122 15.68 -23.06 17.98
CE MSE A 122 15.42 -23.43 16.05
N THR A 123 12.30 -21.69 20.79
CA THR A 123 12.43 -21.53 22.23
C THR A 123 12.51 -22.84 23.02
N SER A 124 12.53 -23.98 22.31
CA SER A 124 12.63 -25.29 22.92
C SER A 124 13.31 -26.36 22.05
N PHE A 125 13.78 -27.41 22.72
CA PHE A 125 14.40 -28.55 22.04
C PHE A 125 13.41 -29.25 21.13
N ASP A 126 12.15 -29.33 21.56
CA ASP A 126 11.20 -29.90 20.66
C ASP A 126 11.10 -29.18 19.31
N GLN A 127 10.98 -27.83 19.37
CA GLN A 127 10.89 -27.04 18.16
C GLN A 127 12.16 -27.18 17.28
N LEU A 128 13.33 -27.28 17.92
CA LEU A 128 14.61 -27.36 17.20
C LEU A 128 14.67 -28.64 16.43
N ALA A 129 14.20 -29.68 17.11
CA ALA A 129 13.99 -30.97 16.52
C ALA A 129 13.07 -30.80 15.32
N LYS A 130 11.88 -30.22 15.50
CA LYS A 130 10.97 -30.19 14.35
C LYS A 130 11.55 -29.35 13.20
N LEU A 131 12.31 -28.29 13.48
CA LEU A 131 12.91 -27.49 12.40
C LEU A 131 13.99 -28.22 11.58
N ARG A 132 14.83 -28.95 12.26
CA ARG A 132 15.83 -29.75 11.61
C ARG A 132 15.23 -30.79 10.71
N ARG A 133 14.13 -31.43 11.12
CA ARG A 133 13.51 -32.40 10.25
C ARG A 133 12.97 -31.80 9.00
N VAL A 134 12.34 -30.65 9.12
CA VAL A 134 11.73 -29.95 8.02
C VAL A 134 12.70 -29.38 7.05
N GLN A 135 13.80 -28.89 7.55
CA GLN A 135 14.85 -28.43 6.72
C GLN A 135 15.48 -29.60 5.96
N ALA A 136 15.59 -30.75 6.60
CA ALA A 136 15.98 -31.96 5.91
C ALA A 136 14.94 -32.36 4.84
N GLU A 137 13.68 -32.33 5.21
CA GLU A 137 12.64 -32.76 4.30
C GLU A 137 12.42 -31.84 3.12
N THR A 138 13.10 -30.69 3.07
CA THR A 138 12.79 -29.67 2.04
C THR A 138 14.03 -28.94 1.44
N GLY A 139 15.15 -28.93 2.15
CA GLY A 139 16.32 -28.22 1.61
C GLY A 139 16.14 -26.70 1.48
N ARG A 140 15.06 -26.19 2.03
CA ARG A 140 14.93 -24.79 2.21
C ARG A 140 16.02 -24.36 3.21
N ILE A 141 16.54 -23.15 3.05
CA ILE A 141 17.45 -22.52 4.01
C ILE A 141 16.71 -22.01 5.24
N PHE A 142 17.20 -22.34 6.43
CA PHE A 142 16.69 -21.74 7.65
C PHE A 142 17.79 -20.87 8.29
N SER A 143 17.69 -19.57 8.11
CA SER A 143 18.71 -18.69 8.63
C SER A 143 18.17 -17.86 9.79
N ILE A 144 19.04 -17.57 10.76
CA ILE A 144 18.72 -16.69 11.87
C ILE A 144 19.66 -15.51 11.75
N LEU A 145 19.11 -14.29 11.71
CA LEU A 145 19.91 -13.06 11.70
C LEU A 145 20.45 -12.77 13.09
N TYR A 146 21.64 -13.30 13.36
CA TYR A 146 22.31 -13.08 14.62
C TYR A 146 22.98 -11.74 14.55
N SER A 147 22.21 -10.69 14.83
CA SER A 147 22.56 -9.35 14.38
C SER A 147 23.76 -8.77 15.06
N GLU A 148 24.06 -9.21 16.27
CA GLU A 148 25.22 -8.69 16.96
C GLU A 148 26.52 -9.20 16.33
N HIS A 149 26.42 -10.17 15.43
CA HIS A 149 27.53 -10.52 14.60
C HIS A 149 27.33 -9.90 13.21
N PHE A 150 26.23 -10.24 12.55
CA PHE A 150 26.08 -9.90 11.13
C PHE A 150 25.78 -8.44 10.83
N GLU A 151 25.34 -7.69 11.84
CA GLU A 151 25.03 -6.27 11.69
C GLU A 151 26.04 -5.38 12.43
N SER A 152 27.15 -5.98 12.87
CA SER A 152 28.20 -5.24 13.56
C SER A 152 29.48 -5.32 12.73
N PRO A 153 29.88 -4.21 12.10
CA PRO A 153 31.11 -4.29 11.30
C PRO A 153 32.38 -4.57 12.10
N ALA A 154 32.44 -4.19 13.38
CA ALA A 154 33.67 -4.37 14.13
C ALA A 154 33.91 -5.84 14.37
N THR A 155 32.84 -6.62 14.45
CA THR A 155 33.02 -8.04 14.71
C THR A 155 33.16 -8.81 13.41
N VAL A 156 32.60 -8.25 12.34
CA VAL A 156 32.89 -8.81 11.03
C VAL A 156 34.37 -8.59 10.80
N LYS A 157 34.80 -7.38 11.11
CA LYS A 157 36.18 -7.02 10.98
C LYS A 157 37.08 -7.93 11.79
N ALA A 158 36.77 -8.08 13.07
CA ALA A 158 37.57 -8.89 13.95
C ALA A 158 37.64 -10.29 13.40
N GLY A 159 36.54 -10.71 12.77
CA GLY A 159 36.52 -12.01 12.15
C GLY A 159 37.61 -12.17 11.10
N GLU A 160 37.81 -11.11 10.31
CA GLU A 160 38.70 -11.20 9.13
C GLU A 160 40.15 -11.17 9.57
N LEU A 161 40.40 -10.40 10.63
CA LEU A 161 41.72 -10.32 11.23
C LEU A 161 42.10 -11.68 11.76
N VAL A 162 41.22 -12.27 12.54
CA VAL A 162 41.52 -13.54 13.17
C VAL A 162 41.85 -14.63 12.16
N ALA A 163 41.02 -14.79 11.11
CA ALA A 163 41.28 -15.80 10.07
C ALA A 163 42.62 -15.57 9.34
N ALA A 164 42.94 -14.30 9.14
CA ALA A 164 44.23 -13.88 8.61
C ALA A 164 45.42 -13.96 9.60
N GLY A 165 45.31 -14.76 10.66
CA GLY A 165 46.43 -14.95 11.61
C GLY A 165 46.81 -13.80 12.57
N ALA A 166 46.00 -12.75 12.62
CA ALA A 166 46.34 -11.56 13.40
C ALA A 166 46.66 -11.75 14.89
N ILE A 167 46.12 -12.79 15.52
CA ILE A 167 46.41 -13.03 16.93
C ILE A 167 46.90 -14.44 17.27
N GLY A 168 47.06 -15.30 16.27
CA GLY A 168 47.50 -16.67 16.51
C GLY A 168 46.31 -17.61 16.71
N GLU A 169 46.37 -18.48 17.72
CA GLU A 169 45.21 -19.32 17.95
C GLU A 169 44.35 -18.63 18.98
N VAL A 170 43.06 -18.75 18.76
CA VAL A 170 42.10 -18.25 19.70
C VAL A 170 42.20 -19.18 20.88
N VAL A 171 42.40 -18.61 22.03
CA VAL A 171 42.61 -19.38 23.22
C VAL A 171 41.30 -19.33 23.95
N HIS A 172 40.73 -18.14 24.09
CA HIS A 172 39.58 -17.87 24.96
C HIS A 172 38.78 -16.72 24.38
N ILE A 173 37.44 -16.87 24.28
CA ILE A 173 36.52 -15.77 23.86
C ILE A 173 35.73 -15.28 25.03
N VAL A 174 35.47 -13.98 25.12
CA VAL A 174 34.58 -13.44 26.17
C VAL A 174 33.51 -12.54 25.55
N GLY A 175 32.25 -12.92 25.70
CA GLY A 175 31.16 -12.16 25.11
C GLY A 175 30.45 -11.55 26.29
N LEU A 176 30.17 -10.26 26.22
CA LEU A 176 29.48 -9.59 27.25
C LEU A 176 28.38 -8.81 26.63
N GLY A 177 27.12 -9.15 26.79
CA GLY A 177 26.13 -8.27 26.24
C GLY A 177 25.03 -7.76 27.11
N PRO A 178 24.91 -6.45 27.22
CA PRO A 178 23.89 -5.86 28.06
C PRO A 178 22.87 -5.15 27.25
N HIS A 179 21.62 -5.26 27.64
CA HIS A 179 20.52 -4.68 26.93
C HIS A 179 19.65 -3.79 27.83
N ARG A 180 18.99 -2.81 27.23
CA ARG A 180 18.11 -1.88 27.93
C ARG A 180 16.73 -2.42 28.02
N LEU A 181 16.17 -2.41 29.20
CA LEU A 181 14.92 -3.09 29.45
C LEU A 181 13.73 -2.35 28.88
N ARG A 182 13.56 -1.05 29.22
CA ARG A 182 12.50 -0.23 28.61
C ARG A 182 11.14 -0.86 28.92
N ARG A 183 10.93 -1.36 30.13
CA ARG A 183 9.75 -2.23 30.33
C ARG A 183 8.39 -1.66 29.96
N GLU A 184 8.13 -0.38 30.28
CA GLU A 184 6.87 0.26 29.89
C GLU A 184 6.61 0.04 28.41
N THR A 185 7.66 0.13 27.60
CA THR A 185 7.72 -0.19 26.15
C THR A 185 7.53 -1.66 25.65
N ARG A 186 7.72 -2.64 26.52
CA ARG A 186 7.76 -4.03 26.02
C ARG A 186 6.37 -4.63 25.86
N PRO A 187 6.21 -5.63 24.99
CA PRO A 187 4.92 -6.28 24.83
C PRO A 187 4.72 -7.35 25.90
N ASP A 188 3.47 -7.67 26.23
CA ASP A 188 3.20 -8.65 27.29
C ASP A 188 3.99 -9.94 27.13
N TRP A 189 4.18 -10.45 25.91
CA TRP A 189 4.87 -11.72 25.77
C TRP A 189 6.36 -11.62 26.08
N PHE A 190 6.87 -10.42 26.23
CA PHE A 190 8.25 -10.23 26.56
C PHE A 190 8.60 -10.78 27.91
N PHE A 191 7.62 -10.83 28.80
CA PHE A 191 7.84 -11.17 30.17
C PHE A 191 7.36 -12.61 30.40
N ARG A 192 6.57 -13.14 29.48
CA ARG A 192 6.15 -14.51 29.66
C ARG A 192 7.25 -15.49 29.26
N ARG A 193 7.65 -16.33 30.22
CA ARG A 193 8.75 -17.28 30.01
C ARG A 193 8.47 -18.23 28.87
N ALA A 194 7.22 -18.72 28.77
CA ALA A 194 6.86 -19.70 27.70
C ALA A 194 7.03 -19.09 26.31
N ASP A 195 6.77 -17.77 26.20
CA ASP A 195 6.85 -17.07 24.93
C ASP A 195 8.20 -16.52 24.55
N TYR A 196 8.97 -16.04 25.52
CA TYR A 196 10.25 -15.45 25.15
C TYR A 196 11.45 -16.37 25.16
N GLY A 197 11.37 -17.48 25.93
CA GLY A 197 12.39 -18.53 25.85
C GLY A 197 13.43 -18.62 26.98
N GLY A 198 13.52 -17.59 27.81
CA GLY A 198 14.54 -17.54 28.87
C GLY A 198 15.60 -16.59 28.39
N ILE A 199 16.28 -15.90 29.30
CA ILE A 199 17.26 -14.89 28.92
C ILE A 199 18.39 -15.42 28.01
N LEU A 200 18.84 -16.64 28.27
CA LEU A 200 19.96 -17.22 27.51
C LEU A 200 19.57 -17.61 26.09
N THR A 201 18.47 -18.36 25.96
CA THR A 201 17.84 -18.59 24.64
C THR A 201 17.67 -17.25 23.89
N ASP A 202 17.14 -16.25 24.58
CA ASP A 202 16.81 -15.03 23.90
C ASP A 202 18.03 -14.22 23.52
N ILE A 203 18.79 -13.74 24.48
CA ILE A 203 19.80 -12.79 24.10
C ILE A 203 21.23 -13.29 24.13
N ALA A 204 21.47 -14.49 24.62
CA ALA A 204 22.85 -14.97 24.68
C ALA A 204 23.18 -15.80 23.44
N SER A 205 22.20 -15.94 22.58
CA SER A 205 22.32 -16.79 21.41
C SER A 205 23.21 -16.12 20.39
N HIS A 206 23.22 -14.78 20.42
CA HIS A 206 24.17 -14.00 19.63
C HIS A 206 25.54 -14.49 19.95
N GLN A 207 25.88 -14.45 21.24
CA GLN A 207 27.23 -14.73 21.71
C GLN A 207 27.61 -16.18 21.50
N CYS A 208 26.63 -17.07 21.60
CA CYS A 208 26.78 -18.47 21.28
C CYS A 208 27.21 -18.70 19.86
N GLU A 209 26.50 -18.07 18.92
CA GLU A 209 26.85 -18.16 17.49
C GLU A 209 28.25 -17.66 17.28
N GLN A 210 28.52 -16.47 17.80
CA GLN A 210 29.85 -15.89 17.82
C GLN A 210 30.91 -16.81 18.41
N PHE A 211 30.55 -17.64 19.37
CA PHE A 211 31.57 -18.48 19.93
C PHE A 211 31.97 -19.55 18.89
N LEU A 212 30.97 -20.06 18.21
CA LEU A 212 31.18 -21.08 17.21
C LEU A 212 31.82 -20.49 15.94
N PHE A 213 31.65 -19.19 15.74
CA PHE A 213 32.23 -18.53 14.58
C PHE A 213 33.73 -18.36 14.74
N PHE A 214 34.14 -17.82 15.85
CA PHE A 214 35.54 -17.57 16.06
C PHE A 214 36.42 -18.79 16.15
N THR A 215 35.94 -19.80 16.85
CA THR A 215 36.54 -21.11 16.96
C THR A 215 36.57 -21.86 15.63
N GLY A 216 35.54 -21.75 14.85
CA GLY A 216 35.48 -22.37 13.54
C GLY A 216 35.06 -23.80 13.66
N VAL A 217 34.88 -24.21 14.90
CA VAL A 217 34.38 -25.48 15.33
C VAL A 217 32.91 -25.40 15.23
N ASN A 218 32.22 -26.51 15.28
CA ASN A 218 30.79 -26.49 15.18
C ASN A 218 30.03 -27.13 16.35
N ASP A 219 30.72 -27.73 17.29
CA ASP A 219 30.06 -28.35 18.42
C ASP A 219 30.84 -27.88 19.61
N ALA A 220 30.15 -27.68 20.73
CA ALA A 220 30.76 -27.19 21.96
C ALA A 220 30.01 -27.70 23.19
N THR A 221 30.58 -27.47 24.36
CA THR A 221 30.02 -28.00 25.57
C THR A 221 29.66 -26.89 26.50
N VAL A 222 28.51 -26.98 27.14
CA VAL A 222 28.24 -26.04 28.20
C VAL A 222 28.80 -26.64 29.48
N LEU A 223 29.78 -25.98 30.09
CA LEU A 223 30.36 -26.43 31.35
C LEU A 223 29.50 -25.96 32.50
N SER A 224 28.79 -24.85 32.32
CA SER A 224 27.91 -24.38 33.39
C SER A 224 27.07 -23.18 32.95
N ALA A 225 25.93 -22.97 33.58
CA ALA A 225 25.14 -21.84 33.17
C ALA A 225 24.36 -21.32 34.32
N SER A 226 24.06 -20.04 34.29
CA SER A 226 23.29 -19.46 35.37
C SER A 226 22.38 -18.38 34.84
N VAL A 227 21.16 -18.31 35.38
CA VAL A 227 20.19 -17.22 35.10
C VAL A 227 19.60 -16.66 36.37
N GLY A 228 19.05 -15.46 36.35
CA GLY A 228 18.48 -14.90 37.58
C GLY A 228 17.57 -13.74 37.29
N ASN A 229 16.67 -13.44 38.21
CA ASN A 229 16.00 -12.14 38.25
C ASN A 229 16.44 -11.37 39.47
N GLN A 230 17.10 -10.24 39.25
CA GLN A 230 17.67 -9.50 40.37
C GLN A 230 17.06 -8.11 40.61
N SER A 231 16.71 -7.40 39.52
CA SER A 231 16.28 -6.01 39.60
C SER A 231 14.83 -5.78 39.31
N VAL A 232 14.12 -6.75 38.77
CA VAL A 232 12.71 -6.52 38.48
C VAL A 232 11.85 -7.53 39.22
N PRO A 233 11.78 -7.42 40.56
CA PRO A 233 11.07 -8.46 41.31
C PRO A 233 9.57 -8.52 40.95
N ASP A 234 9.04 -7.52 40.21
CA ASP A 234 7.61 -7.48 39.88
C ASP A 234 7.37 -8.40 38.74
N ALA A 235 8.38 -8.53 37.88
CA ALA A 235 8.30 -9.38 36.71
C ALA A 235 9.10 -10.68 36.89
N PRO A 236 8.57 -11.60 37.71
CA PRO A 236 9.35 -12.75 38.16
C PRO A 236 9.75 -13.77 37.12
N GLU A 237 9.00 -13.88 36.02
CA GLU A 237 9.33 -14.90 35.00
C GLU A 237 10.42 -14.38 34.03
N LEU A 238 10.62 -13.06 34.06
CA LEU A 238 11.68 -12.41 33.35
C LEU A 238 13.02 -12.64 34.04
N GLN A 239 13.97 -13.16 33.28
CA GLN A 239 15.32 -13.28 33.71
C GLN A 239 16.04 -12.01 33.31
N ASP A 240 16.94 -11.62 34.18
CA ASP A 240 17.44 -10.29 34.29
C ASP A 240 18.91 -10.27 34.02
N THR A 241 19.53 -11.43 34.23
CA THR A 241 20.92 -11.67 34.15
C THR A 241 21.04 -13.12 33.83
N GLY A 242 21.99 -13.44 32.98
CA GLY A 242 22.37 -14.81 32.75
C GLY A 242 23.84 -14.81 32.42
N SER A 243 24.40 -16.01 32.23
CA SER A 243 25.81 -16.17 31.96
C SER A 243 26.07 -17.65 31.76
N ILE A 244 27.13 -17.93 31.00
CA ILE A 244 27.45 -19.28 30.63
C ILE A 244 28.95 -19.48 30.38
N HIS A 245 29.44 -20.68 30.71
CA HIS A 245 30.85 -21.08 30.55
C HIS A 245 30.87 -22.22 29.53
N LEU A 246 31.72 -22.11 28.52
CA LEU A 246 31.67 -22.91 27.30
C LEU A 246 33.03 -23.44 26.85
N SER A 247 33.10 -24.54 26.09
CA SER A 247 34.41 -24.98 25.63
C SER A 247 34.45 -25.97 24.46
N THR A 248 35.50 -25.91 23.63
CA THR A 248 35.69 -26.87 22.56
C THR A 248 36.98 -27.71 22.67
N GLY A 249 37.35 -28.17 23.87
CA GLY A 249 38.69 -28.77 24.02
C GLY A 249 39.73 -27.65 23.88
N ARG A 250 40.10 -27.28 22.64
CA ARG A 250 41.17 -26.30 22.38
C ARG A 250 40.85 -24.82 22.78
N THR A 251 39.58 -24.44 22.67
CA THR A 251 39.13 -23.07 23.01
C THR A 251 38.14 -23.07 24.15
N THR A 252 38.12 -22.00 24.91
CA THR A 252 37.32 -21.90 26.09
C THR A 252 36.54 -20.54 26.04
N GLY A 253 35.38 -20.42 26.69
CA GLY A 253 34.62 -19.18 26.55
C GLY A 253 33.67 -18.83 27.64
N MSE A 254 33.51 -17.55 27.90
CA MSE A 254 32.48 -17.06 28.80
C MSE A 254 31.55 -16.05 28.16
O MSE A 254 31.91 -15.29 27.26
CB MSE A 254 33.09 -16.38 29.98
CG MSE A 254 33.55 -17.31 31.07
SE MSE A 254 35.12 -16.52 31.98
CE MSE A 254 34.91 -14.57 31.70
N ILE A 255 30.32 -16.03 28.67
CA ILE A 255 29.29 -15.19 28.16
C ILE A 255 28.46 -14.71 29.33
N HIS A 256 28.25 -13.38 29.42
CA HIS A 256 27.32 -12.79 30.37
C HIS A 256 26.34 -11.84 29.67
N VAL A 257 25.06 -11.93 29.99
CA VAL A 257 24.06 -11.08 29.40
C VAL A 257 23.13 -10.45 30.40
N ASN A 258 22.68 -9.26 30.15
CA ASN A 258 21.79 -8.61 31.07
C ASN A 258 20.74 -7.76 30.44
N TRP A 259 19.72 -7.42 31.21
CA TRP A 259 18.67 -6.52 30.82
C TRP A 259 18.87 -5.33 31.70
N LEU A 260 20.12 -4.96 31.87
CA LEU A 260 20.55 -4.07 32.96
C LEU A 260 21.31 -2.83 32.49
N THR A 261 20.97 -2.33 31.32
CA THR A 261 21.68 -1.19 30.84
C THR A 261 21.20 0.04 31.60
N PRO A 262 22.15 0.78 32.19
CA PRO A 262 21.81 1.95 32.98
C PRO A 262 21.19 3.05 32.14
N GLU A 263 20.34 3.85 32.78
CA GLU A 263 19.65 4.97 32.12
C GLU A 263 20.64 5.90 31.45
N GLY A 264 21.82 6.06 32.04
CA GLY A 264 22.78 7.06 31.55
C GLY A 264 23.61 6.65 30.34
N MSE A 265 23.41 5.44 29.85
CA MSE A 265 24.22 4.93 28.79
C MSE A 265 23.81 5.56 27.47
O MSE A 265 22.64 5.57 27.14
CB MSE A 265 24.01 3.42 28.72
CG MSE A 265 24.93 2.70 27.75
SE MSE A 265 26.77 2.73 28.46
CE MSE A 265 27.68 2.02 26.92
N PRO A 266 24.78 6.09 26.70
CA PRO A 266 24.40 6.73 25.41
C PRO A 266 23.68 5.80 24.42
N THR A 267 23.88 4.49 24.49
CA THR A 267 23.10 3.54 23.66
C THR A 267 22.34 2.42 24.43
N TRP A 268 21.90 1.38 23.71
CA TRP A 268 21.12 0.31 24.32
C TRP A 268 21.98 -0.66 25.13
N GLY A 269 23.25 -0.78 24.73
CA GLY A 269 24.20 -1.60 25.47
C GLY A 269 25.67 -1.49 25.13
N ASP A 270 26.51 -1.43 26.18
CA ASP A 270 27.94 -1.46 25.99
C ASP A 270 28.45 -2.91 25.64
N GLY A 271 28.01 -3.46 24.51
CA GLY A 271 28.41 -4.82 24.16
C GLY A 271 29.92 -4.93 23.96
N ARG A 272 30.53 -5.98 24.52
CA ARG A 272 31.97 -6.23 24.33
C ARG A 272 32.26 -7.61 23.85
N LEU A 273 33.31 -7.72 23.08
CA LEU A 273 33.85 -9.02 22.70
C LEU A 273 35.38 -8.98 22.86
N PHE A 274 35.92 -9.85 23.69
CA PHE A 274 37.36 -9.99 23.86
C PHE A 274 37.68 -11.28 23.18
N ILE A 275 38.71 -11.26 22.34
CA ILE A 275 39.20 -12.51 21.77
C ILE A 275 40.68 -12.68 22.07
N VAL A 276 40.95 -13.50 23.07
CA VAL A 276 42.30 -13.75 23.54
C VAL A 276 42.97 -14.78 22.64
N GLY A 277 44.09 -14.38 22.03
CA GLY A 277 44.90 -15.31 21.24
C GLY A 277 46.31 -15.46 21.79
N THR A 278 47.05 -16.41 21.22
CA THR A 278 48.48 -16.67 21.55
C THR A 278 49.41 -15.48 21.14
N SER A 279 49.27 -15.01 19.91
CA SER A 279 50.04 -13.86 19.44
C SER A 279 49.49 -12.54 19.94
N GLY A 280 48.17 -12.46 20.17
CA GLY A 280 47.57 -11.18 20.52
C GLY A 280 46.17 -11.23 21.07
N THR A 281 45.69 -10.09 21.58
CA THR A 281 44.30 -9.96 22.06
C THR A 281 43.48 -8.92 21.22
N ILE A 282 42.28 -9.28 20.77
CA ILE A 282 41.31 -8.30 20.17
C ILE A 282 40.16 -7.94 21.13
N GLU A 283 39.97 -6.65 21.44
CA GLU A 283 38.71 -6.19 22.08
C GLU A 283 37.78 -5.44 21.08
N VAL A 284 36.54 -5.86 20.97
CA VAL A 284 35.57 -5.12 20.17
C VAL A 284 34.59 -4.38 21.08
N ARG A 285 34.53 -3.03 21.04
CA ARG A 285 33.46 -2.28 21.72
C ARG A 285 32.40 -1.99 20.68
N LYS A 286 31.25 -2.65 20.85
CA LYS A 286 30.31 -2.84 19.77
C LYS A 286 29.55 -1.60 19.40
N THR A 287 29.37 -0.69 20.36
CA THR A 287 28.31 0.31 20.31
C THR A 287 28.72 1.67 20.94
N VAL A 288 29.59 1.65 21.93
CA VAL A 288 30.03 2.85 22.62
C VAL A 288 31.47 2.73 23.11
N ASP A 289 32.11 3.84 23.38
CA ASP A 289 33.40 3.85 24.03
C ASP A 289 33.16 4.74 25.18
N LEU A 290 33.32 4.29 26.40
CA LEU A 290 32.88 5.14 27.43
C LEU A 290 33.81 6.26 27.65
N ALA A 291 33.26 7.44 27.54
CA ALA A 291 33.90 8.68 27.77
C ALA A 291 35.06 8.64 26.84
N GLY A 292 34.90 8.01 25.70
CA GLY A 292 35.98 7.86 24.75
C GLY A 292 35.66 8.49 23.44
N ARG A 293 36.00 7.77 22.39
CA ARG A 293 35.76 8.12 21.01
C ARG A 293 34.31 8.09 20.61
N GLU A 294 33.93 8.98 19.72
CA GLU A 294 32.57 9.05 19.27
C GLU A 294 32.17 7.82 18.53
N GLY A 295 30.93 7.40 18.70
CA GLY A 295 30.40 6.23 18.05
C GLY A 295 30.69 4.88 18.61
N GLY A 296 30.42 3.91 17.76
CA GLY A 296 30.64 2.48 17.85
C GLY A 296 31.22 2.25 16.47
N ASN A 297 31.89 1.19 16.10
CA ASN A 297 32.10 0.02 16.81
C ASN A 297 33.56 0.01 16.70
N HIS A 298 34.25 -0.18 17.80
CA HIS A 298 35.66 -0.04 17.81
C HIS A 298 36.39 -1.32 18.02
N LEU A 299 37.51 -1.48 17.35
CA LEU A 299 38.33 -2.64 17.47
C LEU A 299 39.67 -2.27 18.00
N PHE A 300 40.18 -3.00 18.95
CA PHE A 300 41.49 -2.68 19.47
C PHE A 300 42.30 -3.93 19.37
N LEU A 301 43.38 -3.88 18.60
CA LEU A 301 44.23 -5.03 18.42
C LEU A 301 45.46 -4.87 19.30
N ALA A 302 45.77 -5.89 20.09
CA ALA A 302 47.04 -5.94 20.82
C ALA A 302 47.83 -7.14 20.30
N ASP A 303 48.89 -6.80 19.57
CA ASP A 303 49.62 -7.68 18.69
C ASP A 303 51.06 -7.86 19.19
N ARG A 304 51.84 -8.61 18.41
CA ARG A 304 53.28 -8.73 18.60
C ARG A 304 53.98 -7.36 18.55
N ASN A 305 53.44 -6.44 17.72
CA ASN A 305 54.06 -5.14 17.42
C ASN A 305 53.51 -3.95 18.21
N GLY A 306 52.36 -4.09 18.84
CA GLY A 306 51.80 -2.96 19.56
C GLY A 306 50.28 -2.90 19.58
N VAL A 307 49.78 -1.70 19.83
CA VAL A 307 48.37 -1.45 20.08
C VAL A 307 47.83 -0.51 19.01
N GLU A 308 46.85 -1.00 18.27
CA GLU A 308 46.21 -0.25 17.19
C GLU A 308 44.72 -0.09 17.49
N HIS A 309 44.20 1.13 17.37
CA HIS A 309 42.75 1.34 17.27
C HIS A 309 42.35 1.30 15.81
N ILE A 310 41.39 0.46 15.48
CA ILE A 310 40.79 0.52 14.18
C ILE A 310 39.35 0.98 14.35
N ASP A 311 38.91 1.87 13.47
CA ASP A 311 37.51 2.23 13.39
C ASP A 311 36.88 1.40 12.28
N CYS A 312 35.84 0.62 12.61
CA CYS A 312 35.32 -0.34 11.64
C CYS A 312 34.02 0.07 10.96
N SER A 313 33.53 1.27 11.26
CA SER A 313 32.21 1.70 10.78
C SER A 313 31.96 1.46 9.30
N ARG A 314 32.97 1.73 8.48
CA ARG A 314 32.83 1.61 7.07
C ARG A 314 33.30 0.24 6.51
N VAL A 315 33.28 -0.84 7.30
CA VAL A 315 33.55 -2.17 6.68
C VAL A 315 32.23 -2.79 6.16
N ASP A 316 32.31 -3.74 5.24
CA ASP A 316 31.11 -4.11 4.54
C ASP A 316 30.49 -5.33 5.22
N LEU A 317 29.15 -5.34 5.26
CA LEU A 317 28.44 -6.40 5.93
C LEU A 317 28.02 -7.44 4.90
N PRO A 318 28.85 -8.48 4.70
CA PRO A 318 28.71 -9.39 3.54
C PRO A 318 27.50 -10.32 3.56
N PHE A 319 26.91 -10.53 4.74
CA PHE A 319 25.73 -11.40 4.94
C PHE A 319 24.57 -11.30 3.92
N GLY A 320 24.03 -10.11 3.63
CA GLY A 320 22.96 -10.00 2.63
C GLY A 320 23.33 -10.51 1.23
N ARG A 321 24.55 -10.19 0.77
CA ARG A 321 25.07 -10.70 -0.52
C ARG A 321 25.26 -12.23 -0.38
N GLN A 322 25.93 -12.65 0.70
CA GLN A 322 26.28 -14.06 0.89
C GLN A 322 24.98 -14.93 0.96
N PHE A 323 23.92 -14.37 1.52
CA PHE A 323 22.67 -15.08 1.81
C PHE A 323 21.72 -15.09 0.63
N LEU A 324 21.58 -13.96 -0.05
CA LEU A 324 20.88 -14.04 -1.32
C LEU A 324 21.63 -14.95 -2.32
N ALA A 325 22.95 -15.02 -2.23
CA ALA A 325 23.72 -15.98 -3.03
C ALA A 325 23.32 -17.43 -2.71
N ASP A 326 23.37 -17.80 -1.42
CA ASP A 326 22.92 -19.12 -0.98
C ASP A 326 21.51 -19.45 -1.49
N ILE A 327 20.59 -18.49 -1.48
CA ILE A 327 19.27 -18.74 -2.01
C ILE A 327 19.39 -19.08 -3.48
N ARG A 328 20.25 -18.37 -4.19
CA ARG A 328 20.46 -18.60 -5.62
C ARG A 328 21.13 -19.94 -5.91
N ASP A 329 22.34 -20.13 -5.38
CA ASP A 329 23.20 -21.28 -5.74
C ASP A 329 22.91 -22.55 -4.92
N ARG A 330 21.93 -22.47 -4.03
CA ARG A 330 21.59 -23.52 -3.06
C ARG A 330 22.69 -23.79 -2.01
N THR A 331 23.67 -22.89 -1.93
CA THR A 331 24.85 -23.04 -1.04
C THR A 331 24.70 -22.50 0.41
N GLU A 332 25.84 -22.32 1.09
CA GLU A 332 25.85 -21.73 2.45
C GLU A 332 27.02 -20.77 2.75
N THR A 333 27.29 -19.84 1.83
CA THR A 333 28.38 -18.86 1.96
C THR A 333 28.30 -18.08 3.27
N ALA A 334 27.07 -17.90 3.75
CA ALA A 334 26.73 -16.88 4.76
C ALA A 334 26.87 -17.36 6.19
N MSE A 335 26.45 -18.61 6.41
CA MSE A 335 26.58 -19.23 7.71
C MSE A 335 26.26 -20.71 7.54
O MSE A 335 25.16 -21.06 7.08
CB MSE A 335 25.64 -18.58 8.71
CG MSE A 335 25.86 -19.04 10.12
SE MSE A 335 24.44 -18.50 11.35
CE MSE A 335 22.91 -18.24 10.06
N PRO A 336 27.21 -21.60 7.88
CA PRO A 336 26.85 -23.00 7.73
C PRO A 336 25.55 -23.28 8.48
N GLN A 337 24.63 -23.97 7.82
CA GLN A 337 23.36 -24.31 8.42
C GLN A 337 23.52 -25.09 9.74
N GLU A 338 24.51 -25.98 9.76
CA GLU A 338 24.79 -26.79 10.95
C GLU A 338 25.08 -25.82 12.06
N ARG A 339 25.81 -24.75 11.79
CA ARG A 339 26.17 -23.81 12.86
C ARG A 339 25.01 -22.91 13.28
N CYS A 340 24.16 -22.59 12.32
CA CYS A 340 22.99 -21.82 12.61
C CYS A 340 22.18 -22.54 13.67
N PHE A 341 21.94 -23.83 13.49
CA PHE A 341 21.17 -24.64 14.45
C PHE A 341 21.94 -24.82 15.73
N LYS A 342 23.25 -25.01 15.62
CA LYS A 342 24.05 -25.36 16.81
C LYS A 342 24.21 -24.20 17.78
N ALA A 343 24.05 -22.98 17.29
CA ALA A 343 24.10 -21.85 18.17
C ALA A 343 22.84 -21.85 19.07
N MSE A 344 21.70 -22.22 18.48
CA MSE A 344 20.47 -22.35 19.24
C MSE A 344 20.52 -23.48 20.24
O MSE A 344 20.20 -23.30 21.41
CB MSE A 344 19.32 -22.52 18.29
CG MSE A 344 19.01 -21.20 17.61
SE MSE A 344 18.68 -19.73 18.93
CE MSE A 344 18.75 -18.23 17.71
N GLU A 345 20.95 -24.65 19.76
CA GLU A 345 21.21 -25.75 20.64
C GLU A 345 22.10 -25.36 21.81
N LEU A 346 23.23 -24.72 21.54
CA LEU A 346 24.04 -24.26 22.64
C LEU A 346 23.25 -23.43 23.63
N ALA A 347 22.48 -22.47 23.14
CA ALA A 347 21.81 -21.51 24.00
C ALA A 347 20.69 -22.17 24.78
N LEU A 348 20.04 -23.16 24.15
CA LEU A 348 19.00 -23.94 24.81
C LEU A 348 19.55 -24.81 25.89
N GLN A 349 20.69 -25.46 25.61
CA GLN A 349 21.35 -26.27 26.60
C GLN A 349 21.57 -25.42 27.81
N ALA A 350 22.22 -24.29 27.60
CA ALA A 350 22.58 -23.42 28.70
C ALA A 350 21.37 -22.97 29.50
N GLN A 351 20.32 -22.54 28.80
CA GLN A 351 19.05 -22.24 29.42
C GLN A 351 18.53 -23.39 30.30
N ALA A 352 18.54 -24.60 29.72
CA ALA A 352 18.15 -25.80 30.44
C ALA A 352 18.99 -25.98 31.71
N ILE A 353 20.31 -26.12 31.56
CA ILE A 353 21.10 -26.44 32.74
C ILE A 353 21.07 -25.28 33.69
N ALA A 354 20.85 -24.08 33.19
CA ALA A 354 20.61 -22.97 34.11
C ALA A 354 19.42 -23.18 35.06
N GLU A 355 18.44 -24.04 34.72
CA GLU A 355 17.19 -24.27 35.53
C GLU A 355 16.94 -25.74 35.96
N GLU B 26 55.44 1.70 67.10
CA GLU B 26 56.09 1.37 65.78
C GLU B 26 56.40 -0.14 65.64
N LEU B 27 55.68 -0.83 64.76
CA LEU B 27 55.92 -2.26 64.44
C LEU B 27 57.27 -2.50 63.78
N ARG B 28 57.79 -3.69 63.97
CA ARG B 28 59.03 -4.07 63.33
C ARG B 28 58.74 -5.40 62.66
N PHE B 29 59.36 -5.66 61.53
CA PHE B 29 58.95 -6.80 60.71
C PHE B 29 60.10 -7.36 59.87
N ALA B 30 60.00 -8.61 59.40
CA ALA B 30 61.12 -9.24 58.72
C ALA B 30 60.75 -10.01 57.48
N ALA B 31 61.60 -9.87 56.48
CA ALA B 31 61.40 -10.55 55.21
C ALA B 31 62.10 -11.90 55.23
N VAL B 32 61.30 -12.95 55.03
CA VAL B 32 61.82 -14.28 55.02
C VAL B 32 61.40 -14.89 53.70
N GLY B 33 62.37 -15.17 52.82
CA GLY B 33 62.06 -15.70 51.50
C GLY B 33 61.59 -14.61 50.55
N LEU B 34 62.44 -14.32 49.57
CA LEU B 34 62.19 -13.25 48.63
C LEU B 34 62.36 -13.80 47.21
N ASN B 35 61.78 -14.97 46.99
CA ASN B 35 61.95 -15.68 45.72
C ASN B 35 61.14 -15.06 44.59
N HIS B 36 60.11 -14.28 44.95
CA HIS B 36 59.29 -13.54 44.00
C HIS B 36 59.27 -12.04 44.35
N ASN B 37 59.27 -11.20 43.32
CA ASN B 37 59.33 -9.72 43.52
C ASN B 37 58.23 -9.07 44.33
N HIS B 38 57.04 -9.68 44.43
CA HIS B 38 55.96 -8.99 45.15
C HIS B 38 56.38 -8.64 46.56
N ILE B 39 57.52 -9.20 46.97
CA ILE B 39 58.09 -8.96 48.29
C ILE B 39 58.29 -7.45 48.40
N TYR B 40 58.92 -6.90 47.37
CA TYR B 40 59.25 -5.50 47.27
C TYR B 40 58.03 -4.67 47.46
N GLY B 41 56.95 -5.09 46.81
CA GLY B 41 55.63 -4.51 47.02
C GLY B 41 55.16 -4.50 48.47
N GLN B 42 55.36 -5.62 49.15
CA GLN B 42 54.82 -5.75 50.50
C GLN B 42 55.65 -5.01 51.49
N VAL B 43 56.97 -5.09 51.32
CA VAL B 43 57.86 -4.37 52.20
C VAL B 43 57.60 -2.90 51.98
N ASN B 44 57.56 -2.48 50.72
CA ASN B 44 57.38 -1.06 50.40
C ASN B 44 56.07 -0.57 50.97
N CYS B 45 55.09 -1.47 50.91
CA CYS B 45 53.75 -1.24 51.38
C CYS B 45 53.69 -0.93 52.86
N LEU B 46 54.45 -1.69 53.65
CA LEU B 46 54.55 -1.52 55.11
C LEU B 46 55.47 -0.36 55.53
N LEU B 47 56.58 -0.21 54.81
CA LEU B 47 57.49 0.89 54.99
C LEU B 47 56.69 2.19 54.87
N ARG B 48 55.90 2.26 53.80
CA ARG B 48 55.11 3.42 53.44
C ARG B 48 54.12 3.66 54.54
N ALA B 49 53.74 2.59 55.22
CA ALA B 49 52.74 2.67 56.29
C ALA B 49 53.38 3.10 57.62
N GLY B 50 54.72 3.16 57.67
CA GLY B 50 55.43 3.56 58.89
C GLY B 50 56.02 2.43 59.76
N ALA B 51 55.97 1.20 59.25
CA ALA B 51 56.56 0.08 59.95
C ALA B 51 58.03 -0.06 59.57
N ARG B 52 58.76 -0.86 60.34
CA ARG B 52 60.21 -0.81 60.34
C ARG B 52 60.84 -2.18 60.03
N LEU B 53 61.57 -2.22 58.92
CA LEU B 53 62.29 -3.40 58.49
C LEU B 53 63.51 -3.72 59.38
N ALA B 54 63.42 -4.83 60.12
CA ALA B 54 64.45 -5.21 61.09
C ALA B 54 65.55 -6.16 60.54
N GLY B 55 65.20 -7.00 59.57
CA GLY B 55 66.20 -7.82 58.88
C GLY B 55 65.52 -8.77 57.93
N PHE B 56 66.26 -9.69 57.37
CA PHE B 56 65.66 -10.58 56.42
C PHE B 56 66.44 -11.86 56.32
N HIS B 57 65.81 -12.94 55.83
CA HIS B 57 66.54 -14.19 55.55
C HIS B 57 66.25 -14.75 54.17
N GLU B 58 67.29 -15.07 53.44
CA GLU B 58 67.15 -15.87 52.23
C GLU B 58 68.40 -16.65 51.96
N LYS B 59 68.23 -17.95 51.77
CA LYS B 59 69.34 -18.84 51.44
C LYS B 59 70.22 -18.31 50.28
N ASP B 60 69.57 -17.95 49.16
CA ASP B 60 70.23 -17.48 47.94
C ASP B 60 70.93 -16.12 48.12
N ASP B 61 72.19 -16.04 47.66
CA ASP B 61 73.00 -14.82 47.87
C ASP B 61 72.70 -13.72 46.86
N ALA B 62 72.44 -14.13 45.62
CA ALA B 62 72.10 -13.18 44.56
C ALA B 62 70.79 -12.43 44.84
N LEU B 63 69.88 -13.09 45.57
CA LEU B 63 68.63 -12.47 45.98
C LEU B 63 68.90 -11.63 47.20
N ALA B 64 69.74 -12.14 48.11
CA ALA B 64 70.09 -11.38 49.30
C ALA B 64 70.82 -10.09 48.90
N ALA B 65 71.73 -10.20 47.94
CA ALA B 65 72.48 -9.06 47.39
C ALA B 65 71.54 -7.93 46.91
N GLU B 66 70.68 -8.26 45.94
CA GLU B 66 69.62 -7.39 45.44
C GLU B 66 68.83 -6.72 46.59
N PHE B 67 68.31 -7.54 47.49
CA PHE B 67 67.51 -7.04 48.54
C PHE B 67 68.32 -6.05 49.38
N SER B 68 69.55 -6.43 49.70
CA SER B 68 70.48 -5.57 50.47
C SER B 68 70.64 -4.21 49.82
N ALA B 69 70.78 -4.24 48.49
CA ALA B 69 70.98 -3.05 47.68
C ALA B 69 69.77 -2.10 47.77
N VAL B 70 68.57 -2.65 47.72
CA VAL B 70 67.39 -1.81 47.73
C VAL B 70 67.07 -1.32 49.13
N TYR B 71 67.42 -2.10 50.14
CA TYR B 71 67.21 -1.63 51.50
C TYR B 71 68.52 -1.64 52.28
N ALA B 72 69.28 -0.55 52.14
CA ALA B 72 70.60 -0.37 52.74
C ALA B 72 70.64 -0.66 54.25
N ASP B 73 69.61 -0.18 54.98
CA ASP B 73 69.43 -0.47 56.42
C ASP B 73 69.51 -1.97 56.86
N ALA B 74 69.14 -2.89 55.96
CA ALA B 74 68.74 -4.28 56.32
C ALA B 74 69.78 -5.31 56.76
N ARG B 75 69.65 -5.77 58.01
CA ARG B 75 70.52 -6.79 58.60
C ARG B 75 70.14 -8.20 58.13
N ARG B 76 70.94 -8.82 57.24
CA ARG B 76 70.70 -10.21 56.75
C ARG B 76 70.99 -11.24 57.81
N ILE B 77 70.00 -12.08 58.10
CA ILE B 77 70.12 -13.05 59.17
C ILE B 77 70.37 -14.47 58.55
N ALA B 78 71.40 -15.17 59.00
CA ALA B 78 71.83 -16.36 58.25
C ALA B 78 70.93 -17.57 58.48
N THR B 79 70.06 -17.43 59.47
CA THR B 79 69.19 -18.51 59.91
C THR B 79 67.71 -18.04 60.04
N ALA B 80 66.79 -18.81 59.49
CA ALA B 80 65.36 -18.46 59.58
C ALA B 80 64.89 -18.48 61.05
N GLU B 81 65.25 -19.56 61.77
CA GLU B 81 65.02 -19.71 63.23
C GLU B 81 65.40 -18.48 64.11
N GLU B 82 66.49 -17.77 63.81
CA GLU B 82 66.85 -16.57 64.61
C GLU B 82 65.82 -15.41 64.53
N ILE B 83 65.26 -15.19 63.34
CA ILE B 83 64.21 -14.17 63.11
C ILE B 83 62.91 -14.65 63.72
N LEU B 84 62.62 -15.94 63.56
CA LEU B 84 61.49 -16.60 64.21
C LEU B 84 61.56 -16.45 65.73
N GLU B 85 62.73 -16.79 66.30
CA GLU B 85 62.91 -16.85 67.77
C GLU B 85 63.01 -15.49 68.44
N ASP B 86 63.48 -14.49 67.70
CA ASP B 86 63.57 -13.08 68.17
C ASP B 86 62.23 -12.48 68.71
N GLU B 87 62.19 -12.09 69.98
CA GLU B 87 60.92 -11.59 70.59
C GLU B 87 60.64 -10.06 70.40
N ASN B 88 61.35 -9.43 69.46
CA ASN B 88 61.16 -7.99 69.15
C ASN B 88 60.49 -7.68 67.79
N ILE B 89 60.66 -8.59 66.83
CA ILE B 89 59.94 -8.59 65.53
C ILE B 89 58.48 -9.06 65.66
N GLY B 90 57.52 -8.21 65.31
CA GLY B 90 56.08 -8.53 65.44
C GLY B 90 55.37 -9.21 64.26
N LEU B 91 56.02 -9.20 63.09
CA LEU B 91 55.46 -9.64 61.80
C LEU B 91 56.52 -10.22 60.85
N ILE B 92 56.19 -11.33 60.23
CA ILE B 92 57.06 -11.93 59.22
C ILE B 92 56.42 -11.68 57.87
N VAL B 93 57.21 -11.22 56.92
CA VAL B 93 56.71 -10.95 55.59
C VAL B 93 57.42 -11.89 54.63
N SER B 94 56.66 -12.57 53.77
CA SER B 94 57.26 -13.53 52.85
C SER B 94 56.75 -13.50 51.42
N ALA B 95 57.56 -14.08 50.53
CA ALA B 95 57.18 -14.45 49.17
C ALA B 95 58.06 -15.59 48.67
N ALA B 96 58.10 -16.67 49.45
CA ALA B 96 58.96 -17.79 49.13
C ALA B 96 58.42 -18.61 47.96
N VAL B 97 59.15 -19.62 47.48
CA VAL B 97 58.54 -20.63 46.63
C VAL B 97 57.19 -21.01 47.27
N SER B 98 56.16 -21.00 46.42
CA SER B 98 54.72 -20.98 46.83
C SER B 98 54.23 -22.13 47.68
N SER B 99 54.58 -23.34 47.26
CA SER B 99 54.36 -24.51 48.10
C SER B 99 54.99 -24.37 49.49
N GLU B 100 56.21 -23.85 49.56
CA GLU B 100 56.89 -23.68 50.86
C GLU B 100 56.39 -22.51 51.70
N ARG B 101 55.46 -21.74 51.17
CA ARG B 101 54.94 -20.62 51.91
C ARG B 101 54.11 -21.08 53.08
N ALA B 102 53.44 -22.21 52.93
CA ALA B 102 52.57 -22.73 54.00
C ALA B 102 53.34 -23.06 55.30
N GLU B 103 54.35 -23.93 55.18
CA GLU B 103 55.17 -24.41 56.31
C GLU B 103 55.74 -23.22 57.09
N LEU B 104 56.34 -22.28 56.35
CA LEU B 104 56.89 -21.06 56.91
C LEU B 104 55.88 -20.18 57.71
N ALA B 105 54.69 -20.05 57.15
CA ALA B 105 53.61 -19.26 57.70
C ALA B 105 53.16 -19.85 59.02
N ILE B 106 53.11 -21.18 59.06
CA ILE B 106 52.70 -21.94 60.25
C ILE B 106 53.70 -21.69 61.39
N ARG B 107 55.00 -21.88 61.10
CA ARG B 107 56.08 -21.60 62.07
C ARG B 107 55.96 -20.20 62.71
N ALA B 108 55.70 -19.19 61.88
CA ALA B 108 55.69 -17.79 62.30
C ALA B 108 54.69 -17.56 63.40
N MSE B 109 53.55 -18.20 63.25
CA MSE B 109 52.37 -17.96 64.08
C MSE B 109 52.47 -18.62 65.45
O MSE B 109 52.18 -17.99 66.48
CB MSE B 109 51.15 -18.45 63.34
CG MSE B 109 50.81 -17.53 62.17
SE MSE B 109 49.01 -17.86 61.47
CE MSE B 109 49.47 -19.32 60.24
N GLN B 110 52.89 -19.89 65.44
CA GLN B 110 53.26 -20.61 66.65
C GLN B 110 54.39 -19.87 67.38
N HIS B 111 55.39 -19.41 66.63
CA HIS B 111 56.46 -18.60 67.22
C HIS B 111 55.98 -17.17 67.58
N GLY B 112 54.68 -16.94 67.79
CA GLY B 112 54.12 -15.63 68.22
C GLY B 112 53.98 -14.46 67.20
N LYS B 113 54.27 -14.73 65.92
CA LYS B 113 54.34 -13.69 64.87
C LYS B 113 53.13 -13.64 63.93
N ASP B 114 52.82 -12.44 63.44
CA ASP B 114 51.82 -12.24 62.38
C ASP B 114 52.45 -12.38 61.01
N VAL B 115 51.63 -12.65 60.01
CA VAL B 115 52.21 -12.94 58.69
C VAL B 115 51.48 -12.33 57.49
N LEU B 116 52.26 -11.83 56.56
CA LEU B 116 51.71 -11.26 55.39
C LEU B 116 52.50 -11.86 54.25
N VAL B 117 51.79 -12.49 53.32
CA VAL B 117 52.45 -13.30 52.31
C VAL B 117 51.92 -13.02 50.92
N ASP B 118 52.79 -13.05 49.91
CA ASP B 118 52.37 -12.91 48.52
C ASP B 118 51.22 -13.91 48.25
N LYS B 119 50.44 -13.65 47.21
CA LYS B 119 49.50 -14.64 46.74
C LYS B 119 50.31 -15.62 45.86
N PRO B 120 49.99 -16.91 45.87
CA PRO B 120 48.96 -17.61 46.64
C PRO B 120 49.43 -17.81 48.07
N GLY B 121 48.55 -17.71 49.04
CA GLY B 121 48.90 -18.04 50.43
C GLY B 121 49.47 -19.47 50.62
N MSE B 122 49.03 -20.39 49.76
CA MSE B 122 49.35 -21.82 49.81
C MSE B 122 48.93 -22.58 48.52
O MSE B 122 48.28 -22.00 47.66
CB MSE B 122 48.80 -22.47 51.09
CG MSE B 122 47.37 -22.84 51.04
SE MSE B 122 46.19 -21.31 50.92
CE MSE B 122 46.20 -20.58 52.75
N THR B 123 49.31 -23.85 48.37
CA THR B 123 49.13 -24.54 47.07
C THR B 123 48.37 -25.88 47.11
N SER B 124 47.50 -26.04 48.11
CA SER B 124 46.77 -27.29 48.37
C SER B 124 45.83 -27.06 49.52
N PHE B 125 44.70 -27.76 49.47
CA PHE B 125 43.76 -27.77 50.61
C PHE B 125 44.45 -28.23 51.88
N ASP B 126 45.35 -29.19 51.74
CA ASP B 126 45.95 -29.73 52.92
C ASP B 126 46.64 -28.65 53.71
N GLN B 127 47.56 -27.93 53.07
CA GLN B 127 48.12 -26.70 53.61
C GLN B 127 47.05 -25.74 54.16
N LEU B 128 46.01 -25.47 53.37
CA LEU B 128 44.98 -24.52 53.79
C LEU B 128 44.31 -24.96 55.06
N ALA B 129 44.05 -26.27 55.16
CA ALA B 129 43.39 -26.87 56.34
C ALA B 129 44.26 -26.60 57.57
N LYS B 130 45.52 -27.06 57.48
CA LYS B 130 46.53 -26.78 58.52
C LYS B 130 46.53 -25.27 58.86
N LEU B 131 46.68 -24.42 57.84
CA LEU B 131 46.78 -22.97 58.06
C LEU B 131 45.63 -22.41 58.91
N ARG B 132 44.43 -22.93 58.71
CA ARG B 132 43.25 -22.48 59.45
C ARG B 132 43.24 -22.98 60.88
N ARG B 133 43.73 -24.19 61.09
CA ARG B 133 43.78 -24.72 62.44
C ARG B 133 44.72 -23.93 63.29
N VAL B 134 45.93 -23.76 62.80
CA VAL B 134 46.89 -23.01 63.56
C VAL B 134 46.54 -21.56 63.76
N GLN B 135 45.99 -20.90 62.76
CA GLN B 135 45.63 -19.52 62.95
C GLN B 135 44.58 -19.44 64.02
N ALA B 136 43.63 -20.36 64.00
CA ALA B 136 42.57 -20.40 65.00
C ALA B 136 42.98 -20.71 66.43
N GLU B 137 43.93 -21.63 66.57
CA GLU B 137 44.65 -21.94 67.84
C GLU B 137 45.37 -20.71 68.42
N THR B 138 46.17 -20.03 67.57
CA THR B 138 47.12 -18.98 67.99
C THR B 138 46.57 -17.55 68.09
N GLY B 139 45.59 -17.22 67.26
CA GLY B 139 44.98 -15.89 67.23
C GLY B 139 45.72 -14.91 66.35
N ARG B 140 46.82 -15.36 65.76
CA ARG B 140 47.63 -14.51 64.87
C ARG B 140 46.85 -14.03 63.62
N ILE B 141 47.48 -13.19 62.81
CA ILE B 141 46.86 -12.72 61.58
C ILE B 141 47.61 -13.28 60.38
N PHE B 142 46.91 -14.13 59.63
CA PHE B 142 47.39 -14.61 58.38
C PHE B 142 46.74 -13.73 57.35
N SER B 143 47.57 -12.95 56.64
CA SER B 143 47.10 -12.03 55.60
C SER B 143 47.85 -12.19 54.28
N ILE B 144 47.10 -12.25 53.19
CA ILE B 144 47.69 -12.33 51.85
C ILE B 144 47.59 -10.94 51.23
N LEU B 145 48.67 -10.47 50.60
CA LEU B 145 48.58 -9.19 49.92
C LEU B 145 48.07 -9.50 48.56
N TYR B 146 46.75 -9.40 48.40
CA TYR B 146 46.12 -9.58 47.09
C TYR B 146 46.35 -8.28 46.33
N SER B 147 47.47 -8.24 45.60
CA SER B 147 48.03 -6.95 45.17
C SER B 147 47.09 -6.29 44.16
N GLU B 148 46.59 -7.09 43.21
CA GLU B 148 45.70 -6.59 42.16
C GLU B 148 44.41 -5.97 42.69
N HIS B 149 44.14 -6.14 43.99
CA HIS B 149 43.10 -5.36 44.67
C HIS B 149 43.74 -4.22 45.48
N PHE B 150 44.31 -4.55 46.63
CA PHE B 150 44.88 -3.58 47.56
C PHE B 150 45.95 -2.59 47.06
N GLU B 151 46.71 -2.99 46.06
CA GLU B 151 47.72 -2.11 45.44
C GLU B 151 47.23 -1.54 44.08
N SER B 152 45.92 -1.32 43.98
CA SER B 152 45.28 -0.85 42.75
C SER B 152 44.23 0.23 43.06
N PRO B 153 44.62 1.49 42.92
CA PRO B 153 43.73 2.49 43.48
C PRO B 153 42.39 2.58 42.77
N ALA B 154 42.34 2.24 41.47
CA ALA B 154 41.06 2.28 40.78
C ALA B 154 40.09 1.32 41.44
N THR B 155 40.58 0.12 41.66
CA THR B 155 39.73 -0.87 42.22
C THR B 155 39.31 -0.61 43.66
N VAL B 156 40.13 0.11 44.42
CA VAL B 156 39.78 0.50 45.76
C VAL B 156 38.71 1.54 45.60
N LYS B 157 38.86 2.36 44.57
CA LYS B 157 37.89 3.41 44.34
C LYS B 157 36.54 2.82 43.97
N ALA B 158 36.61 1.81 43.08
CA ALA B 158 35.44 1.03 42.72
C ALA B 158 34.69 0.64 43.99
N GLY B 159 35.42 0.06 44.95
CA GLY B 159 34.84 -0.45 46.14
C GLY B 159 34.05 0.59 46.91
N GLU B 160 34.60 1.80 47.00
CA GLU B 160 33.96 2.87 47.77
C GLU B 160 32.74 3.34 47.05
N LEU B 161 32.84 3.44 45.72
CA LEU B 161 31.67 3.74 44.88
C LEU B 161 30.59 2.68 45.09
N VAL B 162 30.95 1.42 44.88
CA VAL B 162 29.98 0.37 45.11
C VAL B 162 29.35 0.45 46.51
N ALA B 163 30.10 0.94 47.50
CA ALA B 163 29.60 0.89 48.89
C ALA B 163 28.64 2.04 49.07
N ALA B 164 28.98 3.17 48.46
CA ALA B 164 28.14 4.34 48.48
C ALA B 164 26.71 4.01 48.04
N GLY B 165 26.55 3.11 47.07
CA GLY B 165 25.24 2.85 46.47
C GLY B 165 25.16 3.35 45.02
N ALA B 166 26.34 3.61 44.44
CA ALA B 166 26.52 4.20 43.13
C ALA B 166 26.00 3.37 41.98
N ILE B 167 25.72 2.09 42.21
CA ILE B 167 25.24 1.24 41.14
C ILE B 167 24.18 0.25 41.61
N GLY B 168 23.73 0.41 42.84
CA GLY B 168 22.73 -0.51 43.42
C GLY B 168 23.32 -1.85 43.81
N GLU B 169 22.54 -2.92 43.81
CA GLU B 169 23.09 -4.19 44.23
C GLU B 169 24.04 -4.76 43.18
N VAL B 170 25.08 -5.41 43.60
CA VAL B 170 25.95 -6.03 42.64
C VAL B 170 25.28 -7.26 42.10
N VAL B 171 25.29 -7.41 40.80
CA VAL B 171 24.65 -8.53 40.15
C VAL B 171 25.65 -9.47 39.51
N HIS B 172 26.65 -8.91 38.83
CA HIS B 172 27.60 -9.73 38.15
C HIS B 172 28.94 -9.06 38.11
N ILE B 173 30.00 -9.86 38.28
CA ILE B 173 31.38 -9.40 38.29
C ILE B 173 32.14 -10.15 37.23
N VAL B 174 32.82 -9.40 36.35
CA VAL B 174 33.66 -10.01 35.35
C VAL B 174 35.03 -9.50 35.58
N GLY B 175 35.94 -10.41 35.94
CA GLY B 175 37.35 -10.13 36.16
C GLY B 175 38.18 -10.70 35.02
N LEU B 176 38.95 -9.87 34.36
CA LEU B 176 39.65 -10.33 33.21
C LEU B 176 41.14 -10.06 33.41
N GLY B 177 41.96 -11.10 33.61
CA GLY B 177 43.32 -10.88 34.12
C GLY B 177 44.51 -11.46 33.35
N PRO B 178 44.89 -10.83 32.24
CA PRO B 178 46.06 -11.38 31.53
C PRO B 178 47.42 -10.93 32.12
N HIS B 179 48.39 -11.84 32.14
CA HIS B 179 49.74 -11.54 32.61
C HIS B 179 50.77 -11.89 31.55
N ARG B 180 51.92 -11.24 31.60
CA ARG B 180 53.05 -11.42 30.68
C ARG B 180 54.01 -12.44 31.20
N LEU B 181 54.20 -13.52 30.47
CA LEU B 181 55.02 -14.63 30.93
C LEU B 181 56.52 -14.49 31.19
N ARG B 182 57.28 -13.83 30.35
CA ARG B 182 58.67 -13.53 30.67
C ARG B 182 59.77 -14.51 31.10
N ARG B 183 59.98 -15.66 30.50
CA ARG B 183 60.95 -16.56 31.10
C ARG B 183 62.09 -17.13 30.30
N GLU B 184 63.12 -16.37 29.97
CA GLU B 184 63.33 -15.05 30.51
C GLU B 184 63.53 -15.00 31.99
N THR B 185 62.78 -14.19 32.67
CA THR B 185 63.00 -13.87 34.05
C THR B 185 62.53 -14.86 35.05
N ARG B 186 62.12 -16.03 34.60
CA ARG B 186 61.39 -16.97 35.47
C ARG B 186 62.25 -18.03 36.14
N PRO B 187 62.24 -18.07 37.51
CA PRO B 187 62.96 -19.09 38.27
C PRO B 187 62.47 -20.47 37.87
N ASP B 188 63.12 -21.51 38.37
CA ASP B 188 62.76 -22.87 37.93
C ASP B 188 61.47 -23.44 38.51
N TRP B 189 61.06 -22.91 39.66
CA TRP B 189 59.90 -23.42 40.32
C TRP B 189 58.58 -22.94 39.71
N PHE B 190 58.67 -21.87 38.92
CA PHE B 190 57.53 -21.32 38.20
C PHE B 190 56.83 -22.28 37.25
N PHE B 191 57.58 -23.22 36.69
CA PHE B 191 57.03 -24.14 35.68
C PHE B 191 56.73 -25.50 36.24
N ARG B 192 56.77 -25.59 37.57
CA ARG B 192 56.54 -26.84 38.32
C ARG B 192 55.22 -26.82 39.04
N ARG B 193 54.27 -27.61 38.52
CA ARG B 193 52.95 -27.82 39.13
C ARG B 193 52.96 -27.90 40.67
N ALA B 194 53.75 -28.81 41.26
CA ALA B 194 53.78 -28.96 42.74
C ALA B 194 54.14 -27.67 43.50
N ASP B 195 54.94 -26.82 42.83
CA ASP B 195 55.50 -25.61 43.42
C ASP B 195 54.71 -24.28 43.24
N TYR B 196 54.24 -24.03 42.02
CA TYR B 196 53.45 -22.81 41.74
C TYR B 196 51.93 -22.89 42.04
N GLY B 197 51.34 -24.10 41.97
CA GLY B 197 49.97 -24.37 42.45
C GLY B 197 48.83 -24.57 41.46
N GLY B 198 49.16 -24.50 40.18
CA GLY B 198 48.19 -24.19 39.13
C GLY B 198 47.86 -22.69 38.95
N ILE B 199 47.75 -22.30 37.68
CA ILE B 199 47.32 -20.94 37.24
C ILE B 199 46.16 -20.34 38.04
N LEU B 200 45.17 -21.16 38.35
CA LEU B 200 44.04 -20.66 39.08
C LEU B 200 44.36 -20.41 40.52
N THR B 201 45.10 -21.31 41.15
CA THR B 201 45.63 -21.04 42.50
C THR B 201 46.54 -19.81 42.50
N ASP B 202 47.42 -19.78 41.49
CA ASP B 202 48.39 -18.71 41.30
C ASP B 202 47.85 -17.29 40.97
N ILE B 203 47.28 -17.11 39.79
CA ILE B 203 46.94 -15.75 39.42
C ILE B 203 45.45 -15.41 39.50
N ALA B 204 44.62 -16.45 39.63
CA ALA B 204 43.19 -16.26 39.69
C ALA B 204 42.71 -16.10 41.14
N SER B 205 43.65 -16.13 42.07
CA SER B 205 43.34 -15.86 43.48
C SER B 205 42.97 -14.40 43.71
N HIS B 206 43.61 -13.51 42.95
CA HIS B 206 43.31 -12.07 42.97
C HIS B 206 41.82 -11.81 42.76
N GLN B 207 41.32 -12.40 41.67
CA GLN B 207 39.99 -12.24 41.18
C GLN B 207 39.00 -12.85 42.12
N CYS B 208 39.35 -14.01 42.69
CA CYS B 208 38.51 -14.67 43.71
C CYS B 208 38.20 -13.75 44.88
N GLU B 209 39.23 -13.09 45.42
CA GLU B 209 39.08 -12.17 46.57
C GLU B 209 38.29 -10.96 46.20
N GLN B 210 38.51 -10.47 44.97
CA GLN B 210 37.72 -9.37 44.41
C GLN B 210 36.25 -9.75 44.34
N PHE B 211 36.00 -10.95 43.84
CA PHE B 211 34.65 -11.42 43.81
C PHE B 211 33.99 -11.35 45.18
N LEU B 212 34.67 -11.87 46.20
CA LEU B 212 34.08 -11.88 47.53
C LEU B 212 33.93 -10.48 48.11
N PHE B 213 34.89 -9.61 47.79
CA PHE B 213 34.90 -8.23 48.22
C PHE B 213 33.67 -7.48 47.70
N PHE B 214 33.46 -7.51 46.40
CA PHE B 214 32.40 -6.70 45.83
C PHE B 214 31.03 -7.27 46.18
N THR B 215 30.96 -8.61 46.18
CA THR B 215 29.71 -9.30 46.48
C THR B 215 29.30 -9.10 47.91
N GLY B 216 30.27 -8.72 48.77
CA GLY B 216 30.04 -8.45 50.20
C GLY B 216 29.73 -9.70 51.01
N VAL B 217 29.83 -10.85 50.36
CA VAL B 217 29.45 -12.14 50.94
C VAL B 217 30.73 -12.84 51.39
N ASN B 218 30.60 -14.13 51.75
CA ASN B 218 31.76 -14.88 52.23
C ASN B 218 31.89 -16.36 51.86
N ASP B 219 30.77 -17.05 51.66
CA ASP B 219 30.85 -18.32 50.94
C ASP B 219 30.33 -18.10 49.53
N ALA B 220 31.00 -18.73 48.57
CA ALA B 220 30.54 -18.82 47.19
C ALA B 220 30.86 -20.23 46.60
N THR B 221 30.40 -20.50 45.39
CA THR B 221 30.47 -21.84 44.85
C THR B 221 31.11 -21.82 43.48
N VAL B 222 31.99 -22.76 43.21
CA VAL B 222 32.58 -22.81 41.89
C VAL B 222 31.70 -23.66 40.99
N LEU B 223 30.97 -23.02 40.09
CA LEU B 223 30.07 -23.75 39.19
C LEU B 223 30.81 -24.59 38.16
N SER B 224 32.00 -24.16 37.76
CA SER B 224 32.84 -24.89 36.81
C SER B 224 34.16 -24.15 36.74
N ALA B 225 35.10 -24.69 35.96
CA ALA B 225 36.42 -24.09 35.80
C ALA B 225 37.24 -24.87 34.80
N SER B 226 38.09 -24.19 34.06
CA SER B 226 38.90 -24.82 33.04
C SER B 226 40.29 -24.27 33.08
N VAL B 227 41.26 -25.05 32.58
CA VAL B 227 42.67 -24.64 32.45
C VAL B 227 43.31 -25.32 31.25
N GLY B 228 44.44 -24.79 30.81
CA GLY B 228 45.13 -25.40 29.69
C GLY B 228 46.52 -24.88 29.41
N ASN B 229 47.16 -25.48 28.43
CA ASN B 229 48.41 -24.98 27.93
C ASN B 229 48.29 -25.02 26.44
N GLN B 230 47.87 -23.89 25.87
CA GLN B 230 47.66 -23.85 24.46
C GLN B 230 48.86 -23.18 23.70
N SER B 231 49.88 -22.69 24.40
CA SER B 231 50.99 -21.94 23.76
C SER B 231 52.45 -22.36 24.11
N VAL B 232 52.66 -23.00 25.26
CA VAL B 232 54.02 -23.30 25.74
C VAL B 232 54.32 -24.81 25.91
N PRO B 233 54.43 -25.56 24.80
CA PRO B 233 54.54 -27.03 24.94
C PRO B 233 55.82 -27.53 25.63
N ASP B 234 56.84 -26.67 25.74
CA ASP B 234 58.11 -27.01 26.39
C ASP B 234 58.05 -26.90 27.93
N ALA B 235 56.95 -26.33 28.43
CA ALA B 235 56.69 -26.28 29.84
C ALA B 235 55.45 -27.13 30.06
N PRO B 236 55.60 -28.48 29.99
CA PRO B 236 54.36 -29.27 29.90
C PRO B 236 53.57 -29.27 31.22
N GLU B 237 54.13 -28.70 32.27
CA GLU B 237 53.46 -28.65 33.56
C GLU B 237 52.84 -27.28 33.85
N LEU B 238 53.13 -26.32 32.98
CA LEU B 238 52.69 -24.93 33.13
C LEU B 238 51.29 -24.68 32.55
N GLN B 239 50.53 -23.84 33.25
CA GLN B 239 49.20 -23.48 32.80
C GLN B 239 49.08 -22.10 32.16
N ASP B 240 48.93 -22.13 30.84
CA ASP B 240 48.77 -21.00 29.93
C ASP B 240 47.56 -20.09 30.16
N THR B 241 46.44 -20.72 30.51
CA THR B 241 45.12 -20.13 30.36
C THR B 241 44.18 -20.75 31.35
N GLY B 242 43.34 -19.92 31.94
CA GLY B 242 42.34 -20.39 32.90
C GLY B 242 41.04 -19.58 32.91
N SER B 243 40.05 -20.09 33.63
CA SER B 243 38.72 -19.49 33.64
C SER B 243 37.84 -20.21 34.64
N ILE B 244 36.97 -19.46 35.28
CA ILE B 244 36.12 -20.03 36.31
C ILE B 244 34.78 -19.26 36.43
N HIS B 245 33.72 -20.01 36.64
CA HIS B 245 32.40 -19.46 36.73
C HIS B 245 31.98 -19.60 38.20
N LEU B 246 31.45 -18.53 38.79
CA LEU B 246 31.29 -18.43 40.25
C LEU B 246 29.93 -17.88 40.65
N SER B 247 29.44 -18.22 41.83
CA SER B 247 28.12 -17.71 42.23
C SER B 247 27.82 -17.66 43.72
N THR B 248 26.78 -16.93 44.08
CA THR B 248 26.36 -16.79 45.48
C THR B 248 24.84 -16.67 45.67
N GLY B 249 24.07 -17.25 44.77
CA GLY B 249 22.62 -17.14 44.92
C GLY B 249 22.03 -15.75 44.64
N ARG B 250 22.71 -14.68 45.04
CA ARG B 250 22.28 -13.33 44.62
C ARG B 250 23.20 -12.75 43.50
N THR B 251 24.42 -13.26 43.37
CA THR B 251 25.44 -12.68 42.50
C THR B 251 26.14 -13.75 41.69
N THR B 252 26.60 -13.39 40.51
CA THR B 252 27.27 -14.36 39.68
C THR B 252 28.63 -13.78 39.29
N GLY B 253 29.59 -14.62 38.89
CA GLY B 253 30.92 -14.09 38.59
C GLY B 253 31.70 -14.87 37.56
N MSE B 254 32.46 -14.20 36.72
CA MSE B 254 33.31 -14.90 35.76
C MSE B 254 34.71 -14.36 35.70
O MSE B 254 34.92 -13.13 35.76
CB MSE B 254 32.73 -14.78 34.38
CG MSE B 254 31.91 -15.95 33.96
SE MSE B 254 30.67 -15.33 32.56
CE MSE B 254 31.35 -13.50 32.16
N ILE B 255 35.67 -15.26 35.51
CA ILE B 255 37.05 -14.90 35.64
C ILE B 255 37.83 -15.53 34.56
N HIS B 256 38.76 -14.79 33.96
CA HIS B 256 39.73 -15.36 33.03
C HIS B 256 41.12 -14.87 33.34
N VAL B 257 42.09 -15.76 33.24
CA VAL B 257 43.47 -15.42 33.43
C VAL B 257 44.41 -16.07 32.43
N ASN B 258 45.52 -15.40 32.19
CA ASN B 258 46.47 -15.64 31.10
C ASN B 258 47.84 -15.60 31.57
N TRP B 259 48.70 -16.20 30.78
CA TRP B 259 50.12 -15.93 30.71
C TRP B 259 50.42 -15.56 29.30
N LEU B 260 49.51 -14.79 28.72
CA LEU B 260 49.35 -14.61 27.31
C LEU B 260 49.41 -13.15 26.82
N THR B 261 49.58 -12.18 27.73
CA THR B 261 49.79 -10.76 27.36
C THR B 261 50.71 -10.64 26.15
N PRO B 262 50.20 -10.07 25.05
CA PRO B 262 50.96 -10.13 23.78
C PRO B 262 52.19 -9.27 23.86
N GLU B 263 53.19 -9.52 23.02
CA GLU B 263 54.49 -8.81 23.14
C GLU B 263 54.43 -7.25 22.95
N GLY B 264 53.40 -6.75 22.28
CA GLY B 264 53.25 -5.30 22.05
C GLY B 264 52.59 -4.50 23.17
N MSE B 265 52.15 -5.16 24.23
CA MSE B 265 51.42 -4.51 25.29
C MSE B 265 52.29 -3.58 26.15
O MSE B 265 53.25 -4.03 26.75
CB MSE B 265 50.79 -5.56 26.20
CG MSE B 265 49.73 -5.00 27.14
SE MSE B 265 48.03 -4.46 26.22
CE MSE B 265 47.72 -2.98 27.42
N PRO B 266 51.94 -2.30 26.26
CA PRO B 266 52.67 -1.29 27.02
C PRO B 266 52.98 -1.68 28.45
N THR B 267 52.37 -2.75 28.93
CA THR B 267 52.50 -3.15 30.35
C THR B 267 52.44 -4.66 30.48
N TRP B 268 52.39 -5.15 31.71
CA TRP B 268 52.35 -6.60 31.96
C TRP B 268 51.00 -7.26 31.61
N GLY B 269 49.91 -6.48 31.65
CA GLY B 269 48.61 -7.01 31.26
C GLY B 269 47.43 -6.06 31.34
N ASP B 270 46.55 -6.16 30.38
CA ASP B 270 45.34 -5.39 30.32
C ASP B 270 44.24 -6.01 31.17
N GLY B 271 44.40 -5.93 32.46
CA GLY B 271 43.37 -6.36 33.36
C GLY B 271 42.23 -5.44 33.42
N ARG B 272 41.04 -5.99 33.44
CA ARG B 272 39.82 -5.24 33.52
C ARG B 272 38.95 -5.85 34.54
N LEU B 273 38.12 -5.06 35.17
CA LEU B 273 37.15 -5.56 36.08
C LEU B 273 35.84 -4.91 35.80
N PHE B 274 34.77 -5.66 35.63
CA PHE B 274 33.48 -5.05 35.36
C PHE B 274 32.58 -5.38 36.52
N ILE B 275 31.91 -4.39 37.08
CA ILE B 275 30.87 -4.66 38.07
C ILE B 275 29.51 -4.23 37.55
N VAL B 276 28.62 -5.21 37.35
CA VAL B 276 27.25 -4.99 36.85
C VAL B 276 26.31 -4.78 38.04
N GLY B 277 25.62 -3.64 38.04
CA GLY B 277 24.67 -3.32 39.12
C GLY B 277 23.23 -3.20 38.64
N THR B 278 22.31 -3.21 39.59
CA THR B 278 20.90 -3.08 39.25
C THR B 278 20.62 -1.69 38.62
N SER B 279 21.43 -0.70 38.97
CA SER B 279 21.18 0.63 38.45
C SER B 279 22.35 1.18 37.68
N GLY B 280 23.56 0.62 37.84
CA GLY B 280 24.72 1.05 37.06
C GLY B 280 25.81 0.02 36.81
N THR B 281 26.83 0.41 36.06
CA THR B 281 27.98 -0.43 35.76
C THR B 281 29.27 0.32 35.95
N ILE B 282 30.27 -0.32 36.51
CA ILE B 282 31.59 0.22 36.61
C ILE B 282 32.54 -0.67 35.85
N GLU B 283 33.37 -0.10 35.02
CA GLU B 283 34.43 -0.86 34.45
C GLU B 283 35.69 -0.25 34.94
N VAL B 284 36.59 -1.06 35.43
CA VAL B 284 37.89 -0.57 35.77
C VAL B 284 38.85 -1.18 34.74
N ARG B 285 39.61 -0.32 34.05
CA ARG B 285 40.83 -0.75 33.30
C ARG B 285 42.03 -0.39 34.17
N LYS B 286 42.63 -1.40 34.82
CA LYS B 286 43.62 -1.20 35.92
C LYS B 286 45.01 -0.60 35.48
N THR B 287 45.50 -1.06 34.33
CA THR B 287 46.88 -0.87 34.00
C THR B 287 47.13 -0.01 32.78
N VAL B 288 46.24 -0.08 31.82
CA VAL B 288 46.36 0.63 30.56
C VAL B 288 45.02 0.96 29.93
N ASP B 289 44.92 2.01 29.15
CA ASP B 289 43.73 2.23 28.34
C ASP B 289 44.17 2.12 26.92
N LEU B 290 43.77 1.08 26.23
CA LEU B 290 44.40 0.87 24.99
C LEU B 290 44.05 2.05 24.19
N ALA B 291 45.08 2.63 23.63
CA ALA B 291 45.05 3.48 22.50
C ALA B 291 44.23 4.68 22.91
N GLY B 292 44.13 4.94 24.18
CA GLY B 292 43.45 6.13 24.62
C GLY B 292 44.17 7.05 25.55
N ARG B 293 44.06 6.75 26.82
CA ARG B 293 44.43 7.63 27.88
C ARG B 293 45.71 7.14 28.49
N GLU B 294 46.48 8.06 29.01
CA GLU B 294 47.74 7.76 29.65
C GLU B 294 47.62 7.07 30.99
N GLY B 295 48.47 6.07 31.16
CA GLY B 295 48.57 5.26 32.40
C GLY B 295 47.39 4.32 32.66
N GLY B 296 47.33 3.79 33.88
CA GLY B 296 46.10 3.25 34.47
C GLY B 296 45.65 4.32 35.44
N ASN B 297 45.06 3.96 36.56
CA ASN B 297 44.16 2.88 36.57
C ASN B 297 42.89 3.67 36.39
N HIS B 298 42.20 3.45 35.27
CA HIS B 298 40.98 4.19 34.92
C HIS B 298 39.76 3.47 35.36
N LEU B 299 38.78 4.22 35.86
CA LEU B 299 37.49 3.70 36.26
C LEU B 299 36.36 4.37 35.45
N PHE B 300 35.49 3.61 34.81
CA PHE B 300 34.41 4.19 34.06
C PHE B 300 33.09 3.90 34.66
N LEU B 301 32.28 4.89 34.96
CA LEU B 301 30.99 4.64 35.55
C LEU B 301 29.80 5.00 34.69
N ALA B 302 28.91 4.04 34.53
CA ALA B 302 27.68 4.18 33.81
C ALA B 302 26.55 4.06 34.80
N ASP B 303 25.68 5.01 34.69
CA ASP B 303 24.83 5.51 35.71
C ASP B 303 23.47 5.88 35.20
N ARG B 304 22.57 6.11 36.10
CA ARG B 304 21.31 6.67 35.77
C ARG B 304 21.51 8.04 35.17
N ASN B 305 22.55 8.73 35.57
CA ASN B 305 22.74 10.12 35.12
C ASN B 305 23.63 10.24 33.92
N GLY B 306 24.68 9.45 33.82
CA GLY B 306 25.49 9.51 32.60
C GLY B 306 26.61 8.52 32.61
N VAL B 307 27.66 8.85 31.86
CA VAL B 307 28.91 8.10 31.87
C VAL B 307 30.06 9.00 32.20
N GLU B 308 30.83 8.59 33.18
CA GLU B 308 31.98 9.37 33.64
C GLU B 308 33.21 8.52 33.66
N HIS B 309 34.27 8.97 33.01
CA HIS B 309 35.62 8.51 33.37
C HIS B 309 36.06 9.20 34.68
N ILE B 310 36.61 8.43 35.59
CA ILE B 310 37.19 8.99 36.81
C ILE B 310 38.68 8.64 36.82
N ASP B 311 39.52 9.56 37.26
CA ASP B 311 40.92 9.19 37.47
C ASP B 311 41.16 8.92 38.95
N CYS B 312 42.06 7.97 39.18
CA CYS B 312 42.15 7.28 40.45
C CYS B 312 43.58 7.22 41.02
N SER B 313 44.54 7.65 40.19
CA SER B 313 45.96 7.64 40.51
C SER B 313 46.31 8.39 41.80
N ARG B 314 45.57 9.43 42.13
CA ARG B 314 45.73 10.07 43.46
C ARG B 314 44.65 9.67 44.55
N VAL B 315 44.21 8.40 44.58
CA VAL B 315 43.40 7.86 45.70
C VAL B 315 44.31 6.99 46.54
N ASP B 316 44.02 6.92 47.83
CA ASP B 316 44.97 6.31 48.73
C ASP B 316 44.63 4.85 49.03
N LEU B 317 45.68 4.05 49.15
CA LEU B 317 45.63 2.62 49.33
C LEU B 317 45.62 2.29 50.82
N PRO B 318 44.44 2.09 51.43
CA PRO B 318 44.43 2.17 52.89
C PRO B 318 44.78 0.84 53.58
N PHE B 319 45.10 -0.20 52.80
CA PHE B 319 45.42 -1.54 53.32
C PHE B 319 46.46 -1.55 54.45
N GLY B 320 47.69 -1.06 54.17
CA GLY B 320 48.68 -0.72 55.20
C GLY B 320 48.15 -0.05 56.49
N ARG B 321 47.74 1.22 56.41
CA ARG B 321 47.22 1.90 57.61
C ARG B 321 46.21 0.96 58.31
N GLN B 322 45.36 0.30 57.52
CA GLN B 322 44.32 -0.53 58.08
C GLN B 322 44.88 -1.88 58.58
N PHE B 323 46.04 -2.30 58.09
CA PHE B 323 46.61 -3.59 58.48
C PHE B 323 47.31 -3.47 59.81
N LEU B 324 48.24 -2.53 59.92
CA LEU B 324 48.99 -2.31 61.15
C LEU B 324 48.06 -2.10 62.31
N ALA B 325 47.03 -1.28 62.10
CA ALA B 325 46.03 -1.05 63.13
C ALA B 325 45.31 -2.35 63.56
N ASP B 326 45.24 -3.32 62.66
CA ASP B 326 44.66 -4.61 62.98
C ASP B 326 45.58 -5.33 63.95
N ILE B 327 46.88 -5.33 63.62
CA ILE B 327 47.90 -5.88 64.50
C ILE B 327 47.88 -5.21 65.89
N ARG B 328 48.01 -3.90 65.92
CA ARG B 328 47.81 -3.15 67.16
C ARG B 328 46.52 -3.50 67.96
N ASP B 329 45.36 -3.69 67.31
CA ASP B 329 44.07 -3.86 68.04
C ASP B 329 43.44 -5.26 68.01
N ARG B 330 44.11 -6.20 67.34
CA ARG B 330 43.57 -7.53 67.02
C ARG B 330 42.21 -7.56 66.28
N THR B 331 42.01 -6.55 65.41
CA THR B 331 40.82 -6.40 64.53
C THR B 331 41.07 -6.94 63.10
N GLU B 332 40.09 -6.77 62.21
CA GLU B 332 40.16 -7.24 60.82
C GLU B 332 39.51 -6.27 59.83
N THR B 333 39.91 -4.99 59.92
CA THR B 333 39.40 -3.92 59.01
C THR B 333 40.06 -3.95 57.64
N ALA B 334 41.27 -4.44 57.56
CA ALA B 334 41.94 -4.54 56.28
C ALA B 334 41.23 -5.50 55.37
N MSE B 335 40.92 -6.67 55.90
CA MSE B 335 40.20 -7.66 55.17
C MSE B 335 39.69 -8.61 56.20
O MSE B 335 40.26 -8.69 57.24
CB MSE B 335 41.15 -8.34 54.24
CG MSE B 335 40.65 -9.59 53.70
SE MSE B 335 41.78 -10.08 52.38
CE MSE B 335 43.35 -10.24 53.34
N PRO B 336 38.65 -9.37 55.95
CA PRO B 336 38.22 -10.32 56.92
C PRO B 336 39.11 -11.50 56.79
N GLN B 337 39.45 -12.11 57.89
CA GLN B 337 40.32 -13.27 57.93
C GLN B 337 39.60 -14.40 57.22
N GLU B 338 38.30 -14.50 57.51
CA GLU B 338 37.37 -15.42 56.83
C GLU B 338 37.59 -15.31 55.30
N ARG B 339 37.49 -14.09 54.80
CA ARG B 339 37.60 -13.82 53.37
C ARG B 339 38.95 -14.23 52.80
N CYS B 340 40.01 -13.90 53.52
CA CYS B 340 41.34 -14.16 53.03
C CYS B 340 41.44 -15.62 52.63
N PHE B 341 40.89 -16.47 53.49
CA PHE B 341 40.91 -17.92 53.30
C PHE B 341 39.90 -18.38 52.26
N LYS B 342 38.69 -17.80 52.31
CA LYS B 342 37.65 -18.13 51.34
C LYS B 342 38.13 -17.98 49.90
N ALA B 343 38.89 -16.91 49.62
CA ALA B 343 39.44 -16.69 48.27
C ALA B 343 40.35 -17.83 47.83
N MSE B 344 41.16 -18.30 48.79
CA MSE B 344 42.14 -19.35 48.56
C MSE B 344 41.41 -20.66 48.33
O MSE B 344 41.78 -21.44 47.44
CB MSE B 344 43.04 -19.44 49.78
CG MSE B 344 44.43 -18.79 49.64
SE MSE B 344 45.00 -17.99 47.92
CE MSE B 344 45.50 -19.55 46.81
N GLU B 345 40.36 -20.88 49.10
CA GLU B 345 39.53 -22.06 48.96
C GLU B 345 38.85 -22.09 47.60
N LEU B 346 38.27 -20.96 47.20
CA LEU B 346 37.65 -20.83 45.89
C LEU B 346 38.63 -21.14 44.77
N ALA B 347 39.83 -20.57 44.82
CA ALA B 347 40.81 -20.74 43.75
C ALA B 347 41.34 -22.15 43.75
N LEU B 348 41.43 -22.75 44.94
CA LEU B 348 41.80 -24.16 45.06
C LEU B 348 40.76 -25.14 44.51
N GLN B 349 39.49 -25.00 44.93
CA GLN B 349 38.40 -25.81 44.36
C GLN B 349 38.29 -25.65 42.83
N ALA B 350 38.39 -24.40 42.36
CA ALA B 350 38.45 -24.14 40.92
C ALA B 350 39.63 -24.89 40.33
N GLN B 351 40.76 -24.85 41.03
CA GLN B 351 41.97 -25.48 40.52
C GLN B 351 41.79 -26.99 40.46
N ALA B 352 41.27 -27.51 41.55
CA ALA B 352 41.00 -28.90 41.73
C ALA B 352 40.01 -29.43 40.77
N ILE B 353 38.99 -28.65 40.47
CA ILE B 353 37.92 -29.14 39.65
C ILE B 353 38.20 -28.94 38.21
N ALA B 354 39.35 -28.42 37.91
CA ALA B 354 39.77 -28.33 36.55
C ALA B 354 40.53 -29.56 36.09
N GLU B 355 40.64 -30.60 36.92
CA GLU B 355 41.15 -31.95 36.46
C GLU B 355 40.41 -33.17 37.07
N GLU C 26 28.60 16.89 1.61
CA GLU C 26 27.65 16.01 2.38
C GLU C 26 26.74 16.88 3.28
N LEU C 27 25.42 16.63 3.27
CA LEU C 27 24.49 17.31 4.22
C LEU C 27 24.10 16.47 5.45
N ARG C 28 24.16 17.11 6.61
CA ARG C 28 23.75 16.46 7.86
C ARG C 28 22.46 17.03 8.39
N PHE C 29 21.52 16.14 8.70
CA PHE C 29 20.29 16.54 9.30
C PHE C 29 20.00 15.71 10.49
N ALA C 30 19.06 16.19 11.27
CA ALA C 30 18.63 15.54 12.49
C ALA C 30 17.11 15.47 12.48
N ALA C 31 16.54 14.48 13.15
CA ALA C 31 15.09 14.38 13.33
C ALA C 31 14.59 14.89 14.73
N VAL C 32 13.71 15.90 14.72
CA VAL C 32 13.11 16.38 15.96
C VAL C 32 11.60 16.38 15.94
N GLY C 33 11.01 15.58 16.82
CA GLY C 33 9.60 15.33 16.85
C GLY C 33 9.19 14.20 15.93
N LEU C 34 8.93 13.05 16.53
CA LEU C 34 8.62 11.81 15.84
C LEU C 34 7.14 11.43 15.93
N ASN C 35 6.33 12.36 16.43
CA ASN C 35 4.90 12.12 16.73
C ASN C 35 3.98 11.61 15.61
N HIS C 36 4.41 11.67 14.37
CA HIS C 36 3.66 11.15 13.26
C HIS C 36 4.56 10.31 12.45
N ASN C 37 3.98 9.34 11.75
CA ASN C 37 4.58 8.30 10.94
C ASN C 37 5.38 8.90 9.88
N HIS C 38 4.91 10.00 9.37
CA HIS C 38 5.45 10.64 8.22
C HIS C 38 6.88 10.95 8.38
N ILE C 39 7.34 11.06 9.59
CA ILE C 39 8.73 11.23 9.84
C ILE C 39 9.62 10.24 9.07
N TYR C 40 9.16 9.03 8.83
CA TYR C 40 9.94 8.03 8.11
C TYR C 40 10.10 8.34 6.62
N GLY C 41 9.02 8.79 5.98
CA GLY C 41 9.12 9.17 4.60
C GLY C 41 10.03 10.39 4.49
N GLN C 42 9.94 11.28 5.46
CA GLN C 42 10.81 12.45 5.45
C GLN C 42 12.29 12.00 5.50
N VAL C 43 12.67 11.25 6.53
CA VAL C 43 14.04 10.85 6.67
C VAL C 43 14.49 9.98 5.45
N ASN C 44 13.62 9.07 5.00
CA ASN C 44 14.01 8.18 3.88
C ASN C 44 14.27 8.95 2.60
N CYS C 45 13.42 9.93 2.37
CA CYS C 45 13.49 10.72 1.18
C CYS C 45 14.85 11.42 1.12
N LEU C 46 15.35 11.84 2.29
CA LEU C 46 16.60 12.56 2.41
C LEU C 46 17.78 11.62 2.41
N LEU C 47 17.68 10.52 3.14
CA LEU C 47 18.62 9.42 3.04
C LEU C 47 18.84 9.02 1.59
N ARG C 48 17.75 8.75 0.90
CA ARG C 48 17.76 8.25 -0.47
C ARG C 48 18.53 9.21 -1.42
N ALA C 49 18.56 10.48 -1.05
CA ALA C 49 19.05 11.50 -1.98
C ALA C 49 20.45 11.98 -1.59
N GLY C 50 21.02 11.36 -0.57
CA GLY C 50 22.42 11.56 -0.30
C GLY C 50 22.79 12.15 1.04
N ALA C 51 21.80 12.75 1.73
CA ALA C 51 22.00 13.36 3.04
C ALA C 51 22.41 12.29 4.03
N ARG C 52 22.87 12.73 5.19
CA ARG C 52 23.40 11.85 6.21
C ARG C 52 22.72 12.24 7.53
N LEU C 53 22.14 11.27 8.23
CA LEU C 53 21.38 11.51 9.46
C LEU C 53 22.26 11.48 10.69
N ALA C 54 22.49 12.62 11.29
CA ALA C 54 23.29 12.66 12.50
C ALA C 54 22.51 12.45 13.82
N GLY C 55 21.21 12.31 13.84
CA GLY C 55 20.64 11.99 15.15
C GLY C 55 19.18 12.38 15.31
N PHE C 56 18.69 12.29 16.53
CA PHE C 56 17.31 12.62 16.72
C PHE C 56 17.02 12.93 18.17
N HIS C 57 15.92 13.64 18.40
CA HIS C 57 15.50 13.92 19.76
C HIS C 57 14.04 13.57 19.78
N GLU C 58 13.62 12.83 20.80
CA GLU C 58 12.21 12.51 21.02
C GLU C 58 12.03 12.13 22.50
N LYS C 59 11.20 12.88 23.23
CA LYS C 59 11.04 12.61 24.68
C LYS C 59 10.44 11.23 24.91
N ASP C 60 9.34 10.91 24.22
CA ASP C 60 8.65 9.60 24.30
C ASP C 60 9.54 8.38 23.94
N ASP C 61 9.62 7.39 24.82
CA ASP C 61 10.56 6.27 24.66
C ASP C 61 10.12 5.20 23.67
N ALA C 62 8.82 4.91 23.65
CA ALA C 62 8.25 4.00 22.65
C ALA C 62 8.65 4.46 21.23
N LEU C 63 8.39 5.74 20.97
CA LEU C 63 8.68 6.42 19.70
C LEU C 63 10.16 6.37 19.35
N ALA C 64 11.01 6.49 20.36
CA ALA C 64 12.45 6.46 20.13
C ALA C 64 12.96 5.03 19.84
N ALA C 65 12.30 4.06 20.45
CA ALA C 65 12.61 2.68 20.19
C ALA C 65 12.42 2.43 18.70
N GLU C 66 11.20 2.62 18.18
CA GLU C 66 10.96 2.32 16.77
C GLU C 66 12.03 2.97 15.91
N PHE C 67 12.24 4.27 16.08
CA PHE C 67 13.20 5.01 15.27
C PHE C 67 14.61 4.42 15.22
N SER C 68 15.10 3.97 16.38
CA SER C 68 16.46 3.44 16.48
C SER C 68 16.55 2.10 15.79
N ALA C 69 15.45 1.37 15.82
CA ALA C 69 15.30 0.09 15.17
C ALA C 69 15.48 0.22 13.69
N VAL C 70 14.98 1.31 13.11
CA VAL C 70 14.97 1.41 11.68
C VAL C 70 16.18 2.16 11.10
N TYR C 71 16.76 3.03 11.90
CA TYR C 71 17.95 3.78 11.51
C TYR C 71 19.05 3.38 12.45
N ALA C 72 19.89 2.43 12.02
CA ALA C 72 20.72 1.65 12.97
C ALA C 72 21.79 2.50 13.67
N ASP C 73 22.36 3.44 12.91
CA ASP C 73 23.39 4.33 13.44
C ASP C 73 22.85 5.38 14.47
N ALA C 74 21.61 5.85 14.29
CA ALA C 74 21.16 7.12 14.91
C ALA C 74 21.32 7.26 16.42
N ARG C 75 22.12 8.27 16.82
CA ARG C 75 22.27 8.66 18.21
C ARG C 75 21.02 9.41 18.72
N ARG C 76 20.44 8.97 19.83
CA ARG C 76 19.37 9.73 20.48
C ARG C 76 19.98 10.89 21.25
N ILE C 77 19.74 12.11 20.82
CA ILE C 77 20.20 13.28 21.56
C ILE C 77 19.14 13.66 22.60
N ALA C 78 19.61 13.86 23.84
CA ALA C 78 18.76 14.00 25.01
C ALA C 78 17.92 15.29 25.01
N THR C 79 18.42 16.30 24.34
CA THR C 79 17.80 17.62 24.41
C THR C 79 17.74 18.27 23.00
N ALA C 80 16.62 18.88 22.67
CA ALA C 80 16.41 19.57 21.39
C ALA C 80 17.40 20.72 21.16
N GLU C 81 17.69 21.47 22.22
CA GLU C 81 18.70 22.56 22.18
C GLU C 81 20.11 22.09 21.75
N GLU C 82 20.58 20.91 22.19
CA GLU C 82 21.87 20.38 21.70
C GLU C 82 21.95 20.26 20.18
N ILE C 83 20.92 19.66 19.57
CA ILE C 83 20.85 19.54 18.10
C ILE C 83 20.72 20.93 17.46
N LEU C 84 19.95 21.82 18.07
CA LEU C 84 19.76 23.18 17.50
C LEU C 84 21.03 24.04 17.41
N GLU C 85 21.82 24.02 18.47
CA GLU C 85 23.07 24.77 18.55
C GLU C 85 24.24 24.05 17.88
N ASP C 86 24.01 22.89 17.27
CA ASP C 86 25.11 22.09 16.72
C ASP C 86 25.53 22.55 15.34
N GLU C 87 26.57 23.36 15.29
CA GLU C 87 26.97 24.03 14.06
C GLU C 87 27.39 23.07 12.91
N ASN C 88 27.27 21.76 13.14
CA ASN C 88 27.52 20.75 12.10
C ASN C 88 26.30 20.13 11.43
N ILE C 89 25.11 20.55 11.85
CA ILE C 89 23.84 20.09 11.32
C ILE C 89 23.19 21.24 10.54
N GLY C 90 22.99 21.03 9.25
CA GLY C 90 22.38 22.04 8.40
C GLY C 90 20.88 21.98 8.23
N LEU C 91 20.23 20.84 8.57
CA LEU C 91 18.80 20.66 8.36
C LEU C 91 18.11 19.99 9.54
N ILE C 92 16.94 20.46 9.92
CA ILE C 92 16.11 19.79 10.90
C ILE C 92 14.86 19.20 10.20
N VAL C 93 14.49 17.99 10.58
CA VAL C 93 13.39 17.26 9.95
C VAL C 93 12.43 16.85 11.04
N SER C 94 11.14 17.06 10.80
CA SER C 94 10.24 17.03 11.91
C SER C 94 8.83 16.58 11.54
N ALA C 95 8.22 15.82 12.44
CA ALA C 95 6.82 15.49 12.35
C ALA C 95 6.29 15.55 13.76
N ALA C 96 6.63 16.63 14.48
CA ALA C 96 6.14 16.84 15.86
C ALA C 96 4.61 17.01 15.91
N VAL C 97 4.02 16.99 17.09
CA VAL C 97 2.62 17.36 17.23
C VAL C 97 2.29 18.63 16.43
N SER C 98 1.30 18.56 15.55
CA SER C 98 1.00 19.57 14.53
C SER C 98 1.04 21.01 14.98
N SER C 99 0.27 21.34 16.02
CA SER C 99 0.30 22.67 16.62
C SER C 99 1.69 23.13 17.12
N GLU C 100 2.53 22.22 17.55
CA GLU C 100 3.87 22.57 18.01
C GLU C 100 4.98 22.60 16.90
N ARG C 101 4.59 22.38 15.65
CA ARG C 101 5.57 22.31 14.56
C ARG C 101 6.20 23.66 14.27
N ALA C 102 5.37 24.71 14.38
CA ALA C 102 5.73 26.09 14.09
C ALA C 102 6.85 26.60 14.98
N GLU C 103 6.67 26.52 16.30
CA GLU C 103 7.66 27.15 17.20
C GLU C 103 8.99 26.45 17.04
N LEU C 104 8.97 25.12 16.89
CA LEU C 104 10.17 24.41 16.50
C LEU C 104 10.80 24.85 15.16
N ALA C 105 10.02 24.93 14.09
CA ALA C 105 10.57 25.45 12.83
C ALA C 105 11.20 26.85 12.98
N ILE C 106 10.64 27.68 13.86
CA ILE C 106 11.18 29.01 14.12
C ILE C 106 12.56 28.94 14.82
N ARG C 107 12.63 28.23 15.94
CA ARG C 107 13.89 27.96 16.58
C ARG C 107 14.85 27.41 15.53
N ALA C 108 14.43 26.37 14.81
CA ALA C 108 15.30 25.78 13.83
C ALA C 108 15.92 26.87 12.96
N MSE C 109 15.09 27.71 12.35
CA MSE C 109 15.59 28.72 11.39
C MSE C 109 16.51 29.75 12.06
O MSE C 109 17.61 30.05 11.56
CB MSE C 109 14.43 29.41 10.70
CG MSE C 109 13.43 28.44 10.11
SE MSE C 109 12.45 29.16 8.56
CE MSE C 109 10.69 29.42 9.34
N GLN C 110 16.06 30.28 13.18
CA GLN C 110 16.81 31.25 13.94
C GLN C 110 18.20 30.76 14.38
N HIS C 111 18.39 29.46 14.56
CA HIS C 111 19.72 28.86 14.76
C HIS C 111 20.41 28.50 13.42
N GLY C 112 19.95 29.09 12.32
CA GLY C 112 20.67 28.96 11.07
C GLY C 112 20.46 27.63 10.36
N LYS C 113 19.52 26.83 10.87
CA LYS C 113 19.14 25.58 10.24
C LYS C 113 17.98 25.69 9.21
N ASP C 114 18.08 24.95 8.09
CA ASP C 114 16.96 24.78 7.18
C ASP C 114 15.97 23.77 7.76
N VAL C 115 14.71 23.83 7.35
CA VAL C 115 13.71 22.95 7.97
C VAL C 115 12.82 22.27 6.96
N LEU C 116 12.57 20.99 7.21
CA LEU C 116 11.69 20.21 6.37
C LEU C 116 10.70 19.57 7.30
N VAL C 117 9.44 19.91 7.13
CA VAL C 117 8.43 19.47 8.09
C VAL C 117 7.26 18.65 7.42
N ASP C 118 6.61 17.79 8.21
CA ASP C 118 5.45 17.05 7.75
C ASP C 118 4.29 18.06 7.62
N LYS C 119 3.26 17.68 6.86
CA LYS C 119 2.14 18.54 6.73
C LYS C 119 1.17 18.17 7.85
N PRO C 120 0.39 19.14 8.38
CA PRO C 120 0.43 20.57 8.06
C PRO C 120 1.61 21.26 8.72
N GLY C 121 2.10 22.31 8.06
CA GLY C 121 3.26 23.07 8.54
C GLY C 121 3.00 23.81 9.82
N MSE C 122 1.78 24.28 10.00
CA MSE C 122 1.37 24.90 11.21
C MSE C 122 -0.12 24.76 11.29
O MSE C 122 -0.70 24.21 10.39
CB MSE C 122 1.80 26.36 11.22
CG MSE C 122 1.08 27.28 10.25
SE MSE C 122 1.28 26.85 8.34
CE MSE C 122 3.24 26.73 8.10
N THR C 123 -0.75 25.28 12.33
CA THR C 123 -2.16 25.01 12.51
C THR C 123 -3.07 26.25 12.65
N SER C 124 -2.52 27.46 12.51
CA SER C 124 -3.31 28.70 12.63
C SER C 124 -2.66 29.86 11.86
N PHE C 125 -3.49 30.83 11.42
CA PHE C 125 -3.02 32.00 10.65
C PHE C 125 -1.89 32.74 11.36
N ASP C 126 -1.97 32.74 12.67
CA ASP C 126 -0.96 33.35 13.45
C ASP C 126 0.38 32.74 13.23
N GLN C 127 0.45 31.42 13.44
CA GLN C 127 1.69 30.65 13.24
C GLN C 127 2.21 30.88 11.79
N LEU C 128 1.29 30.86 10.83
CA LEU C 128 1.63 31.20 9.46
C LEU C 128 2.33 32.57 9.31
N ALA C 129 1.78 33.61 9.94
CA ALA C 129 2.30 34.96 9.77
C ALA C 129 3.66 35.04 10.40
N LYS C 130 3.78 34.41 11.59
CA LYS C 130 5.10 34.31 12.25
C LYS C 130 6.13 33.55 11.38
N LEU C 131 5.82 32.34 10.88
CA LEU C 131 6.78 31.62 10.00
C LEU C 131 7.19 32.41 8.78
N ARG C 132 6.29 33.19 8.26
CA ARG C 132 6.62 33.90 7.06
C ARG C 132 7.69 34.89 7.33
N ARG C 133 7.57 35.59 8.41
CA ARG C 133 8.58 36.55 8.78
C ARG C 133 9.91 35.93 9.07
N VAL C 134 9.93 34.85 9.79
CA VAL C 134 11.17 34.26 10.13
C VAL C 134 11.90 33.81 8.93
N GLN C 135 11.20 33.26 7.99
CA GLN C 135 11.86 32.85 6.80
C GLN C 135 12.40 34.06 6.12
N ALA C 136 11.65 35.12 6.13
CA ALA C 136 12.11 36.36 5.52
C ALA C 136 13.28 37.05 6.24
N GLU C 137 13.29 37.00 7.57
CA GLU C 137 14.42 37.54 8.32
C GLU C 137 15.67 36.66 8.21
N THR C 138 15.52 35.36 7.93
CA THR C 138 16.67 34.43 8.02
C THR C 138 17.17 33.89 6.66
N GLY C 139 16.33 34.02 5.63
CA GLY C 139 16.60 33.40 4.32
C GLY C 139 16.64 31.86 4.28
N ARG C 140 16.40 31.20 5.42
CA ARG C 140 16.38 29.78 5.52
C ARG C 140 15.18 29.22 4.75
N ILE C 141 15.28 27.98 4.34
CA ILE C 141 14.22 27.30 3.64
C ILE C 141 13.27 26.63 4.61
N PHE C 142 12.00 26.98 4.52
CA PHE C 142 11.00 26.27 5.26
C PHE C 142 10.20 25.44 4.26
N SER C 143 10.30 24.12 4.40
CA SER C 143 9.69 23.27 3.44
C SER C 143 8.79 22.28 4.10
N ILE C 144 7.60 22.11 3.50
CA ILE C 144 6.60 21.14 3.94
C ILE C 144 6.51 19.99 2.94
N LEU C 145 6.79 18.77 3.40
CA LEU C 145 6.76 17.61 2.53
C LEU C 145 5.31 17.11 2.30
N TYR C 146 4.65 17.66 1.28
CA TYR C 146 3.31 17.28 0.95
C TYR C 146 3.48 16.02 0.12
N SER C 147 3.56 14.90 0.83
CA SER C 147 3.95 13.63 0.25
C SER C 147 2.98 13.12 -0.80
N GLU C 148 1.69 13.45 -0.66
CA GLU C 148 0.70 12.94 -1.59
C GLU C 148 0.92 13.46 -3.01
N HIS C 149 1.71 14.52 -3.12
CA HIS C 149 2.35 14.89 -4.37
C HIS C 149 3.80 14.32 -4.48
N PHE C 150 4.73 14.66 -3.56
CA PHE C 150 6.16 14.37 -3.74
C PHE C 150 6.57 12.92 -3.56
N GLU C 151 5.83 12.17 -2.78
CA GLU C 151 6.12 10.75 -2.63
C GLU C 151 5.13 9.92 -3.50
N SER C 152 4.54 10.57 -4.49
CA SER C 152 3.62 9.91 -5.40
C SER C 152 4.11 9.92 -6.83
N PRO C 153 4.67 8.79 -7.30
CA PRO C 153 5.22 8.83 -8.66
C PRO C 153 4.17 9.13 -9.71
N ALA C 154 2.93 8.69 -9.46
CA ALA C 154 1.89 8.88 -10.45
C ALA C 154 1.74 10.37 -10.67
N THR C 155 1.61 11.11 -9.56
CA THR C 155 1.28 12.51 -9.66
C THR C 155 2.46 13.32 -10.14
N VAL C 156 3.66 12.82 -9.87
CA VAL C 156 4.87 13.43 -10.45
C VAL C 156 4.90 13.25 -11.99
N LYS C 157 4.59 12.04 -12.51
CA LYS C 157 4.53 11.85 -14.00
C LYS C 157 3.44 12.78 -14.47
N ALA C 158 2.37 12.88 -13.69
CA ALA C 158 1.21 13.65 -14.12
C ALA C 158 1.68 15.05 -14.48
N GLY C 159 2.54 15.62 -13.66
CA GLY C 159 2.84 17.04 -13.71
C GLY C 159 3.67 17.34 -14.92
N GLU C 160 4.62 16.44 -15.18
CA GLU C 160 5.41 16.41 -16.42
C GLU C 160 4.57 16.39 -17.68
N LEU C 161 3.67 15.40 -17.79
CA LEU C 161 2.77 15.34 -18.94
C LEU C 161 2.06 16.63 -19.10
N VAL C 162 1.38 17.07 -18.05
CA VAL C 162 0.66 18.34 -18.08
C VAL C 162 1.60 19.46 -18.50
N ALA C 163 2.83 19.43 -17.98
CA ALA C 163 3.82 20.48 -18.27
C ALA C 163 4.18 20.45 -19.74
N ALA C 164 4.32 19.25 -20.31
CA ALA C 164 4.63 19.11 -21.73
C ALA C 164 3.40 19.27 -22.64
N GLY C 165 2.27 19.65 -22.08
CA GLY C 165 1.12 20.03 -22.92
C GLY C 165 0.27 18.83 -23.29
N ALA C 166 0.44 17.72 -22.59
CA ALA C 166 -0.32 16.52 -22.90
C ALA C 166 -1.81 16.72 -23.00
N ILE C 167 -2.36 17.73 -22.33
CA ILE C 167 -3.83 17.87 -22.22
C ILE C 167 -4.32 19.27 -22.48
N GLY C 168 -3.41 20.19 -22.78
CA GLY C 168 -3.80 21.59 -23.10
C GLY C 168 -3.80 22.42 -21.84
N GLU C 169 -4.51 23.54 -21.83
CA GLU C 169 -4.56 24.36 -20.61
C GLU C 169 -5.41 23.63 -19.57
N VAL C 170 -4.99 23.69 -18.31
CA VAL C 170 -5.70 23.03 -17.25
C VAL C 170 -6.94 23.83 -16.94
N VAL C 171 -8.08 23.18 -16.86
CA VAL C 171 -9.35 23.85 -16.71
C VAL C 171 -9.97 23.66 -15.32
N HIS C 172 -9.91 22.42 -14.82
CA HIS C 172 -10.51 22.09 -13.56
C HIS C 172 -9.73 20.92 -12.95
N ILE C 173 -9.42 21.02 -11.65
CA ILE C 173 -8.82 19.93 -10.88
C ILE C 173 -9.77 19.33 -9.82
N VAL C 174 -9.95 18.02 -9.81
CA VAL C 174 -10.64 17.35 -8.72
C VAL C 174 -9.73 16.51 -7.90
N GLY C 175 -9.62 16.78 -6.64
CA GLY C 175 -8.86 15.93 -5.78
C GLY C 175 -9.71 15.26 -4.74
N LEU C 176 -9.61 13.97 -4.59
CA LEU C 176 -10.30 13.27 -3.55
C LEU C 176 -9.38 12.56 -2.60
N GLY C 177 -9.53 12.76 -1.31
CA GLY C 177 -8.60 12.18 -0.39
C GLY C 177 -9.11 11.42 0.80
N PRO C 178 -9.61 10.23 0.60
CA PRO C 178 -9.96 9.32 1.66
C PRO C 178 -8.79 8.73 2.42
N HIS C 179 -9.00 8.53 3.71
CA HIS C 179 -8.03 8.05 4.65
C HIS C 179 -8.68 7.18 5.68
N ARG C 180 -7.97 6.11 6.05
CA ARG C 180 -8.32 5.15 7.08
C ARG C 180 -8.08 5.78 8.44
N LEU C 181 -9.11 5.78 9.27
CA LEU C 181 -9.06 6.35 10.57
C LEU C 181 -8.19 5.51 11.48
N ARG C 182 -8.44 4.20 11.59
CA ARG C 182 -7.45 3.36 12.27
C ARG C 182 -7.46 3.80 13.71
N ARG C 183 -8.64 4.01 14.28
CA ARG C 183 -8.78 4.96 15.39
C ARG C 183 -8.09 4.55 16.69
N GLU C 184 -7.93 3.24 16.85
CA GLU C 184 -7.37 2.68 18.08
C GLU C 184 -5.84 2.86 18.14
N THR C 185 -5.20 3.08 16.99
CA THR C 185 -3.74 3.41 16.90
C THR C 185 -3.37 4.89 16.98
N ARG C 186 -4.35 5.76 17.18
CA ARG C 186 -4.09 7.18 17.11
C ARG C 186 -3.82 7.71 18.52
N PRO C 187 -2.85 8.66 18.66
CA PRO C 187 -2.53 9.34 19.91
C PRO C 187 -3.60 10.38 20.20
N ASP C 188 -3.81 10.72 21.47
CA ASP C 188 -4.91 11.65 21.82
C ASP C 188 -4.90 12.92 20.99
N TRP C 189 -3.72 13.43 20.67
CA TRP C 189 -3.68 14.75 20.04
C TRP C 189 -4.34 14.72 18.68
N PHE C 190 -4.28 13.56 18.02
CA PHE C 190 -4.95 13.33 16.74
C PHE C 190 -6.38 13.85 16.73
N PHE C 191 -7.04 13.83 17.89
CA PHE C 191 -8.46 14.13 18.02
C PHE C 191 -8.74 15.48 18.62
N ARG C 192 -7.69 16.17 19.08
CA ARG C 192 -7.85 17.48 19.68
C ARG C 192 -7.78 18.59 18.64
N ARG C 193 -8.87 19.32 18.44
CA ARG C 193 -8.88 20.40 17.47
C ARG C 193 -7.72 21.43 17.53
N ALA C 194 -7.28 21.84 18.71
CA ALA C 194 -6.17 22.83 18.73
C ALA C 194 -4.84 22.12 18.40
N ASP C 195 -4.88 20.81 18.41
CA ASP C 195 -3.67 20.07 18.16
C ASP C 195 -3.51 19.62 16.71
N TYR C 196 -4.57 19.10 16.11
CA TYR C 196 -4.44 18.68 14.75
C TYR C 196 -4.80 19.76 13.75
N GLY C 197 -5.60 20.74 14.18
CA GLY C 197 -5.85 21.98 13.40
C GLY C 197 -7.07 21.97 12.49
N GLY C 198 -7.89 20.93 12.56
CA GLY C 198 -8.98 20.75 11.60
C GLY C 198 -8.67 19.90 10.37
N ILE C 199 -9.68 19.21 9.84
CA ILE C 199 -9.50 18.27 8.73
C ILE C 199 -9.02 18.90 7.42
N LEU C 200 -9.40 20.14 7.12
CA LEU C 200 -8.91 20.78 5.90
C LEU C 200 -7.45 21.21 6.02
N THR C 201 -7.11 21.83 7.16
CA THR C 201 -5.73 22.19 7.51
C THR C 201 -4.85 20.97 7.45
N ASP C 202 -5.34 19.86 8.01
CA ASP C 202 -4.55 18.66 8.12
C ASP C 202 -4.41 17.95 6.76
N ILE C 203 -5.48 17.29 6.30
CA ILE C 203 -5.40 16.45 5.12
C ILE C 203 -5.72 17.07 3.77
N ALA C 204 -6.44 18.17 3.73
CA ALA C 204 -6.69 18.84 2.42
C ALA C 204 -5.52 19.72 1.99
N SER C 205 -4.47 19.79 2.83
CA SER C 205 -3.29 20.55 2.52
C SER C 205 -2.52 19.92 1.34
N HIS C 206 -2.49 18.59 1.25
CA HIS C 206 -1.96 17.95 0.05
C HIS C 206 -2.65 18.48 -1.24
N GLN C 207 -3.96 18.67 -1.18
CA GLN C 207 -4.67 18.94 -2.42
C GLN C 207 -4.58 20.41 -2.75
N CYS C 208 -4.44 21.22 -1.72
CA CYS C 208 -4.23 22.64 -1.90
C CYS C 208 -2.93 22.88 -2.61
N GLU C 209 -1.88 22.18 -2.19
CA GLU C 209 -0.60 22.24 -2.88
C GLU C 209 -0.73 21.76 -4.28
N GLN C 210 -1.47 20.67 -4.47
CA GLN C 210 -1.64 20.12 -5.78
C GLN C 210 -2.35 21.04 -6.74
N PHE C 211 -3.37 21.74 -6.23
CA PHE C 211 -4.03 22.75 -7.04
C PHE C 211 -3.08 23.86 -7.46
N LEU C 212 -2.21 24.27 -6.54
CA LEU C 212 -1.33 25.33 -6.89
C LEU C 212 -0.36 24.85 -7.93
N PHE C 213 0.21 23.68 -7.72
CA PHE C 213 1.16 23.06 -8.61
C PHE C 213 0.66 22.85 -10.04
N PHE C 214 -0.56 22.39 -10.20
CA PHE C 214 -1.06 22.12 -11.55
C PHE C 214 -1.54 23.34 -12.33
N THR C 215 -2.04 24.32 -11.62
CA THR C 215 -2.51 25.49 -12.31
C THR C 215 -1.32 26.38 -12.56
N GLY C 216 -0.22 26.17 -11.82
CA GLY C 216 1.00 26.99 -11.92
C GLY C 216 0.87 28.38 -11.31
N VAL C 217 -0.37 28.79 -11.01
CA VAL C 217 -0.63 30.01 -10.26
C VAL C 217 0.00 29.86 -8.89
N ASN C 218 -0.10 30.92 -8.12
CA ASN C 218 0.49 30.90 -6.82
C ASN C 218 -0.37 31.68 -5.84
N ASP C 219 -1.57 32.09 -6.31
CA ASP C 219 -2.55 32.74 -5.49
C ASP C 219 -3.96 32.33 -5.98
N ALA C 220 -4.75 31.73 -5.09
CA ALA C 220 -6.07 31.29 -5.47
C ALA C 220 -7.05 31.68 -4.38
N THR C 221 -8.33 31.46 -4.63
CA THR C 221 -9.45 31.88 -3.74
C THR C 221 -10.26 30.67 -3.36
N VAL C 222 -10.84 30.71 -2.17
CA VAL C 222 -11.72 29.66 -1.71
C VAL C 222 -13.15 30.16 -1.85
N LEU C 223 -13.84 29.63 -2.84
CA LEU C 223 -15.21 29.93 -3.04
C LEU C 223 -16.08 29.45 -1.88
N SER C 224 -15.66 28.38 -1.19
CA SER C 224 -16.49 27.82 -0.10
C SER C 224 -15.86 26.57 0.46
N ALA C 225 -16.19 26.22 1.71
CA ALA C 225 -15.62 25.03 2.35
C ALA C 225 -16.59 24.46 3.34
N SER C 226 -16.59 23.15 3.56
CA SER C 226 -17.43 22.61 4.61
C SER C 226 -16.69 21.58 5.36
N VAL C 227 -17.05 21.39 6.63
CA VAL C 227 -16.55 20.22 7.41
C VAL C 227 -17.66 19.62 8.25
N GLY C 228 -17.41 18.46 8.83
CA GLY C 228 -18.38 17.88 9.73
C GLY C 228 -17.91 16.58 10.34
N ASN C 229 -18.55 16.21 11.45
CA ASN C 229 -18.37 14.89 12.03
C ASN C 229 -19.70 14.17 11.98
N GLN C 230 -19.79 13.22 11.07
CA GLN C 230 -21.05 12.56 10.83
C GLN C 230 -20.97 11.12 11.34
N SER C 231 -19.77 10.62 11.71
CA SER C 231 -19.54 9.19 12.00
C SER C 231 -18.67 8.84 13.20
N VAL C 232 -18.06 9.82 13.85
CA VAL C 232 -17.28 9.46 15.01
C VAL C 232 -17.75 10.22 16.27
N PRO C 233 -19.03 10.02 16.69
CA PRO C 233 -19.59 10.70 17.88
C PRO C 233 -18.72 10.66 19.17
N ASP C 234 -17.84 9.66 19.32
CA ASP C 234 -16.98 9.53 20.52
C ASP C 234 -15.86 10.54 20.51
N ALA C 235 -15.62 11.17 19.36
CA ALA C 235 -14.60 12.19 19.26
C ALA C 235 -15.19 13.47 18.70
N PRO C 236 -15.98 14.20 19.51
CA PRO C 236 -16.70 15.41 19.09
C PRO C 236 -15.86 16.37 18.23
N GLU C 237 -14.57 16.47 18.50
CA GLU C 237 -13.75 17.51 17.90
C GLU C 237 -13.11 17.05 16.59
N LEU C 238 -13.08 15.74 16.35
CA LEU C 238 -12.54 15.23 15.12
C LEU C 238 -13.49 15.54 14.01
N GLN C 239 -12.96 15.96 12.87
CA GLN C 239 -13.77 16.14 11.72
C GLN C 239 -13.51 14.96 10.80
N ASP C 240 -14.58 14.57 10.13
CA ASP C 240 -14.82 13.27 9.48
C ASP C 240 -14.65 13.37 7.97
N THR C 241 -14.97 14.56 7.47
CA THR C 241 -15.34 14.77 6.11
C THR C 241 -15.07 16.22 5.89
N GLY C 242 -14.65 16.59 4.70
CA GLY C 242 -14.42 18.00 4.39
C GLY C 242 -14.37 18.20 2.90
N SER C 243 -14.82 19.35 2.43
CA SER C 243 -14.77 19.64 1.02
C SER C 243 -14.54 21.11 0.83
N ILE C 244 -14.02 21.46 -0.33
CA ILE C 244 -13.71 22.83 -0.60
C ILE C 244 -13.68 23.10 -2.08
N HIS C 245 -14.30 24.24 -2.43
CA HIS C 245 -14.39 24.73 -3.76
C HIS C 245 -13.36 25.82 -3.87
N LEU C 246 -12.64 25.85 -4.98
CA LEU C 246 -11.44 26.69 -5.11
C LEU C 246 -11.43 27.40 -6.45
N SER C 247 -10.88 28.59 -6.56
CA SER C 247 -10.65 29.07 -7.92
C SER C 247 -9.46 30.03 -8.10
N THR C 248 -8.99 30.19 -9.35
CA THR C 248 -7.82 31.02 -9.67
C THR C 248 -8.05 32.02 -10.77
N GLY C 249 -9.19 31.90 -11.45
CA GLY C 249 -9.47 32.84 -12.55
C GLY C 249 -9.40 32.26 -13.96
N ARG C 250 -8.46 31.35 -14.24
CA ARG C 250 -8.57 30.52 -15.46
C ARG C 250 -8.90 29.04 -15.13
N THR C 251 -8.85 28.71 -13.84
CA THR C 251 -8.99 27.32 -13.37
C THR C 251 -9.89 27.20 -12.16
N THR C 252 -10.46 26.02 -12.02
CA THR C 252 -11.39 25.80 -10.97
C THR C 252 -11.05 24.47 -10.29
N GLY C 253 -11.32 24.38 -9.00
CA GLY C 253 -10.90 23.20 -8.27
C GLY C 253 -11.83 22.68 -7.21
N MSE C 254 -11.78 21.37 -7.00
CA MSE C 254 -12.65 20.72 -6.05
C MSE C 254 -11.95 19.71 -5.23
O MSE C 254 -11.27 18.88 -5.79
CB MSE C 254 -13.76 20.05 -6.77
CG MSE C 254 -14.92 20.94 -6.78
SE MSE C 254 -16.37 20.32 -7.90
CE MSE C 254 -15.84 18.46 -8.29
N ILE C 255 -12.09 19.78 -3.91
CA ILE C 255 -11.34 18.93 -3.05
C ILE C 255 -12.23 18.28 -2.06
N HIS C 256 -12.16 16.96 -1.96
CA HIS C 256 -12.88 16.19 -0.94
C HIS C 256 -11.97 15.39 -0.04
N VAL C 257 -12.17 15.39 1.28
CA VAL C 257 -11.39 14.55 2.21
C VAL C 257 -12.13 13.76 3.31
N ASN C 258 -11.64 12.58 3.67
CA ASN C 258 -12.30 11.65 4.58
C ASN C 258 -11.37 11.11 5.56
N TRP C 259 -11.91 10.53 6.59
CA TRP C 259 -11.25 9.64 7.52
C TRP C 259 -12.27 8.59 7.46
N LEU C 260 -12.58 8.17 6.25
CA LEU C 260 -13.75 7.34 6.00
C LEU C 260 -13.51 6.14 5.10
N THR C 261 -12.27 5.89 4.75
CA THR C 261 -11.85 4.66 4.06
C THR C 261 -12.42 3.42 4.74
N PRO C 262 -13.11 2.56 3.98
CA PRO C 262 -13.74 1.36 4.55
C PRO C 262 -12.76 0.23 4.84
N GLU C 263 -13.13 -0.64 5.75
CA GLU C 263 -12.30 -1.74 6.15
C GLU C 263 -11.77 -2.56 4.94
N GLY C 264 -12.65 -2.93 4.02
CA GLY C 264 -12.31 -3.82 2.89
C GLY C 264 -11.27 -3.29 1.92
N MSE C 265 -11.02 -1.99 1.99
CA MSE C 265 -10.02 -1.37 1.17
C MSE C 265 -8.63 -1.99 1.38
O MSE C 265 -8.10 -2.00 2.50
CB MSE C 265 -9.98 0.11 1.45
CG MSE C 265 -9.24 0.90 0.40
SE MSE C 265 -10.29 1.06 -1.27
CE MSE C 265 -8.72 1.27 -2.39
N PRO C 266 -8.02 -2.48 0.30
CA PRO C 266 -6.65 -3.04 0.26
C PRO C 266 -5.51 -2.13 0.79
N THR C 267 -5.74 -0.82 0.80
CA THR C 267 -4.70 0.10 1.19
C THR C 267 -5.34 1.16 2.08
N TRP C 268 -4.58 2.21 2.36
CA TRP C 268 -5.02 3.24 3.31
C TRP C 268 -6.05 4.25 2.75
N GLY C 269 -6.18 4.31 1.45
CA GLY C 269 -7.20 5.15 0.89
C GLY C 269 -7.11 5.24 -0.60
N ASP C 270 -8.28 5.28 -1.21
CA ASP C 270 -8.40 5.30 -2.68
C ASP C 270 -8.35 6.74 -3.17
N GLY C 271 -7.18 7.37 -3.08
CA GLY C 271 -7.03 8.78 -3.47
C GLY C 271 -7.07 8.94 -4.98
N ARG C 272 -7.79 9.95 -5.45
CA ARG C 272 -7.91 10.24 -6.87
C ARG C 272 -7.50 11.68 -7.14
N LEU C 273 -7.16 11.92 -8.40
CA LEU C 273 -6.86 13.22 -8.89
C LEU C 273 -7.24 13.26 -10.36
N PHE C 274 -8.20 14.11 -10.69
CA PHE C 274 -8.51 14.33 -12.10
C PHE C 274 -8.02 15.68 -12.52
N ILE C 275 -7.36 15.70 -13.66
CA ILE C 275 -6.90 16.94 -14.23
C ILE C 275 -7.63 17.16 -15.56
N VAL C 276 -8.63 18.03 -15.55
CA VAL C 276 -9.38 18.33 -16.79
C VAL C 276 -8.73 19.47 -17.56
N GLY C 277 -8.23 19.14 -18.76
CA GLY C 277 -7.66 20.11 -19.71
C GLY C 277 -8.47 20.28 -21.00
N THR C 278 -8.29 21.42 -21.65
CA THR C 278 -9.04 21.82 -22.86
C THR C 278 -9.01 20.78 -23.97
N SER C 279 -7.86 20.14 -24.08
CA SER C 279 -7.64 19.14 -25.08
C SER C 279 -7.61 17.70 -24.51
N GLY C 280 -7.48 17.52 -23.19
CA GLY C 280 -7.41 16.16 -22.62
C GLY C 280 -7.70 16.09 -21.14
N THR C 281 -7.65 14.88 -20.58
CA THR C 281 -7.92 14.66 -19.16
C THR C 281 -7.00 13.57 -18.54
N ILE C 282 -6.52 13.76 -17.32
CA ILE C 282 -5.72 12.73 -16.65
C ILE C 282 -6.41 12.25 -15.39
N GLU C 283 -6.48 10.94 -15.18
CA GLU C 283 -6.93 10.42 -13.91
C GLU C 283 -5.77 9.70 -13.27
N VAL C 284 -5.31 10.19 -12.14
CA VAL C 284 -4.26 9.53 -11.40
C VAL C 284 -4.96 8.76 -10.32
N ARG C 285 -4.60 7.49 -10.14
CA ARG C 285 -5.19 6.73 -9.07
C ARG C 285 -4.04 6.35 -8.18
N LYS C 286 -3.93 6.97 -7.01
CA LYS C 286 -2.65 7.00 -6.25
C LYS C 286 -2.17 5.66 -5.73
N THR C 287 -3.10 4.79 -5.36
CA THR C 287 -2.81 3.79 -4.35
C THR C 287 -3.35 2.40 -4.71
N VAL C 288 -4.39 2.36 -5.54
CA VAL C 288 -5.14 1.15 -5.79
C VAL C 288 -6.00 1.30 -7.04
N ASP C 289 -6.25 0.23 -7.75
CA ASP C 289 -7.20 0.26 -8.82
C ASP C 289 -8.29 -0.71 -8.46
N LEU C 290 -9.46 -0.24 -8.12
CA LEU C 290 -10.55 -1.13 -7.93
C LEU C 290 -10.91 -1.57 -9.31
N ALA C 291 -11.25 -2.82 -9.55
CA ALA C 291 -11.01 -3.96 -8.76
C ALA C 291 -10.00 -4.59 -9.67
N GLY C 292 -9.35 -3.80 -10.48
CA GLY C 292 -8.44 -4.30 -11.46
C GLY C 292 -6.95 -4.43 -11.28
N ARG C 293 -6.20 -3.59 -11.92
CA ARG C 293 -4.78 -3.70 -11.94
C ARG C 293 -4.13 -3.77 -10.55
N GLU C 294 -3.06 -4.53 -10.43
CA GLU C 294 -2.37 -4.62 -9.20
C GLU C 294 -1.52 -3.42 -8.96
N GLY C 295 -1.57 -2.92 -7.74
CA GLY C 295 -0.85 -1.75 -7.26
C GLY C 295 -1.40 -0.36 -7.48
N GLY C 296 -0.64 0.61 -6.99
CA GLY C 296 -0.53 2.03 -7.26
C GLY C 296 0.36 2.08 -8.45
N ASN C 297 0.60 3.19 -9.11
CA ASN C 297 0.11 4.50 -8.89
C ASN C 297 -0.39 4.49 -10.25
N HIS C 298 -1.62 4.77 -10.53
CA HIS C 298 -2.04 4.62 -11.91
C HIS C 298 -2.41 5.86 -12.59
N LEU C 299 -1.96 5.99 -13.81
CA LEU C 299 -2.25 7.16 -14.58
C LEU C 299 -3.02 6.78 -15.81
N PHE C 300 -4.08 7.50 -16.08
CA PHE C 300 -4.85 7.28 -17.27
C PHE C 300 -4.86 8.53 -18.07
N LEU C 301 -4.54 8.46 -19.34
CA LEU C 301 -4.56 9.64 -20.14
C LEU C 301 -5.55 9.53 -21.23
N ALA C 302 -6.44 10.50 -21.34
CA ALA C 302 -7.37 10.51 -22.41
C ALA C 302 -7.09 11.76 -23.13
N ASP C 303 -6.94 11.67 -24.42
CA ASP C 303 -6.58 12.79 -25.18
C ASP C 303 -7.04 12.67 -26.61
N ARG C 304 -6.51 13.50 -27.47
CA ARG C 304 -6.98 13.62 -28.83
C ARG C 304 -6.80 12.33 -29.54
N ASN C 305 -5.90 11.50 -29.06
CA ASN C 305 -5.56 10.29 -29.78
C ASN C 305 -6.11 9.02 -29.21
N GLY C 306 -6.67 9.09 -28.02
CA GLY C 306 -7.19 7.88 -27.40
C GLY C 306 -6.84 7.80 -25.94
N VAL C 307 -6.91 6.59 -25.41
CA VAL C 307 -6.80 6.39 -23.98
C VAL C 307 -5.69 5.39 -23.60
N GLU C 308 -4.69 5.87 -22.85
CA GLU C 308 -3.51 5.12 -22.44
C GLU C 308 -3.49 4.90 -20.93
N HIS C 309 -3.03 3.74 -20.50
CA HIS C 309 -2.74 3.57 -19.09
C HIS C 309 -1.25 3.59 -18.88
N ILE C 310 -0.75 4.52 -18.07
CA ILE C 310 0.67 4.58 -17.77
C ILE C 310 0.97 4.04 -16.39
N ASP C 311 1.90 3.10 -16.28
CA ASP C 311 2.33 2.61 -14.96
C ASP C 311 3.48 3.46 -14.48
N CYS C 312 3.42 3.94 -13.25
CA CYS C 312 4.36 4.98 -12.83
C CYS C 312 5.25 4.53 -11.71
N SER C 313 5.12 3.26 -11.34
CA SER C 313 5.78 2.69 -10.18
C SER C 313 7.28 2.95 -10.17
N ARG C 314 7.87 3.05 -11.37
CA ARG C 314 9.31 3.21 -11.50
C ARG C 314 9.66 4.59 -12.07
N VAL C 315 8.80 5.60 -11.83
CA VAL C 315 9.21 7.01 -12.15
C VAL C 315 9.93 7.63 -10.97
N ASP C 316 10.95 8.40 -11.29
CA ASP C 316 11.84 9.01 -10.34
C ASP C 316 11.09 10.13 -9.64
N LEU C 317 11.25 10.12 -8.31
CA LEU C 317 10.79 11.18 -7.41
C LEU C 317 11.88 12.25 -7.17
N PRO C 318 11.82 13.38 -7.90
CA PRO C 318 12.91 14.37 -7.87
C PRO C 318 13.05 15.19 -6.60
N PHE C 319 12.07 15.16 -5.69
CA PHE C 319 12.05 16.13 -4.58
C PHE C 319 13.33 16.13 -3.73
N GLY C 320 13.72 14.94 -3.28
CA GLY C 320 15.00 14.77 -2.58
C GLY C 320 16.16 15.51 -3.23
N ARG C 321 16.60 15.04 -4.42
CA ARG C 321 17.72 15.68 -5.16
C ARG C 321 17.57 17.23 -5.17
N GLN C 322 16.35 17.70 -5.45
CA GLN C 322 16.08 19.13 -5.69
C GLN C 322 16.15 19.90 -4.37
N PHE C 323 15.61 19.33 -3.30
CA PHE C 323 15.60 20.01 -2.02
C PHE C 323 17.03 20.21 -1.51
N LEU C 324 17.84 19.14 -1.59
CA LEU C 324 19.29 19.21 -1.30
C LEU C 324 20.10 20.22 -2.17
N ALA C 325 19.86 20.21 -3.48
CA ALA C 325 20.36 21.26 -4.37
C ALA C 325 19.97 22.64 -3.85
N ASP C 326 18.68 22.83 -3.53
CA ASP C 326 18.19 24.10 -2.97
C ASP C 326 18.99 24.55 -1.75
N ILE C 327 19.13 23.67 -0.75
CA ILE C 327 19.97 23.96 0.42
C ILE C 327 21.40 24.40 0.02
N ARG C 328 21.97 23.67 -0.92
CA ARG C 328 23.33 23.88 -1.35
C ARG C 328 23.44 25.23 -2.08
N ASP C 329 22.50 25.54 -2.97
CA ASP C 329 22.61 26.73 -3.83
C ASP C 329 21.73 27.93 -3.43
N ARG C 330 21.10 27.86 -2.26
CA ARG C 330 20.03 28.79 -1.87
C ARG C 330 19.06 29.11 -3.01
N THR C 331 18.46 28.09 -3.60
CA THR C 331 17.41 28.31 -4.60
C THR C 331 16.09 27.66 -4.18
N GLU C 332 15.20 27.41 -5.14
CA GLU C 332 13.88 26.84 -4.85
C GLU C 332 13.32 26.00 -6.00
N THR C 333 14.12 25.05 -6.46
CA THR C 333 13.72 24.19 -7.56
C THR C 333 12.76 23.11 -7.12
N ALA C 334 12.82 22.74 -5.85
CA ALA C 334 12.00 21.65 -5.37
C ALA C 334 10.58 22.11 -5.35
N MSE C 335 10.41 23.33 -4.85
CA MSE C 335 9.10 23.99 -4.69
C MSE C 335 9.34 25.46 -4.39
O MSE C 335 10.18 25.79 -3.53
CB MSE C 335 8.32 23.35 -3.55
CG MSE C 335 6.96 23.99 -3.27
SE MSE C 335 5.94 23.15 -1.76
CE MSE C 335 7.48 22.64 -0.57
N PRO C 336 8.64 26.36 -5.11
CA PRO C 336 8.76 27.77 -4.78
C PRO C 336 8.31 28.03 -3.34
N GLN C 337 9.09 28.83 -2.60
CA GLN C 337 8.78 29.18 -1.23
C GLN C 337 7.37 29.72 -1.10
N GLU C 338 6.97 30.62 -2.01
CA GLU C 338 5.65 31.26 -1.87
C GLU C 338 4.51 30.25 -2.02
N ARG C 339 4.75 29.18 -2.77
CA ARG C 339 3.73 28.13 -2.93
C ARG C 339 3.51 27.31 -1.65
N CYS C 340 4.60 26.87 -1.06
CA CYS C 340 4.58 26.15 0.17
C CYS C 340 3.67 26.76 1.25
N PHE C 341 3.82 28.06 1.45
CA PHE C 341 3.05 28.84 2.39
C PHE C 341 1.63 29.05 1.90
N LYS C 342 1.46 29.38 0.61
CA LYS C 342 0.14 29.57 0.08
C LYS C 342 -0.70 28.32 0.22
N ALA C 343 -0.08 27.16 0.10
CA ALA C 343 -0.87 25.97 0.12
C ALA C 343 -1.46 25.82 1.53
N MSE C 344 -0.68 26.17 2.53
CA MSE C 344 -1.18 26.20 3.89
C MSE C 344 -2.16 27.33 4.16
O MSE C 344 -3.04 27.18 4.99
CB MSE C 344 -0.02 26.32 4.86
CG MSE C 344 0.77 25.09 5.01
SE MSE C 344 -0.33 23.55 5.60
CE MSE C 344 0.91 22.22 4.97
N GLU C 345 -1.96 28.48 3.48
CA GLU C 345 -2.85 29.63 3.60
C GLU C 345 -4.22 29.24 3.10
N LEU C 346 -4.26 28.62 1.91
CA LEU C 346 -5.50 28.11 1.34
C LEU C 346 -6.17 27.14 2.24
N ALA C 347 -5.46 26.10 2.66
CA ALA C 347 -6.05 25.10 3.57
C ALA C 347 -6.57 25.76 4.86
N LEU C 348 -5.78 26.70 5.41
CA LEU C 348 -6.17 27.41 6.62
C LEU C 348 -7.43 28.25 6.46
N GLN C 349 -7.49 29.00 5.36
CA GLN C 349 -8.68 29.74 4.98
C GLN C 349 -9.87 28.85 4.79
N ALA C 350 -9.70 27.70 4.18
CA ALA C 350 -10.83 26.79 3.98
C ALA C 350 -11.35 26.32 5.31
N GLN C 351 -10.45 26.04 6.25
CA GLN C 351 -10.90 25.58 7.57
C GLN C 351 -11.77 26.66 8.23
N ALA C 352 -11.23 27.88 8.25
CA ALA C 352 -11.87 29.05 8.80
C ALA C 352 -13.30 29.23 8.29
N ILE C 353 -13.46 29.33 6.97
CA ILE C 353 -14.77 29.55 6.46
C ILE C 353 -15.68 28.34 6.67
N ALA C 354 -15.11 27.17 6.95
CA ALA C 354 -15.96 26.02 7.30
C ALA C 354 -16.54 26.09 8.71
N GLU C 355 -15.93 26.88 9.62
CA GLU C 355 -16.28 26.80 11.06
C GLU C 355 -17.13 27.96 11.63
N GLU D 26 -54.35 1.18 -21.98
CA GLU D 26 -53.27 1.31 -23.00
C GLU D 26 -52.96 2.79 -23.26
N LEU D 27 -51.74 3.24 -22.98
CA LEU D 27 -51.38 4.67 -23.10
C LEU D 27 -50.77 5.08 -24.45
N ARG D 28 -51.28 6.17 -25.00
CA ARG D 28 -50.81 6.63 -26.27
C ARG D 28 -50.19 8.01 -26.12
N PHE D 29 -49.01 8.16 -26.69
CA PHE D 29 -48.25 9.40 -26.51
C PHE D 29 -47.75 10.00 -27.84
N ALA D 30 -47.34 11.27 -27.80
CA ALA D 30 -46.84 11.95 -28.97
C ALA D 30 -45.51 12.66 -28.72
N ALA D 31 -44.64 12.63 -29.73
CA ALA D 31 -43.42 13.39 -29.69
C ALA D 31 -43.67 14.74 -30.31
N VAL D 32 -43.35 15.79 -29.56
CA VAL D 32 -43.48 17.15 -30.05
C VAL D 32 -42.16 17.89 -29.75
N GLY D 33 -41.41 18.19 -30.82
CA GLY D 33 -40.13 18.90 -30.72
C GLY D 33 -38.95 17.95 -30.67
N LEU D 34 -38.33 17.72 -31.82
CA LEU D 34 -37.28 16.72 -31.99
C LEU D 34 -35.95 17.41 -32.10
N ASN D 35 -35.79 18.42 -31.27
CA ASN D 35 -34.62 19.24 -31.38
C ASN D 35 -33.39 18.60 -30.81
N HIS D 36 -33.55 17.58 -29.99
CA HIS D 36 -32.42 17.01 -29.33
C HIS D 36 -32.55 15.50 -29.39
N ASN D 37 -31.44 14.81 -29.70
CA ASN D 37 -31.33 13.36 -29.67
C ASN D 37 -32.12 12.73 -28.56
N HIS D 38 -32.13 13.36 -27.40
CA HIS D 38 -32.69 12.73 -26.21
C HIS D 38 -34.12 12.31 -26.37
N ILE D 39 -34.78 12.85 -27.40
CA ILE D 39 -36.11 12.43 -27.79
C ILE D 39 -36.11 10.92 -28.06
N TYR D 40 -35.04 10.40 -28.68
CA TYR D 40 -34.96 8.97 -28.98
C TYR D 40 -34.96 8.16 -27.70
N GLY D 41 -34.19 8.68 -26.75
CA GLY D 41 -34.07 8.04 -25.46
C GLY D 41 -35.42 7.99 -24.80
N GLN D 42 -36.08 9.14 -24.74
CA GLN D 42 -37.43 9.18 -24.20
C GLN D 42 -38.33 8.18 -24.94
N VAL D 43 -38.33 8.24 -26.27
CA VAL D 43 -39.33 7.51 -26.99
C VAL D 43 -39.12 6.02 -26.78
N ASN D 44 -37.89 5.52 -26.93
CA ASN D 44 -37.64 4.08 -26.66
C ASN D 44 -38.07 3.73 -25.24
N CYS D 45 -37.68 4.56 -24.30
CA CYS D 45 -38.10 4.36 -22.93
C CYS D 45 -39.56 3.98 -22.78
N LEU D 46 -40.47 4.84 -23.24
CA LEU D 46 -41.91 4.61 -23.17
C LEU D 46 -42.36 3.42 -24.01
N LEU D 47 -41.72 3.27 -25.17
CA LEU D 47 -41.91 2.12 -26.01
C LEU D 47 -41.60 0.85 -25.20
N ARG D 48 -40.39 0.74 -24.66
CA ARG D 48 -40.04 -0.42 -23.84
C ARG D 48 -41.09 -0.69 -22.75
N ALA D 49 -41.71 0.36 -22.23
CA ALA D 49 -42.67 0.22 -21.14
C ALA D 49 -44.06 -0.37 -21.54
N GLY D 50 -44.41 -0.31 -22.83
CA GLY D 50 -45.73 -0.75 -23.27
C GLY D 50 -46.64 0.34 -23.86
N ALA D 51 -46.26 1.61 -23.71
CA ALA D 51 -46.99 2.71 -24.39
C ALA D 51 -46.91 2.60 -25.92
N ARG D 52 -47.96 3.09 -26.57
CA ARG D 52 -48.02 3.13 -28.03
C ARG D 52 -47.68 4.58 -28.53
N LEU D 53 -46.86 4.69 -29.59
CA LEU D 53 -46.53 5.98 -30.20
C LEU D 53 -47.60 6.45 -31.19
N ALA D 54 -48.29 7.56 -30.90
CA ALA D 54 -49.43 8.02 -31.73
C ALA D 54 -49.02 8.68 -33.06
N GLY D 55 -47.92 9.43 -33.04
CA GLY D 55 -47.46 10.25 -34.17
C GLY D 55 -46.62 11.35 -33.56
N PHE D 56 -46.17 12.33 -34.35
CA PHE D 56 -45.22 13.34 -33.85
C PHE D 56 -45.26 14.67 -34.59
N HIS D 57 -44.93 15.77 -33.91
CA HIS D 57 -44.89 17.08 -34.57
C HIS D 57 -43.47 17.67 -34.66
N GLU D 58 -43.14 18.20 -35.83
CA GLU D 58 -41.84 18.79 -36.07
C GLU D 58 -41.91 19.70 -37.27
N LYS D 59 -41.73 21.01 -37.06
CA LYS D 59 -41.78 21.99 -38.14
C LYS D 59 -40.64 21.76 -39.16
N ASP D 60 -39.52 21.28 -38.68
CA ASP D 60 -38.38 21.11 -39.53
C ASP D 60 -38.29 19.79 -40.23
N ASP D 61 -38.19 19.83 -41.53
CA ASP D 61 -38.15 18.65 -42.34
C ASP D 61 -37.01 17.72 -42.19
N ALA D 62 -35.82 18.25 -42.04
CA ALA D 62 -34.66 17.42 -41.91
C ALA D 62 -34.71 16.63 -40.65
N LEU D 63 -35.09 17.30 -39.59
CA LEU D 63 -35.41 16.67 -38.33
C LEU D 63 -36.51 15.60 -38.41
N ALA D 64 -37.55 15.84 -39.20
CA ALA D 64 -38.71 14.97 -39.15
C ALA D 64 -38.47 13.72 -39.95
N ALA D 65 -37.59 13.80 -40.95
CA ALA D 65 -37.28 12.62 -41.75
C ALA D 65 -36.43 11.65 -40.96
N GLU D 66 -35.41 12.15 -40.27
CA GLU D 66 -34.73 11.31 -39.32
C GLU D 66 -35.76 10.57 -38.46
N PHE D 67 -36.61 11.28 -37.74
CA PHE D 67 -37.57 10.62 -36.87
C PHE D 67 -38.35 9.58 -37.64
N SER D 68 -38.86 9.93 -38.81
CA SER D 68 -39.53 8.94 -39.68
C SER D 68 -38.66 7.76 -40.06
N ALA D 69 -37.37 8.01 -40.21
CA ALA D 69 -36.47 6.94 -40.62
C ALA D 69 -36.33 5.88 -39.52
N VAL D 70 -36.43 6.28 -38.26
CA VAL D 70 -36.19 5.32 -37.19
C VAL D 70 -37.47 4.57 -36.84
N TYR D 71 -38.57 5.30 -36.78
CA TYR D 71 -39.90 4.70 -36.63
C TYR D 71 -40.74 4.80 -37.91
N ALA D 72 -40.64 3.77 -38.75
CA ALA D 72 -41.25 3.80 -40.08
C ALA D 72 -42.80 4.02 -40.05
N ASP D 73 -43.44 3.59 -38.98
CA ASP D 73 -44.87 3.74 -38.97
C ASP D 73 -45.37 4.98 -38.17
N ALA D 74 -44.49 5.92 -37.84
CA ALA D 74 -44.96 7.10 -37.10
C ALA D 74 -45.60 8.11 -38.04
N ARG D 75 -46.82 8.54 -37.71
CA ARG D 75 -47.54 9.59 -38.46
C ARG D 75 -47.04 11.01 -38.14
N ARG D 76 -46.40 11.64 -39.10
CA ARG D 76 -46.06 13.05 -38.96
C ARG D 76 -47.36 13.83 -38.95
N ILE D 77 -47.55 14.67 -37.93
CA ILE D 77 -48.77 15.49 -37.79
C ILE D 77 -48.45 16.92 -38.15
N ALA D 78 -49.31 17.56 -38.94
CA ALA D 78 -49.00 18.90 -39.50
C ALA D 78 -48.76 19.99 -38.45
N THR D 79 -49.48 19.87 -37.35
CA THR D 79 -49.64 20.96 -36.41
C THR D 79 -49.67 20.43 -34.95
N ALA D 80 -48.89 21.08 -34.08
CA ALA D 80 -48.88 20.77 -32.66
C ALA D 80 -50.28 20.82 -32.05
N GLU D 81 -51.03 21.91 -32.29
CA GLU D 81 -52.38 22.07 -31.73
C GLU D 81 -53.33 20.86 -32.00
N GLU D 82 -53.08 20.11 -33.07
CA GLU D 82 -53.83 18.87 -33.34
C GLU D 82 -53.52 17.74 -32.29
N ILE D 83 -52.22 17.47 -32.07
CA ILE D 83 -51.78 16.50 -31.07
C ILE D 83 -52.31 16.94 -29.70
N LEU D 84 -52.22 18.23 -29.40
CA LEU D 84 -52.74 18.82 -28.17
C LEU D 84 -54.24 18.73 -27.93
N GLU D 85 -55.05 18.73 -28.99
CA GLU D 85 -56.51 18.73 -28.82
C GLU D 85 -57.12 17.34 -29.01
N ASP D 86 -56.31 16.34 -29.34
CA ASP D 86 -56.77 14.94 -29.52
C ASP D 86 -56.92 14.25 -28.16
N GLU D 87 -58.17 13.96 -27.76
CA GLU D 87 -58.51 13.30 -26.48
C GLU D 87 -58.03 11.85 -26.36
N ASN D 88 -57.60 11.27 -27.48
CA ASN D 88 -57.00 9.91 -27.52
C ASN D 88 -55.51 9.75 -27.16
N ILE D 89 -54.83 10.87 -26.95
CA ILE D 89 -53.42 10.88 -26.58
C ILE D 89 -53.27 11.40 -25.15
N GLY D 90 -52.94 10.50 -24.22
CA GLY D 90 -52.73 10.87 -22.81
C GLY D 90 -51.43 11.58 -22.38
N LEU D 91 -50.37 11.47 -23.18
CA LEU D 91 -49.03 11.98 -22.79
C LEU D 91 -48.18 12.63 -23.91
N ILE D 92 -47.58 13.78 -23.64
CA ILE D 92 -46.71 14.47 -24.61
C ILE D 92 -45.24 14.30 -24.24
N VAL D 93 -44.43 14.01 -25.25
CA VAL D 93 -43.02 13.77 -25.03
C VAL D 93 -42.23 14.77 -25.84
N SER D 94 -41.37 15.53 -25.18
CA SER D 94 -40.64 16.58 -25.88
C SER D 94 -39.13 16.67 -25.61
N ALA D 95 -38.40 17.03 -26.67
CA ALA D 95 -37.02 17.47 -26.61
C ALA D 95 -36.88 18.74 -27.44
N ALA D 96 -37.73 19.74 -27.21
CA ALA D 96 -37.80 20.95 -28.10
C ALA D 96 -36.66 21.92 -27.78
N VAL D 97 -36.67 23.15 -28.30
CA VAL D 97 -35.68 24.09 -27.81
C VAL D 97 -35.88 24.36 -26.30
N SER D 98 -34.81 24.25 -25.51
CA SER D 98 -34.91 24.28 -24.05
C SER D 98 -35.79 25.41 -23.53
N SER D 99 -35.52 26.61 -24.01
CA SER D 99 -36.28 27.77 -23.60
C SER D 99 -37.72 27.73 -24.10
N GLU D 100 -38.03 26.83 -25.02
CA GLU D 100 -39.40 26.71 -25.52
C GLU D 100 -40.16 25.56 -24.83
N ARG D 101 -39.42 24.73 -24.09
CA ARG D 101 -40.00 23.56 -23.42
C ARG D 101 -41.14 23.83 -22.42
N ALA D 102 -41.15 25.02 -21.80
CA ALA D 102 -42.09 25.28 -20.72
C ALA D 102 -43.48 25.67 -21.23
N GLU D 103 -43.54 26.60 -22.18
CA GLU D 103 -44.79 26.91 -22.85
C GLU D 103 -45.43 25.64 -23.40
N LEU D 104 -44.64 24.81 -24.07
CA LEU D 104 -45.16 23.58 -24.65
C LEU D 104 -45.67 22.62 -23.57
N ALA D 105 -44.95 22.47 -22.46
CA ALA D 105 -45.44 21.67 -21.36
C ALA D 105 -46.74 22.26 -20.82
N ILE D 106 -46.83 23.58 -20.78
CA ILE D 106 -48.00 24.25 -20.23
C ILE D 106 -49.25 24.08 -21.11
N ARG D 107 -49.13 24.44 -22.39
CA ARG D 107 -50.20 24.16 -23.34
C ARG D 107 -50.74 22.75 -23.06
N ALA D 108 -49.82 21.78 -22.98
CA ALA D 108 -50.11 20.33 -22.84
C ALA D 108 -50.80 19.88 -21.56
N MSE D 109 -50.47 20.53 -20.47
CA MSE D 109 -51.10 20.21 -19.19
C MSE D 109 -52.50 20.77 -19.17
O MSE D 109 -53.44 20.12 -18.71
CB MSE D 109 -50.26 20.72 -18.04
CG MSE D 109 -49.12 19.80 -17.79
SE MSE D 109 -48.11 20.17 -16.20
CE MSE D 109 -47.23 21.83 -16.76
N GLN D 110 -52.62 21.99 -19.70
CA GLN D 110 -53.91 22.63 -19.87
C GLN D 110 -54.88 21.81 -20.76
N HIS D 111 -54.36 21.01 -21.68
CA HIS D 111 -55.20 20.17 -22.54
C HIS D 111 -55.42 18.79 -21.96
N GLY D 112 -54.95 18.61 -20.72
CA GLY D 112 -55.25 17.42 -19.94
C GLY D 112 -54.32 16.27 -20.21
N LYS D 113 -53.12 16.62 -20.68
CA LYS D 113 -52.09 15.64 -20.99
C LYS D 113 -50.89 15.72 -20.03
N ASP D 114 -50.44 14.55 -19.57
CA ASP D 114 -49.27 14.49 -18.74
C ASP D 114 -48.04 14.76 -19.59
N VAL D 115 -46.91 15.06 -18.99
CA VAL D 115 -45.81 15.49 -19.84
C VAL D 115 -44.43 15.01 -19.41
N LEU D 116 -43.77 14.27 -20.32
CA LEU D 116 -42.35 13.87 -20.22
C LEU D 116 -41.42 14.69 -21.15
N VAL D 117 -40.52 15.46 -20.54
CA VAL D 117 -39.70 16.42 -21.26
C VAL D 117 -38.23 16.11 -21.07
N ASP D 118 -37.40 16.45 -22.03
CA ASP D 118 -35.97 16.22 -21.89
C ASP D 118 -35.42 17.31 -20.94
N LYS D 119 -34.25 17.09 -20.35
CA LYS D 119 -33.62 18.05 -19.45
C LYS D 119 -32.82 19.09 -20.26
N PRO D 120 -32.69 20.33 -19.78
CA PRO D 120 -33.40 20.95 -18.66
C PRO D 120 -34.88 21.07 -19.01
N GLY D 121 -35.72 20.81 -18.03
CA GLY D 121 -37.14 21.03 -18.16
C GLY D 121 -37.49 22.43 -18.60
N MSE D 122 -36.80 23.42 -18.02
CA MSE D 122 -37.01 24.84 -18.33
C MSE D 122 -35.72 25.60 -18.00
O MSE D 122 -34.84 25.04 -17.38
CB MSE D 122 -38.24 25.42 -17.60
CG MSE D 122 -38.02 25.79 -16.16
SE MSE D 122 -37.40 24.36 -14.92
CE MSE D 122 -38.97 23.16 -14.84
N THR D 123 -35.61 26.87 -18.42
CA THR D 123 -34.32 27.54 -18.42
C THR D 123 -34.22 28.81 -17.59
N SER D 124 -35.28 29.16 -16.89
CA SER D 124 -35.35 30.40 -16.13
C SER D 124 -36.23 30.19 -14.91
N PHE D 125 -36.03 31.05 -13.91
CA PHE D 125 -36.83 31.01 -12.67
C PHE D 125 -38.31 31.24 -12.91
N ASP D 126 -38.59 32.18 -13.82
CA ASP D 126 -39.97 32.53 -14.23
C ASP D 126 -40.74 31.29 -14.70
N GLN D 127 -40.10 30.57 -15.63
CA GLN D 127 -40.61 29.36 -16.25
C GLN D 127 -40.83 28.21 -15.26
N LEU D 128 -39.90 28.06 -14.31
CA LEU D 128 -40.09 27.07 -13.26
C LEU D 128 -41.36 27.39 -12.49
N ALA D 129 -41.40 28.60 -11.91
CA ALA D 129 -42.56 29.16 -11.16
C ALA D 129 -43.89 28.95 -11.87
N LYS D 130 -43.92 29.32 -13.16
CA LYS D 130 -45.11 29.13 -13.97
C LYS D 130 -45.47 27.64 -14.11
N LEU D 131 -44.45 26.79 -14.26
CA LEU D 131 -44.66 25.34 -14.33
C LEU D 131 -45.24 24.71 -13.12
N ARG D 132 -44.80 25.16 -11.95
CA ARG D 132 -45.33 24.71 -10.67
C ARG D 132 -46.79 25.09 -10.46
N ARG D 133 -47.12 26.31 -10.81
CA ARG D 133 -48.49 26.73 -10.67
C ARG D 133 -49.43 25.95 -11.51
N VAL D 134 -49.06 25.73 -12.76
CA VAL D 134 -49.84 24.91 -13.68
C VAL D 134 -49.96 23.45 -13.37
N GLN D 135 -48.89 22.80 -12.93
CA GLN D 135 -48.96 21.39 -12.61
C GLN D 135 -49.88 21.19 -11.44
N ALA D 136 -49.80 22.13 -10.51
CA ALA D 136 -50.70 22.16 -9.37
C ALA D 136 -52.16 22.42 -9.70
N GLU D 137 -52.45 23.34 -10.60
CA GLU D 137 -53.82 23.61 -11.02
C GLU D 137 -54.45 22.43 -11.71
N THR D 138 -53.65 21.74 -12.49
CA THR D 138 -54.19 20.72 -13.37
C THR D 138 -54.03 19.33 -12.78
N GLY D 139 -53.02 19.20 -11.92
CA GLY D 139 -52.69 17.92 -11.29
C GLY D 139 -52.29 16.93 -12.35
N ARG D 140 -51.57 17.42 -13.35
CA ARG D 140 -51.01 16.59 -14.40
C ARG D 140 -49.57 16.29 -14.00
N ILE D 141 -48.94 15.34 -14.68
CA ILE D 141 -47.59 14.98 -14.29
C ILE D 141 -46.59 15.65 -15.17
N PHE D 142 -45.66 16.34 -14.53
CA PHE D 142 -44.57 16.96 -15.25
C PHE D 142 -43.28 16.27 -14.90
N SER D 143 -42.72 15.58 -15.89
CA SER D 143 -41.60 14.69 -15.65
C SER D 143 -40.48 15.18 -16.49
N ILE D 144 -39.29 15.17 -15.92
CA ILE D 144 -38.08 15.45 -16.66
C ILE D 144 -37.35 14.14 -16.63
N LEU D 145 -36.92 13.68 -17.81
CA LEU D 145 -36.13 12.45 -17.90
C LEU D 145 -34.64 12.77 -17.77
N TYR D 146 -34.15 12.66 -16.54
CA TYR D 146 -32.73 12.78 -16.24
C TYR D 146 -32.05 11.52 -16.70
N SER D 147 -31.73 11.46 -17.98
CA SER D 147 -31.25 10.20 -18.54
C SER D 147 -29.98 9.68 -17.85
N GLU D 148 -29.24 10.57 -17.18
CA GLU D 148 -27.97 10.11 -16.57
C GLU D 148 -28.08 9.29 -15.27
N HIS D 149 -29.26 9.34 -14.65
CA HIS D 149 -29.73 8.43 -13.60
C HIS D 149 -30.74 7.38 -14.20
N PHE D 150 -31.89 7.82 -14.72
CA PHE D 150 -32.95 6.87 -15.09
C PHE D 150 -32.68 5.98 -16.29
N GLU D 151 -31.76 6.35 -17.13
CA GLU D 151 -31.36 5.43 -18.20
C GLU D 151 -29.87 4.95 -17.97
N SER D 152 -29.48 4.87 -16.68
CA SER D 152 -28.21 4.34 -16.25
C SER D 152 -28.36 3.26 -15.16
N PRO D 153 -28.23 2.00 -15.59
CA PRO D 153 -28.41 0.82 -14.73
C PRO D 153 -27.44 0.82 -13.56
N ALA D 154 -26.19 1.23 -13.83
CA ALA D 154 -25.16 1.28 -12.80
C ALA D 154 -25.55 2.23 -11.68
N THR D 155 -26.15 3.35 -12.05
CA THR D 155 -26.53 4.30 -11.05
C THR D 155 -27.86 3.91 -10.41
N VAL D 156 -28.71 3.24 -11.18
CA VAL D 156 -29.85 2.49 -10.58
C VAL D 156 -29.40 1.38 -9.57
N LYS D 157 -28.48 0.47 -9.91
CA LYS D 157 -28.02 -0.52 -8.90
C LYS D 157 -27.47 0.21 -7.69
N ALA D 158 -26.87 1.39 -7.91
CA ALA D 158 -26.33 2.20 -6.84
C ALA D 158 -27.39 2.60 -5.87
N GLY D 159 -28.51 3.07 -6.41
CA GLY D 159 -29.61 3.57 -5.58
C GLY D 159 -30.07 2.45 -4.67
N GLU D 160 -29.93 1.21 -5.18
CA GLU D 160 -30.49 0.04 -4.49
C GLU D 160 -29.67 -0.34 -3.30
N LEU D 161 -28.38 -0.49 -3.57
CA LEU D 161 -27.38 -0.74 -2.56
C LEU D 161 -27.44 0.31 -1.46
N VAL D 162 -27.57 1.57 -1.86
CA VAL D 162 -27.57 2.65 -0.85
C VAL D 162 -28.81 2.60 0.06
N ALA D 163 -29.98 2.43 -0.53
CA ALA D 163 -31.16 2.22 0.30
C ALA D 163 -31.10 0.90 1.10
N ALA D 164 -30.34 -0.08 0.60
CA ALA D 164 -30.11 -1.31 1.38
C ALA D 164 -29.26 -0.99 2.65
N GLY D 165 -28.46 0.07 2.61
CA GLY D 165 -27.51 0.34 3.68
C GLY D 165 -26.14 -0.30 3.43
N ALA D 166 -25.86 -0.66 2.17
CA ALA D 166 -24.56 -1.24 1.85
C ALA D 166 -23.39 -0.34 2.17
N ILE D 167 -23.59 0.98 2.26
CA ILE D 167 -22.48 1.87 2.65
C ILE D 167 -22.75 2.77 3.87
N GLY D 168 -23.79 2.49 4.63
CA GLY D 168 -24.04 3.30 5.82
C GLY D 168 -24.72 4.57 5.38
N GLU D 169 -24.62 5.63 6.15
CA GLU D 169 -25.31 6.88 5.77
C GLU D 169 -24.48 7.62 4.71
N VAL D 170 -25.14 8.34 3.80
CA VAL D 170 -24.46 9.06 2.74
C VAL D 170 -23.86 10.31 3.34
N VAL D 171 -22.61 10.56 2.98
CA VAL D 171 -21.89 11.64 3.61
C VAL D 171 -21.57 12.67 2.57
N HIS D 172 -21.10 12.19 1.43
CA HIS D 172 -20.63 13.10 0.41
C HIS D 172 -20.86 12.52 -0.95
N ILE D 173 -21.30 13.34 -1.89
CA ILE D 173 -21.56 12.82 -3.21
C ILE D 173 -20.71 13.57 -4.21
N VAL D 174 -19.96 12.92 -5.07
CA VAL D 174 -19.17 13.68 -6.02
C VAL D 174 -19.64 13.39 -7.41
N GLY D 175 -19.99 14.39 -8.19
CA GLY D 175 -20.42 14.07 -9.52
C GLY D 175 -19.59 14.66 -10.60
N LEU D 176 -19.11 13.87 -11.54
CA LEU D 176 -18.36 14.43 -12.64
C LEU D 176 -19.06 14.19 -13.94
N GLY D 177 -19.30 15.24 -14.69
CA GLY D 177 -19.98 15.06 -15.94
C GLY D 177 -19.49 15.65 -17.21
N PRO D 178 -18.43 15.14 -17.76
CA PRO D 178 -17.95 15.60 -19.03
C PRO D 178 -18.83 15.20 -20.17
N HIS D 179 -18.90 16.02 -21.18
CA HIS D 179 -19.64 15.70 -22.38
C HIS D 179 -18.81 16.09 -23.55
N ARG D 180 -19.09 15.49 -24.69
CA ARG D 180 -18.39 15.82 -25.95
C ARG D 180 -19.16 16.92 -26.71
N LEU D 181 -18.41 17.94 -27.17
CA LEU D 181 -18.98 19.11 -27.86
C LEU D 181 -19.56 18.89 -29.27
N ARG D 182 -18.85 18.19 -30.16
CA ARG D 182 -19.35 17.96 -31.53
C ARG D 182 -19.77 19.33 -32.07
N ARG D 183 -18.88 20.31 -32.00
CA ARG D 183 -19.30 21.69 -32.24
C ARG D 183 -19.92 21.82 -33.62
N GLU D 184 -19.28 21.18 -34.61
CA GLU D 184 -19.73 21.16 -35.99
C GLU D 184 -21.13 20.55 -36.10
N THR D 185 -21.43 19.52 -35.29
CA THR D 185 -22.74 18.87 -35.31
C THR D 185 -23.89 19.69 -34.67
N ARG D 186 -23.57 20.76 -33.91
CA ARG D 186 -24.56 21.46 -33.04
C ARG D 186 -25.42 22.52 -33.71
N PRO D 187 -26.73 22.54 -33.40
CA PRO D 187 -27.67 23.52 -33.93
C PRO D 187 -27.29 24.89 -33.43
N ASP D 188 -27.91 25.95 -33.97
CA ASP D 188 -27.53 27.31 -33.63
C ASP D 188 -27.84 27.65 -32.19
N TRP D 189 -28.97 27.17 -31.68
CA TRP D 189 -29.41 27.61 -30.35
C TRP D 189 -28.57 27.07 -29.20
N PHE D 190 -27.91 25.95 -29.44
CA PHE D 190 -27.03 25.30 -28.45
C PHE D 190 -26.08 26.35 -27.84
N PHE D 191 -25.80 27.40 -28.63
CA PHE D 191 -24.80 28.41 -28.28
C PHE D 191 -25.37 29.73 -27.75
N ARG D 192 -26.66 29.76 -27.54
CA ARG D 192 -27.30 31.00 -27.20
C ARG D 192 -27.71 30.91 -25.75
N ARG D 193 -27.11 31.75 -24.92
CA ARG D 193 -27.34 31.65 -23.50
C ARG D 193 -28.82 31.64 -23.19
N ALA D 194 -29.58 32.55 -23.79
CA ALA D 194 -31.00 32.58 -23.52
C ALA D 194 -31.72 31.29 -24.01
N ASP D 195 -31.17 30.65 -25.03
CA ASP D 195 -31.85 29.46 -25.52
C ASP D 195 -31.51 28.11 -24.87
N TYR D 196 -30.26 27.95 -24.43
CA TYR D 196 -29.86 26.72 -23.75
C TYR D 196 -29.83 26.79 -22.22
N GLY D 197 -29.59 27.96 -21.63
CA GLY D 197 -29.79 28.15 -20.19
C GLY D 197 -28.53 28.26 -19.34
N GLY D 198 -27.37 27.94 -19.93
CA GLY D 198 -26.08 27.92 -19.22
C GLY D 198 -25.67 26.51 -18.81
N ILE D 199 -24.39 26.28 -18.54
CA ILE D 199 -23.91 24.92 -18.46
C ILE D 199 -24.43 24.14 -17.25
N LEU D 200 -24.68 24.86 -16.17
CA LEU D 200 -25.21 24.22 -14.98
C LEU D 200 -26.70 23.86 -15.09
N THR D 201 -27.49 24.76 -15.65
CA THR D 201 -28.90 24.49 -15.90
C THR D 201 -29.07 23.32 -16.82
N ASP D 202 -28.17 23.22 -17.80
CA ASP D 202 -28.28 22.29 -18.86
C ASP D 202 -27.78 20.98 -18.33
N ILE D 203 -26.49 20.91 -18.03
CA ILE D 203 -25.94 19.57 -17.91
C ILE D 203 -25.61 19.13 -16.52
N ALA D 204 -25.88 20.02 -15.57
CA ALA D 204 -25.57 19.73 -14.20
C ALA D 204 -26.86 19.40 -13.53
N SER D 205 -27.95 19.70 -14.21
CA SER D 205 -29.27 19.25 -13.77
C SER D 205 -29.36 17.73 -13.41
N HIS D 206 -28.73 16.87 -14.23
CA HIS D 206 -28.61 15.42 -13.95
C HIS D 206 -28.10 15.24 -12.56
N GLN D 207 -26.98 15.90 -12.26
CA GLN D 207 -26.26 15.66 -11.02
C GLN D 207 -27.04 16.18 -9.85
N CYS D 208 -27.70 17.33 -10.04
CA CYS D 208 -28.61 17.88 -9.05
C CYS D 208 -29.68 16.86 -8.69
N GLU D 209 -30.33 16.27 -9.70
CA GLU D 209 -31.34 15.27 -9.40
C GLU D 209 -30.75 14.15 -8.55
N GLN D 210 -29.65 13.56 -9.05
CA GLN D 210 -28.96 12.49 -8.34
C GLN D 210 -28.59 12.87 -6.92
N PHE D 211 -28.15 14.09 -6.72
CA PHE D 211 -27.75 14.47 -5.43
C PHE D 211 -28.94 14.34 -4.52
N LEU D 212 -30.02 15.02 -4.87
CA LEU D 212 -31.29 14.94 -4.15
C LEU D 212 -31.77 13.52 -3.90
N PHE D 213 -31.61 12.66 -4.90
CA PHE D 213 -32.08 11.31 -4.81
C PHE D 213 -31.25 10.50 -3.80
N PHE D 214 -29.94 10.69 -3.77
CA PHE D 214 -29.10 9.74 -3.05
C PHE D 214 -29.08 10.05 -1.59
N THR D 215 -29.62 11.23 -1.26
CA THR D 215 -29.63 11.75 0.09
C THR D 215 -31.04 11.72 0.61
N GLY D 216 -32.00 11.37 -0.22
CA GLY D 216 -33.41 11.33 0.22
C GLY D 216 -34.03 12.65 0.67
N VAL D 217 -33.24 13.71 0.72
CA VAL D 217 -33.79 15.02 0.99
C VAL D 217 -34.46 15.50 -0.27
N ASN D 218 -35.05 16.69 -0.18
CA ASN D 218 -35.85 17.25 -1.25
C ASN D 218 -35.63 18.78 -1.29
N ASP D 219 -34.75 19.24 -0.41
CA ASP D 219 -34.23 20.62 -0.47
C ASP D 219 -32.74 20.66 -0.05
N ALA D 220 -31.97 21.53 -0.71
CA ALA D 220 -30.53 21.70 -0.46
C ALA D 220 -30.05 23.15 -0.66
N THR D 221 -28.79 23.43 -0.32
CA THR D 221 -28.19 24.76 -0.39
C THR D 221 -27.00 24.78 -1.33
N VAL D 222 -26.86 25.82 -2.12
CA VAL D 222 -25.71 25.93 -2.99
C VAL D 222 -24.66 26.69 -2.24
N LEU D 223 -23.58 26.04 -1.86
CA LEU D 223 -22.55 26.80 -1.18
C LEU D 223 -21.88 27.71 -2.15
N SER D 224 -21.66 27.26 -3.37
CA SER D 224 -20.99 28.10 -4.35
C SER D 224 -21.14 27.48 -5.71
N ALA D 225 -20.76 28.22 -6.75
CA ALA D 225 -20.95 27.76 -8.09
C ALA D 225 -20.13 28.62 -9.04
N SER D 226 -19.67 28.01 -10.12
CA SER D 226 -18.79 28.71 -11.05
C SER D 226 -18.97 28.20 -12.48
N VAL D 227 -18.82 29.08 -13.46
CA VAL D 227 -18.87 28.68 -14.86
C VAL D 227 -17.81 29.42 -15.63
N GLY D 228 -17.43 28.89 -16.77
CA GLY D 228 -16.47 29.63 -17.57
C GLY D 228 -16.56 29.23 -19.01
N ASN D 229 -15.91 30.00 -19.88
CA ASN D 229 -15.61 29.58 -21.24
C ASN D 229 -14.09 29.64 -21.47
N GLN D 230 -13.41 28.49 -21.58
CA GLN D 230 -11.95 28.56 -21.72
C GLN D 230 -11.41 27.96 -23.01
N SER D 231 -12.25 27.30 -23.81
CA SER D 231 -11.73 26.66 -25.01
C SER D 231 -12.52 27.01 -26.25
N VAL D 232 -13.69 27.60 -26.09
CA VAL D 232 -14.47 27.97 -27.26
C VAL D 232 -14.70 29.47 -27.32
N PRO D 233 -13.64 30.23 -27.67
CA PRO D 233 -13.85 31.70 -27.67
C PRO D 233 -14.80 32.12 -28.80
N ASP D 234 -14.86 31.31 -29.86
CA ASP D 234 -15.73 31.58 -31.00
C ASP D 234 -17.24 31.49 -30.70
N ALA D 235 -17.54 31.35 -29.41
CA ALA D 235 -18.90 31.23 -28.91
C ALA D 235 -18.87 31.87 -27.54
N PRO D 236 -18.90 33.20 -27.50
CA PRO D 236 -18.80 33.88 -26.22
C PRO D 236 -19.98 33.61 -25.25
N GLU D 237 -21.16 33.28 -25.77
CA GLU D 237 -22.29 32.98 -24.89
C GLU D 237 -22.28 31.53 -24.34
N LEU D 238 -21.45 30.65 -24.91
CA LEU D 238 -21.39 29.26 -24.43
C LEU D 238 -20.51 29.12 -23.21
N GLN D 239 -21.04 28.43 -22.21
CA GLN D 239 -20.26 28.01 -21.09
C GLN D 239 -19.81 26.56 -21.29
N ASP D 240 -18.63 26.31 -20.79
CA ASP D 240 -17.71 25.33 -21.26
C ASP D 240 -17.25 24.41 -20.11
N THR D 241 -17.33 24.98 -18.90
CA THR D 241 -16.94 24.35 -17.65
C THR D 241 -17.87 24.85 -16.55
N GLY D 242 -18.25 23.97 -15.62
CA GLY D 242 -19.12 24.35 -14.55
C GLY D 242 -18.78 23.56 -13.32
N SER D 243 -18.93 24.16 -12.15
CA SER D 243 -18.83 23.36 -10.93
C SER D 243 -19.75 23.86 -9.89
N ILE D 244 -20.12 23.00 -8.96
CA ILE D 244 -20.91 23.45 -7.84
C ILE D 244 -20.76 22.63 -6.55
N HIS D 245 -20.85 23.37 -5.44
CA HIS D 245 -20.66 22.86 -4.09
C HIS D 245 -22.00 22.90 -3.37
N LEU D 246 -22.50 21.74 -2.96
CA LEU D 246 -23.87 21.60 -2.45
C LEU D 246 -23.87 21.03 -1.06
N SER D 247 -24.89 21.31 -0.25
CA SER D 247 -25.04 20.58 1.01
C SER D 247 -26.47 20.55 1.52
N THR D 248 -26.75 19.61 2.43
CA THR D 248 -28.04 19.48 3.11
C THR D 248 -27.94 19.54 4.65
N GLY D 249 -26.81 19.99 5.16
CA GLY D 249 -26.60 19.85 6.61
C GLY D 249 -26.02 18.50 7.08
N ARG D 250 -26.63 17.36 6.70
CA ARG D 250 -26.00 16.06 7.03
C ARG D 250 -25.06 15.50 5.91
N THR D 251 -25.20 16.05 4.70
CA THR D 251 -24.59 15.50 3.49
C THR D 251 -24.07 16.61 2.61
N THR D 252 -22.88 16.41 2.10
CA THR D 252 -22.26 17.44 1.32
C THR D 252 -22.16 16.89 -0.10
N GLY D 253 -22.08 17.75 -1.12
CA GLY D 253 -21.84 17.29 -2.49
C GLY D 253 -21.01 18.17 -3.42
N MSE D 254 -20.43 17.54 -4.44
CA MSE D 254 -19.64 18.26 -5.45
C MSE D 254 -19.93 17.84 -6.88
O MSE D 254 -19.97 16.66 -7.17
CB MSE D 254 -18.18 18.05 -5.20
CG MSE D 254 -17.53 19.17 -4.42
SE MSE D 254 -15.80 18.55 -3.68
CE MSE D 254 -15.36 17.02 -4.85
N ILE D 255 -20.13 18.80 -7.77
CA ILE D 255 -20.43 18.52 -9.16
C ILE D 255 -19.54 19.28 -10.10
N HIS D 256 -19.01 18.61 -11.10
CA HIS D 256 -18.34 19.27 -12.19
C HIS D 256 -18.84 18.80 -13.54
N VAL D 257 -19.09 19.70 -14.46
CA VAL D 257 -19.51 19.35 -15.77
C VAL D 257 -18.71 20.13 -16.77
N ASN D 258 -18.45 19.56 -17.91
CA ASN D 258 -17.70 20.22 -18.90
C ASN D 258 -18.12 19.75 -20.25
N TRP D 259 -17.76 20.50 -21.28
CA TRP D 259 -18.00 20.21 -22.68
C TRP D 259 -16.67 19.89 -23.24
N LEU D 260 -15.84 19.36 -22.39
CA LEU D 260 -14.47 19.06 -22.70
C LEU D 260 -13.98 17.69 -23.09
N THR D 261 -14.84 16.70 -23.24
CA THR D 261 -14.47 15.34 -23.57
C THR D 261 -13.48 15.31 -24.73
N PRO D 262 -12.33 14.68 -24.54
CA PRO D 262 -11.29 14.56 -25.59
C PRO D 262 -11.69 13.66 -26.76
N GLU D 263 -11.12 13.90 -27.95
CA GLU D 263 -11.51 13.20 -29.18
C GLU D 263 -11.29 11.71 -29.05
N GLY D 264 -10.14 11.32 -28.53
CA GLY D 264 -9.81 9.88 -28.42
C GLY D 264 -10.57 8.98 -27.44
N MSE D 265 -11.38 9.60 -26.59
CA MSE D 265 -12.33 8.97 -25.68
C MSE D 265 -13.38 8.10 -26.42
O MSE D 265 -14.10 8.60 -27.28
CB MSE D 265 -13.06 10.08 -24.90
CG MSE D 265 -13.95 9.64 -23.80
SE MSE D 265 -12.91 9.01 -22.26
CE MSE D 265 -14.01 7.45 -21.94
N PRO D 266 -13.47 6.80 -26.10
CA PRO D 266 -14.35 5.89 -26.87
C PRO D 266 -15.81 6.28 -26.92
N THR D 267 -16.32 7.03 -25.95
CA THR D 267 -17.75 7.38 -25.91
C THR D 267 -17.99 8.86 -25.63
N TRP D 268 -19.21 9.25 -25.28
CA TRP D 268 -19.44 10.69 -25.21
C TRP D 268 -18.99 11.37 -23.92
N GLY D 269 -18.75 10.63 -22.84
CA GLY D 269 -18.17 11.26 -21.63
C GLY D 269 -17.84 10.30 -20.52
N ASP D 270 -16.59 10.29 -20.05
CA ASP D 270 -16.21 9.35 -19.00
C ASP D 270 -16.80 9.87 -17.69
N GLY D 271 -18.12 9.71 -17.53
CA GLY D 271 -18.86 10.27 -16.40
C GLY D 271 -18.62 9.45 -15.16
N ARG D 272 -18.51 10.12 -14.01
CA ARG D 272 -18.29 9.39 -12.74
C ARG D 272 -19.26 9.85 -11.70
N LEU D 273 -19.65 8.92 -10.85
CA LEU D 273 -20.37 9.24 -9.64
C LEU D 273 -19.71 8.56 -8.44
N PHE D 274 -19.27 9.34 -7.46
CA PHE D 274 -18.77 8.80 -6.20
C PHE D 274 -19.76 9.06 -5.07
N ILE D 275 -20.13 7.99 -4.38
CA ILE D 275 -21.01 8.15 -3.25
C ILE D 275 -20.22 7.72 -2.02
N VAL D 276 -19.95 8.64 -1.12
CA VAL D 276 -19.09 8.31 0.01
C VAL D 276 -19.93 8.11 1.26
N GLY D 277 -19.93 6.88 1.77
CA GLY D 277 -20.70 6.57 2.98
C GLY D 277 -19.85 6.28 4.20
N THR D 278 -20.49 6.19 5.37
CA THR D 278 -19.81 6.04 6.68
C THR D 278 -19.13 4.68 6.83
N SER D 279 -19.71 3.67 6.19
CA SER D 279 -19.22 2.31 6.30
C SER D 279 -18.59 1.84 4.98
N GLY D 280 -18.85 2.57 3.91
CA GLY D 280 -18.25 2.24 2.61
C GLY D 280 -18.48 3.29 1.54
N THR D 281 -18.04 2.98 0.33
CA THR D 281 -18.03 3.93 -0.76
C THR D 281 -18.39 3.21 -2.04
N ILE D 282 -19.18 3.85 -2.90
CA ILE D 282 -19.43 3.33 -4.25
C ILE D 282 -18.90 4.28 -5.34
N GLU D 283 -18.29 3.76 -6.40
CA GLU D 283 -17.90 4.56 -7.56
C GLU D 283 -18.57 4.01 -8.79
N VAL D 284 -19.30 4.84 -9.50
CA VAL D 284 -19.95 4.39 -10.70
C VAL D 284 -19.24 5.03 -11.86
N ARG D 285 -18.70 4.20 -12.75
CA ARG D 285 -18.21 4.71 -14.02
C ARG D 285 -19.29 4.38 -15.05
N LYS D 286 -19.82 5.43 -15.68
CA LYS D 286 -21.15 5.36 -16.30
C LYS D 286 -21.17 4.80 -17.71
N THR D 287 -20.11 5.09 -18.43
CA THR D 287 -20.10 5.01 -19.85
C THR D 287 -18.92 4.17 -20.28
N VAL D 288 -17.83 4.20 -19.53
CA VAL D 288 -16.62 3.49 -19.88
C VAL D 288 -15.74 3.20 -18.68
N ASP D 289 -14.81 2.28 -18.84
CA ASP D 289 -13.76 2.07 -17.89
C ASP D 289 -12.45 2.26 -18.61
N LEU D 290 -11.80 3.39 -18.41
CA LEU D 290 -10.53 3.65 -18.98
C LEU D 290 -9.52 2.81 -18.33
N ALA D 291 -8.52 2.35 -19.03
CA ALA D 291 -8.47 1.66 -20.23
C ALA D 291 -8.60 0.28 -19.68
N GLY D 292 -9.77 -0.10 -19.21
CA GLY D 292 -9.93 -1.37 -18.58
C GLY D 292 -11.02 -2.23 -19.13
N ARG D 293 -11.99 -2.54 -18.32
CA ARG D 293 -13.08 -3.39 -18.70
C ARG D 293 -13.90 -2.81 -19.80
N GLU D 294 -14.51 -3.66 -20.61
CA GLU D 294 -15.30 -3.25 -21.76
C GLU D 294 -16.67 -2.65 -21.50
N GLY D 295 -17.08 -1.72 -22.35
CA GLY D 295 -18.34 -1.00 -22.17
C GLY D 295 -18.43 -0.08 -20.95
N GLY D 296 -19.64 0.37 -20.62
CA GLY D 296 -20.01 0.82 -19.26
C GLY D 296 -20.69 -0.40 -18.69
N ASN D 297 -21.57 -0.28 -17.72
CA ASN D 297 -21.59 0.75 -16.77
C ASN D 297 -21.31 0.08 -15.40
N HIS D 298 -20.16 0.46 -14.85
CA HIS D 298 -19.47 -0.29 -13.84
C HIS D 298 -19.67 0.34 -12.52
N LEU D 299 -19.91 -0.50 -11.54
CA LEU D 299 -20.13 -0.06 -10.21
C LEU D 299 -19.06 -0.73 -9.34
N PHE D 300 -18.32 0.07 -8.57
CA PHE D 300 -17.30 -0.46 -7.67
C PHE D 300 -17.73 -0.22 -6.29
N LEU D 301 -17.83 -1.29 -5.52
CA LEU D 301 -18.23 -1.17 -4.13
C LEU D 301 -17.05 -1.50 -3.24
N ALA D 302 -16.64 -0.56 -2.40
CA ALA D 302 -15.64 -0.84 -1.40
C ALA D 302 -16.38 -0.80 -0.10
N ASP D 303 -16.07 -1.75 0.76
CA ASP D 303 -17.01 -2.15 1.81
C ASP D 303 -16.40 -2.48 3.18
N ARG D 304 -17.25 -2.73 4.19
CA ARG D 304 -16.80 -3.44 5.42
C ARG D 304 -16.03 -4.72 5.06
N ASN D 305 -16.51 -5.47 4.05
CA ASN D 305 -15.95 -6.78 3.71
C ASN D 305 -14.85 -6.77 2.68
N GLY D 306 -15.01 -5.99 1.62
CA GLY D 306 -13.95 -5.98 0.62
C GLY D 306 -14.22 -4.98 -0.47
N VAL D 307 -13.73 -5.30 -1.66
CA VAL D 307 -13.90 -4.47 -2.81
C VAL D 307 -14.33 -5.38 -3.93
N GLU D 308 -15.40 -4.99 -4.59
CA GLU D 308 -16.06 -5.81 -5.58
C GLU D 308 -16.52 -4.94 -6.75
N HIS D 309 -16.46 -5.48 -7.95
CA HIS D 309 -17.00 -4.81 -9.11
C HIS D 309 -18.30 -5.49 -9.46
N ILE D 310 -19.39 -4.78 -9.49
CA ILE D 310 -20.62 -5.33 -10.07
C ILE D 310 -20.78 -4.88 -11.51
N ASP D 311 -20.92 -5.82 -12.44
CA ASP D 311 -21.29 -5.46 -13.83
C ASP D 311 -22.80 -5.24 -13.93
N CYS D 312 -23.21 -4.04 -14.36
CA CYS D 312 -24.61 -3.65 -14.18
C CYS D 312 -25.48 -3.63 -15.44
N SER D 313 -24.92 -4.07 -16.54
CA SER D 313 -25.55 -3.97 -17.87
C SER D 313 -26.94 -4.62 -18.02
N ARG D 314 -27.22 -5.66 -17.24
CA ARG D 314 -28.53 -6.31 -17.21
C ARG D 314 -29.44 -5.89 -16.02
N VAL D 315 -29.12 -4.82 -15.28
CA VAL D 315 -30.09 -4.41 -14.24
C VAL D 315 -31.29 -3.63 -14.84
N ASP D 316 -32.48 -3.88 -14.33
CA ASP D 316 -33.65 -3.34 -14.99
C ASP D 316 -33.80 -1.85 -14.70
N LEU D 317 -34.26 -1.14 -15.73
CA LEU D 317 -34.52 0.30 -15.68
C LEU D 317 -36.01 0.59 -15.38
N PRO D 318 -36.38 0.78 -14.09
CA PRO D 318 -37.81 0.80 -13.79
C PRO D 318 -38.58 2.14 -14.07
N PHE D 319 -37.91 3.20 -14.50
CA PHE D 319 -38.59 4.47 -14.71
C PHE D 319 -39.80 4.31 -15.64
N GLY D 320 -39.63 3.59 -16.74
CA GLY D 320 -40.72 3.38 -17.71
C GLY D 320 -41.98 2.74 -17.15
N ARG D 321 -41.84 1.59 -16.48
CA ARG D 321 -43.00 0.91 -15.90
C ARG D 321 -43.59 1.83 -14.87
N GLN D 322 -42.73 2.35 -14.00
CA GLN D 322 -43.20 3.11 -12.85
C GLN D 322 -43.89 4.37 -13.33
N PHE D 323 -43.46 4.93 -14.45
CA PHE D 323 -44.02 6.20 -14.94
C PHE D 323 -45.40 6.00 -15.57
N LEU D 324 -45.56 5.01 -16.44
CA LEU D 324 -46.89 4.71 -16.94
C LEU D 324 -47.82 4.50 -15.77
N ALA D 325 -47.47 3.58 -14.88
CA ALA D 325 -48.21 3.36 -13.63
C ALA D 325 -48.61 4.68 -12.91
N ASP D 326 -47.72 5.66 -12.91
CA ASP D 326 -48.02 6.90 -12.25
C ASP D 326 -49.17 7.55 -13.02
N ILE D 327 -49.05 7.61 -14.35
CA ILE D 327 -50.13 8.13 -15.17
C ILE D 327 -51.46 7.44 -14.80
N ARG D 328 -51.50 6.11 -14.86
CA ARG D 328 -52.72 5.34 -14.53
C ARG D 328 -53.22 5.65 -13.14
N ASP D 329 -52.33 5.80 -12.17
CA ASP D 329 -52.74 5.77 -10.78
C ASP D 329 -52.77 7.16 -10.12
N ARG D 330 -52.40 8.19 -10.85
CA ARG D 330 -52.18 9.53 -10.25
C ARG D 330 -51.18 9.54 -9.08
N THR D 331 -50.33 8.52 -9.02
CA THR D 331 -49.22 8.49 -8.09
C THR D 331 -47.93 9.14 -8.64
N GLU D 332 -46.90 9.13 -7.80
CA GLU D 332 -45.58 9.63 -8.19
C GLU D 332 -44.42 8.67 -7.81
N THR D 333 -44.58 7.39 -8.16
CA THR D 333 -43.65 6.36 -7.75
C THR D 333 -42.30 6.41 -8.46
N ALA D 334 -42.26 6.82 -9.74
CA ALA D 334 -41.01 6.97 -10.52
C ALA D 334 -40.07 8.06 -10.02
N MSE D 335 -40.62 9.25 -9.78
CA MSE D 335 -39.88 10.35 -9.18
C MSE D 335 -40.85 11.29 -8.44
O MSE D 335 -41.84 11.70 -8.99
CB MSE D 335 -39.12 11.10 -10.25
CG MSE D 335 -38.40 12.32 -9.73
SE MSE D 335 -37.38 13.20 -11.14
CE MSE D 335 -38.58 12.88 -12.71
N PRO D 336 -40.57 11.62 -7.18
CA PRO D 336 -41.51 12.53 -6.54
C PRO D 336 -41.50 13.88 -7.25
N GLN D 337 -42.70 14.39 -7.54
CA GLN D 337 -42.91 15.64 -8.30
C GLN D 337 -42.16 16.82 -7.71
N GLU D 338 -42.15 16.97 -6.38
CA GLU D 338 -41.41 18.09 -5.77
C GLU D 338 -39.88 18.03 -6.03
N ARG D 339 -39.35 16.83 -6.24
CA ARG D 339 -37.92 16.67 -6.51
C ARG D 339 -37.57 17.03 -7.94
N CYS D 340 -38.35 16.50 -8.88
CA CYS D 340 -38.23 16.86 -10.27
C CYS D 340 -38.06 18.36 -10.42
N PHE D 341 -38.89 19.11 -9.70
CA PHE D 341 -38.82 20.55 -9.65
C PHE D 341 -37.63 21.05 -8.86
N LYS D 342 -37.37 20.43 -7.70
CA LYS D 342 -36.34 20.94 -6.80
C LYS D 342 -34.96 20.76 -7.40
N ALA D 343 -34.81 19.73 -8.22
CA ALA D 343 -33.58 19.45 -8.97
C ALA D 343 -33.28 20.51 -10.01
N MSE D 344 -34.32 20.94 -10.72
CA MSE D 344 -34.16 22.04 -11.64
C MSE D 344 -33.86 23.32 -10.91
O MSE D 344 -33.04 24.11 -11.37
CB MSE D 344 -35.40 22.17 -12.54
CG MSE D 344 -35.43 21.15 -13.64
SE MSE D 344 -33.83 21.29 -14.77
CE MSE D 344 -33.64 19.45 -15.27
N GLU D 345 -34.50 23.52 -9.76
CA GLU D 345 -34.26 24.72 -8.96
C GLU D 345 -32.79 24.84 -8.59
N LEU D 346 -32.19 23.76 -8.10
CA LEU D 346 -30.79 23.82 -7.69
C LEU D 346 -29.92 24.32 -8.83
N ALA D 347 -30.06 23.66 -9.98
CA ALA D 347 -29.32 23.96 -11.19
C ALA D 347 -29.48 25.41 -11.59
N LEU D 348 -30.71 25.94 -11.49
CA LEU D 348 -30.98 27.33 -11.84
C LEU D 348 -30.33 28.27 -10.86
N GLN D 349 -30.39 27.91 -9.57
CA GLN D 349 -29.78 28.72 -8.50
C GLN D 349 -28.31 28.71 -8.69
N ALA D 350 -27.78 27.56 -9.08
CA ALA D 350 -26.37 27.46 -9.32
C ALA D 350 -26.00 28.36 -10.48
N GLN D 351 -26.87 28.45 -11.47
CA GLN D 351 -26.54 29.27 -12.63
C GLN D 351 -26.50 30.76 -12.27
N ALA D 352 -27.54 31.23 -11.59
CA ALA D 352 -27.62 32.62 -11.19
C ALA D 352 -26.40 33.06 -10.37
N ILE D 353 -25.94 32.20 -9.47
CA ILE D 353 -24.82 32.60 -8.63
C ILE D 353 -23.42 32.40 -9.27
N ALA D 354 -23.37 31.68 -10.38
CA ALA D 354 -22.12 31.61 -11.11
C ALA D 354 -21.99 32.88 -11.95
N GLU D 355 -23.08 33.65 -12.03
CA GLU D 355 -23.15 34.88 -12.87
C GLU D 355 -23.33 36.22 -12.09
N GLU E 26 -32.60 -14.63 -22.33
CA GLU E 26 -32.82 -13.62 -23.42
C GLU E 26 -31.88 -13.96 -24.57
N LEU E 27 -32.23 -13.59 -25.81
CA LEU E 27 -31.30 -13.64 -26.92
C LEU E 27 -30.59 -12.29 -27.04
N ARG E 28 -29.30 -12.30 -27.35
CA ARG E 28 -28.56 -11.05 -27.58
C ARG E 28 -28.05 -10.86 -29.03
N PHE E 29 -28.37 -9.73 -29.67
CA PHE E 29 -27.95 -9.53 -31.06
C PHE E 29 -27.02 -8.36 -31.20
N ALA E 30 -26.23 -8.34 -32.27
CA ALA E 30 -25.54 -7.10 -32.69
C ALA E 30 -25.96 -6.66 -34.09
N ALA E 31 -25.82 -5.37 -34.35
CA ALA E 31 -26.07 -4.80 -35.66
C ALA E 31 -24.77 -4.62 -36.41
N VAL E 32 -24.61 -5.33 -37.51
CA VAL E 32 -23.37 -5.22 -38.27
C VAL E 32 -23.64 -4.68 -39.67
N GLY E 33 -23.45 -3.37 -39.85
CA GLY E 33 -23.61 -2.69 -41.16
C GLY E 33 -24.91 -1.92 -41.27
N LEU E 34 -24.83 -0.59 -41.30
CA LEU E 34 -26.01 0.27 -41.15
C LEU E 34 -26.18 1.24 -42.31
N ASN E 35 -25.84 0.75 -43.51
CA ASN E 35 -25.98 1.55 -44.71
C ASN E 35 -27.44 1.81 -45.14
N HIS E 36 -28.42 1.18 -44.49
CA HIS E 36 -29.80 1.49 -44.81
C HIS E 36 -30.67 1.62 -43.55
N ASN E 37 -31.52 2.66 -43.53
CA ASN E 37 -32.59 2.88 -42.52
C ASN E 37 -33.34 1.67 -42.03
N HIS E 38 -33.40 0.67 -42.90
CA HIS E 38 -34.11 -0.51 -42.56
C HIS E 38 -33.46 -1.20 -41.36
N ILE E 39 -32.24 -0.80 -41.04
CA ILE E 39 -31.61 -1.19 -39.80
C ILE E 39 -32.47 -0.89 -38.56
N TYR E 40 -33.08 0.32 -38.51
CA TYR E 40 -33.88 0.75 -37.38
C TYR E 40 -35.12 -0.08 -37.26
N GLY E 41 -35.68 -0.47 -38.40
CA GLY E 41 -36.84 -1.35 -38.42
C GLY E 41 -36.55 -2.75 -37.92
N GLN E 42 -35.40 -3.31 -38.33
CA GLN E 42 -35.03 -4.63 -37.85
C GLN E 42 -34.76 -4.57 -36.36
N VAL E 43 -34.08 -3.52 -35.92
CA VAL E 43 -33.68 -3.46 -34.55
C VAL E 43 -34.90 -3.28 -33.69
N ASN E 44 -35.84 -2.44 -34.14
CA ASN E 44 -37.01 -2.23 -33.31
C ASN E 44 -37.83 -3.50 -33.25
N CYS E 45 -37.84 -4.18 -34.37
CA CYS E 45 -38.58 -5.39 -34.49
C CYS E 45 -38.10 -6.34 -33.41
N LEU E 46 -36.80 -6.51 -33.31
CA LEU E 46 -36.26 -7.42 -32.34
C LEU E 46 -36.48 -6.93 -30.91
N LEU E 47 -36.29 -5.64 -30.67
CA LEU E 47 -36.50 -5.07 -29.35
C LEU E 47 -37.92 -5.36 -28.84
N ARG E 48 -38.88 -5.17 -29.72
CA ARG E 48 -40.30 -5.26 -29.39
C ARG E 48 -40.64 -6.67 -28.93
N ALA E 49 -39.98 -7.65 -29.54
CA ALA E 49 -40.15 -9.06 -29.21
C ALA E 49 -39.34 -9.45 -27.95
N GLY E 50 -38.46 -8.54 -27.50
CA GLY E 50 -37.73 -8.78 -26.30
C GLY E 50 -36.30 -9.25 -26.36
N ALA E 51 -35.68 -9.29 -27.54
CA ALA E 51 -34.21 -9.50 -27.57
C ALA E 51 -33.47 -8.23 -27.15
N ARG E 52 -32.21 -8.38 -26.76
CA ARG E 52 -31.43 -7.28 -26.23
C ARG E 52 -30.30 -6.93 -27.20
N LEU E 53 -30.05 -5.65 -27.37
CA LEU E 53 -29.08 -5.12 -28.33
C LEU E 53 -27.72 -5.06 -27.67
N ALA E 54 -26.88 -6.04 -27.95
CA ALA E 54 -25.52 -6.16 -27.39
C ALA E 54 -24.61 -5.04 -27.87
N GLY E 55 -24.48 -4.89 -29.19
CA GLY E 55 -23.69 -3.78 -29.76
C GLY E 55 -23.91 -3.61 -31.25
N PHE E 56 -23.05 -2.81 -31.87
CA PHE E 56 -23.03 -2.71 -33.30
C PHE E 56 -21.62 -2.49 -33.81
N HIS E 57 -21.44 -2.69 -35.11
CA HIS E 57 -20.22 -2.37 -35.77
C HIS E 57 -20.58 -1.57 -36.99
N GLU E 58 -19.91 -0.44 -37.19
CA GLU E 58 -20.02 0.32 -38.44
C GLU E 58 -18.76 1.09 -38.73
N LYS E 59 -18.20 0.93 -39.93
CA LYS E 59 -16.96 1.58 -40.32
C LYS E 59 -17.18 3.10 -40.44
N ASP E 60 -18.29 3.51 -41.07
CA ASP E 60 -18.57 4.95 -41.32
C ASP E 60 -18.85 5.79 -40.05
N ASP E 61 -17.88 6.62 -39.67
CA ASP E 61 -18.01 7.40 -38.45
C ASP E 61 -19.34 8.24 -38.39
N ALA E 62 -19.87 8.71 -39.53
CA ALA E 62 -21.18 9.41 -39.56
C ALA E 62 -22.42 8.49 -39.40
N LEU E 63 -22.38 7.31 -40.02
CA LEU E 63 -23.42 6.33 -39.81
C LEU E 63 -23.50 5.88 -38.35
N ALA E 64 -22.36 5.83 -37.68
CA ALA E 64 -22.32 5.30 -36.34
C ALA E 64 -22.78 6.36 -35.32
N ALA E 65 -22.48 7.62 -35.64
CA ALA E 65 -23.00 8.73 -34.89
C ALA E 65 -24.51 8.62 -34.79
N GLU E 66 -25.16 8.56 -35.95
CA GLU E 66 -26.60 8.51 -36.08
C GLU E 66 -27.22 7.41 -35.22
N PHE E 67 -26.54 6.26 -35.21
CA PHE E 67 -27.09 5.10 -34.57
C PHE E 67 -27.04 5.28 -33.09
N SER E 68 -25.90 5.78 -32.62
CA SER E 68 -25.64 6.01 -31.22
C SER E 68 -26.59 7.05 -30.66
N ALA E 69 -27.01 7.96 -31.53
CA ALA E 69 -27.94 8.98 -31.14
C ALA E 69 -29.29 8.32 -30.86
N VAL E 70 -29.62 7.24 -31.56
CA VAL E 70 -30.94 6.63 -31.34
C VAL E 70 -30.94 5.61 -30.25
N TYR E 71 -29.91 4.79 -30.21
CA TYR E 71 -29.75 3.86 -29.08
C TYR E 71 -28.51 4.22 -28.27
N ALA E 72 -28.67 5.13 -27.31
CA ALA E 72 -27.57 5.62 -26.46
C ALA E 72 -26.82 4.53 -25.70
N ASP E 73 -27.55 3.50 -25.28
CA ASP E 73 -26.98 2.38 -24.54
C ASP E 73 -26.07 1.43 -25.37
N ALA E 74 -25.99 1.59 -26.69
CA ALA E 74 -25.34 0.52 -27.46
C ALA E 74 -23.86 0.78 -27.70
N ARG E 75 -23.04 -0.26 -27.49
CA ARG E 75 -21.56 -0.18 -27.52
C ARG E 75 -21.09 -0.34 -28.95
N ARG E 76 -20.45 0.68 -29.51
CA ARG E 76 -19.80 0.62 -30.84
C ARG E 76 -18.58 -0.30 -30.81
N ILE E 77 -18.72 -1.54 -31.25
CA ILE E 77 -17.56 -2.41 -31.35
C ILE E 77 -16.71 -2.03 -32.60
N ALA E 78 -15.40 -2.20 -32.50
CA ALA E 78 -14.49 -1.56 -33.47
C ALA E 78 -14.29 -2.39 -34.72
N THR E 79 -14.46 -3.70 -34.54
CA THR E 79 -14.05 -4.71 -35.50
C THR E 79 -15.17 -5.73 -35.56
N ALA E 80 -15.62 -6.06 -36.78
CA ALA E 80 -16.64 -7.12 -36.98
C ALA E 80 -16.19 -8.48 -36.42
N GLU E 81 -14.96 -8.88 -36.74
CA GLU E 81 -14.44 -10.15 -36.23
C GLU E 81 -14.68 -10.32 -34.69
N GLU E 82 -14.67 -9.21 -33.95
CA GLU E 82 -14.96 -9.27 -32.52
C GLU E 82 -16.39 -9.72 -32.20
N ILE E 83 -17.40 -9.12 -32.88
CA ILE E 83 -18.81 -9.48 -32.64
C ILE E 83 -18.97 -10.96 -32.99
N LEU E 84 -18.33 -11.40 -34.06
CA LEU E 84 -18.43 -12.78 -34.52
C LEU E 84 -17.83 -13.81 -33.57
N GLU E 85 -16.66 -13.48 -33.01
CA GLU E 85 -15.95 -14.43 -32.15
C GLU E 85 -16.67 -14.53 -30.80
N ASP E 86 -17.49 -13.53 -30.47
CA ASP E 86 -18.17 -13.43 -29.18
C ASP E 86 -19.18 -14.58 -29.04
N GLU E 87 -18.93 -15.49 -28.11
CA GLU E 87 -19.80 -16.65 -27.96
C GLU E 87 -21.14 -16.31 -27.30
N ASN E 88 -21.31 -15.07 -26.82
CA ASN E 88 -22.53 -14.65 -26.10
C ASN E 88 -23.62 -14.06 -26.99
N ILE E 89 -23.22 -13.57 -28.17
CA ILE E 89 -24.13 -12.92 -29.12
C ILE E 89 -24.64 -13.96 -30.13
N GLY E 90 -25.96 -14.17 -30.17
CA GLY E 90 -26.59 -15.24 -30.97
C GLY E 90 -26.97 -14.87 -32.40
N LEU E 91 -27.04 -13.57 -32.67
CA LEU E 91 -27.67 -13.08 -33.88
C LEU E 91 -27.04 -11.80 -34.45
N ILE E 92 -26.79 -11.82 -35.74
CA ILE E 92 -26.36 -10.62 -36.44
C ILE E 92 -27.53 -10.06 -37.20
N VAL E 93 -27.64 -8.76 -37.15
CA VAL E 93 -28.71 -8.06 -37.79
C VAL E 93 -28.05 -7.07 -38.67
N SER E 94 -28.37 -7.11 -39.96
CA SER E 94 -27.65 -6.28 -40.95
C SER E 94 -28.46 -5.52 -42.04
N ALA E 95 -28.00 -4.29 -42.33
CA ALA E 95 -28.41 -3.52 -43.50
C ALA E 95 -27.21 -2.90 -44.19
N ALA E 96 -26.19 -3.73 -44.43
CA ALA E 96 -24.96 -3.32 -45.13
C ALA E 96 -25.29 -3.05 -46.58
N VAL E 97 -24.40 -2.39 -47.31
CA VAL E 97 -24.50 -2.31 -48.79
C VAL E 97 -24.88 -3.67 -49.38
N SER E 98 -25.89 -3.70 -50.25
CA SER E 98 -26.53 -4.97 -50.58
C SER E 98 -25.60 -6.02 -51.17
N SER E 99 -24.63 -5.63 -52.00
CA SER E 99 -23.73 -6.66 -52.55
C SER E 99 -22.83 -7.31 -51.53
N GLU E 100 -22.65 -6.64 -50.39
CA GLU E 100 -21.81 -7.13 -49.30
C GLU E 100 -22.58 -7.91 -48.20
N ARG E 101 -23.91 -8.02 -48.33
CA ARG E 101 -24.69 -8.73 -47.32
C ARG E 101 -24.40 -10.20 -47.29
N ALA E 102 -24.04 -10.78 -48.44
CA ALA E 102 -23.75 -12.20 -48.51
C ALA E 102 -22.54 -12.63 -47.67
N GLU E 103 -21.39 -11.96 -47.84
CA GLU E 103 -20.18 -12.41 -47.18
C GLU E 103 -20.34 -12.30 -45.67
N LEU E 104 -20.83 -11.15 -45.23
CA LEU E 104 -21.23 -10.94 -43.84
C LEU E 104 -22.06 -12.06 -43.23
N ALA E 105 -23.23 -12.32 -43.82
CA ALA E 105 -24.13 -13.38 -43.34
C ALA E 105 -23.51 -14.78 -43.37
N ILE E 106 -22.55 -14.99 -44.27
CA ILE E 106 -21.84 -16.24 -44.35
C ILE E 106 -20.89 -16.44 -43.15
N ARG E 107 -20.10 -15.40 -42.86
CA ARG E 107 -19.20 -15.40 -41.69
C ARG E 107 -20.04 -15.56 -40.43
N ALA E 108 -21.16 -14.84 -40.37
CA ALA E 108 -22.04 -14.95 -39.24
C ALA E 108 -22.42 -16.41 -38.98
N MSE E 109 -22.75 -17.12 -40.05
CA MSE E 109 -23.24 -18.48 -39.89
C MSE E 109 -22.14 -19.46 -39.54
O MSE E 109 -22.30 -20.32 -38.69
CB MSE E 109 -24.04 -18.93 -41.12
CG MSE E 109 -25.39 -18.24 -41.22
SE MSE E 109 -26.56 -18.68 -42.75
CE MSE E 109 -25.73 -17.68 -44.20
N GLN E 110 -21.01 -19.29 -40.21
CA GLN E 110 -19.79 -20.07 -39.91
C GLN E 110 -19.30 -19.89 -38.48
N HIS E 111 -19.54 -18.71 -37.91
CA HIS E 111 -19.26 -18.45 -36.49
C HIS E 111 -20.47 -18.78 -35.59
N GLY E 112 -21.39 -19.62 -36.10
CA GLY E 112 -22.43 -20.21 -35.28
C GLY E 112 -23.62 -19.35 -34.88
N LYS E 113 -23.72 -18.18 -35.52
CA LYS E 113 -24.76 -17.19 -35.22
C LYS E 113 -25.82 -17.21 -36.30
N ASP E 114 -27.03 -16.83 -35.91
CA ASP E 114 -28.06 -16.58 -36.89
C ASP E 114 -27.95 -15.15 -37.41
N VAL E 115 -28.66 -14.89 -38.50
CA VAL E 115 -28.62 -13.59 -39.13
C VAL E 115 -30.00 -13.17 -39.65
N LEU E 116 -30.39 -11.93 -39.35
CA LEU E 116 -31.60 -11.32 -39.85
C LEU E 116 -31.13 -10.15 -40.65
N VAL E 117 -31.36 -10.23 -41.95
CA VAL E 117 -30.82 -9.21 -42.84
C VAL E 117 -31.92 -8.43 -43.57
N ASP E 118 -31.63 -7.21 -44.00
CA ASP E 118 -32.53 -6.40 -44.84
C ASP E 118 -32.68 -6.99 -46.24
N LYS E 119 -33.75 -6.63 -46.92
CA LYS E 119 -33.92 -6.95 -48.32
C LYS E 119 -33.09 -5.99 -49.13
N PRO E 120 -32.45 -6.47 -50.22
CA PRO E 120 -32.37 -7.85 -50.64
C PRO E 120 -31.32 -8.61 -49.87
N GLY E 121 -31.55 -9.89 -49.66
CA GLY E 121 -30.59 -10.75 -48.97
C GLY E 121 -29.23 -10.94 -49.61
N MSE E 122 -29.20 -10.93 -50.94
CA MSE E 122 -27.97 -10.96 -51.72
C MSE E 122 -28.32 -10.35 -53.08
O MSE E 122 -29.42 -9.81 -53.25
CB MSE E 122 -27.40 -12.38 -51.83
CG MSE E 122 -28.18 -13.33 -52.74
SE MSE E 122 -30.06 -13.70 -52.20
CE MSE E 122 -29.82 -14.46 -50.41
N THR E 123 -27.40 -10.39 -54.06
CA THR E 123 -27.59 -9.62 -55.29
C THR E 123 -27.16 -10.33 -56.57
N SER E 124 -26.85 -11.62 -56.45
CA SER E 124 -26.46 -12.47 -57.58
C SER E 124 -26.66 -13.92 -57.23
N PHE E 125 -26.92 -14.73 -58.27
CA PHE E 125 -27.15 -16.18 -58.19
C PHE E 125 -26.01 -16.89 -57.48
N ASP E 126 -24.80 -16.45 -57.86
CA ASP E 126 -23.53 -16.75 -57.25
C ASP E 126 -23.59 -16.74 -55.71
N GLN E 127 -23.87 -15.57 -55.13
CA GLN E 127 -24.10 -15.42 -53.67
C GLN E 127 -25.25 -16.25 -53.11
N LEU E 128 -26.40 -16.31 -53.81
CA LEU E 128 -27.48 -17.21 -53.41
C LEU E 128 -27.03 -18.68 -53.31
N ALA E 129 -26.27 -19.18 -54.29
CA ALA E 129 -25.72 -20.55 -54.19
C ALA E 129 -24.92 -20.74 -52.89
N LYS E 130 -23.88 -19.93 -52.68
CA LYS E 130 -23.06 -20.01 -51.45
C LYS E 130 -23.99 -19.99 -50.22
N LEU E 131 -24.80 -18.94 -50.05
CA LEU E 131 -25.77 -18.88 -48.92
C LEU E 131 -26.50 -20.17 -48.58
N ARG E 132 -27.15 -20.79 -49.54
CA ARG E 132 -27.87 -22.03 -49.29
C ARG E 132 -26.93 -23.13 -48.84
N ARG E 133 -25.75 -23.21 -49.42
CA ARG E 133 -24.81 -24.21 -48.98
C ARG E 133 -24.49 -24.01 -47.54
N VAL E 134 -24.15 -22.80 -47.18
CA VAL E 134 -23.79 -22.47 -45.82
C VAL E 134 -24.89 -22.64 -44.83
N GLN E 135 -26.10 -22.28 -45.19
CA GLN E 135 -27.20 -22.52 -44.31
C GLN E 135 -27.48 -23.99 -44.11
N ALA E 136 -27.50 -24.77 -45.19
CA ALA E 136 -27.65 -26.23 -45.07
C ALA E 136 -26.50 -26.87 -44.27
N GLU E 137 -25.26 -26.53 -44.63
CA GLU E 137 -24.10 -26.98 -43.88
C GLU E 137 -24.17 -26.72 -42.39
N THR E 138 -24.69 -25.57 -41.98
CA THR E 138 -24.49 -25.11 -40.59
C THR E 138 -25.76 -25.00 -39.77
N GLY E 139 -26.89 -25.32 -40.42
CA GLY E 139 -28.22 -25.28 -39.80
C GLY E 139 -28.50 -24.01 -39.00
N ARG E 140 -27.92 -22.91 -39.46
CA ARG E 140 -28.21 -21.59 -38.93
C ARG E 140 -29.39 -20.99 -39.69
N ILE E 141 -30.09 -20.06 -39.05
CA ILE E 141 -31.22 -19.39 -39.67
C ILE E 141 -30.72 -18.20 -40.46
N PHE E 142 -31.20 -18.11 -41.70
CA PHE E 142 -30.88 -17.00 -42.54
C PHE E 142 -32.17 -16.38 -43.00
N SER E 143 -32.56 -15.25 -42.39
CA SER E 143 -33.84 -14.64 -42.66
C SER E 143 -33.71 -13.23 -43.26
N ILE E 144 -34.60 -12.95 -44.20
CA ILE E 144 -34.65 -11.60 -44.75
C ILE E 144 -35.86 -10.85 -44.18
N LEU E 145 -35.68 -9.61 -43.77
CA LEU E 145 -36.79 -8.84 -43.28
C LEU E 145 -37.57 -8.15 -44.39
N TYR E 146 -38.50 -8.87 -45.00
CA TYR E 146 -39.32 -8.35 -46.08
C TYR E 146 -40.38 -7.47 -45.46
N SER E 147 -40.10 -6.18 -45.34
CA SER E 147 -40.88 -5.39 -44.38
C SER E 147 -42.29 -5.05 -44.83
N GLU E 148 -42.48 -4.95 -46.14
CA GLU E 148 -43.77 -4.68 -46.67
C GLU E 148 -44.73 -5.82 -46.40
N HIS E 149 -44.23 -7.03 -46.16
CA HIS E 149 -45.06 -8.04 -45.49
C HIS E 149 -45.01 -8.04 -43.93
N PHE E 150 -43.86 -8.30 -43.33
CA PHE E 150 -43.82 -8.58 -41.89
C PHE E 150 -44.07 -7.38 -40.96
N GLU E 151 -43.98 -6.18 -41.52
CA GLU E 151 -44.09 -4.96 -40.74
C GLU E 151 -45.28 -4.17 -41.28
N SER E 152 -46.20 -4.88 -41.94
CA SER E 152 -47.48 -4.30 -42.46
C SER E 152 -48.72 -5.05 -41.94
N PRO E 153 -49.42 -4.46 -40.95
CA PRO E 153 -50.50 -5.21 -40.35
C PRO E 153 -51.64 -5.51 -41.30
N ALA E 154 -51.89 -4.66 -42.31
CA ALA E 154 -52.99 -4.93 -43.28
C ALA E 154 -52.69 -6.20 -44.02
N THR E 155 -51.43 -6.41 -44.29
CA THR E 155 -51.13 -7.53 -45.10
C THR E 155 -51.11 -8.83 -44.30
N VAL E 156 -50.81 -8.71 -43.01
CA VAL E 156 -50.83 -9.86 -42.09
C VAL E 156 -52.29 -10.24 -41.86
N LYS E 157 -53.19 -9.26 -41.63
CA LYS E 157 -54.66 -9.60 -41.57
C LYS E 157 -55.06 -10.35 -42.85
N ALA E 158 -54.58 -9.87 -43.99
CA ALA E 158 -54.90 -10.47 -45.26
C ALA E 158 -54.47 -11.94 -45.31
N GLY E 159 -53.22 -12.23 -44.94
CA GLY E 159 -52.80 -13.60 -44.71
C GLY E 159 -53.80 -14.43 -43.89
N GLU E 160 -54.28 -13.87 -42.76
CA GLU E 160 -55.15 -14.61 -41.82
C GLU E 160 -56.53 -14.81 -42.43
N LEU E 161 -57.05 -13.78 -43.09
CA LEU E 161 -58.29 -13.92 -43.85
C LEU E 161 -58.18 -14.98 -44.92
N VAL E 162 -57.14 -14.93 -45.75
CA VAL E 162 -57.00 -15.91 -46.82
C VAL E 162 -56.86 -17.32 -46.28
N ALA E 163 -56.07 -17.48 -45.22
CA ALA E 163 -55.85 -18.79 -44.60
C ALA E 163 -57.17 -19.41 -44.10
N ALA E 164 -58.02 -18.59 -43.47
CA ALA E 164 -59.32 -19.06 -42.98
C ALA E 164 -60.29 -19.29 -44.16
N GLY E 165 -59.86 -18.94 -45.36
CA GLY E 165 -60.63 -19.23 -46.57
C GLY E 165 -61.74 -18.22 -46.85
N ALA E 166 -61.50 -16.95 -46.55
CA ALA E 166 -62.47 -15.88 -46.75
C ALA E 166 -62.73 -15.54 -48.20
N ILE E 167 -61.85 -15.98 -49.10
CA ILE E 167 -62.01 -15.66 -50.51
C ILE E 167 -61.86 -16.89 -51.44
N GLY E 168 -61.79 -18.08 -50.84
CA GLY E 168 -61.75 -19.35 -51.57
C GLY E 168 -60.34 -19.61 -52.01
N GLU E 169 -60.15 -20.31 -53.12
CA GLU E 169 -58.79 -20.49 -53.62
C GLU E 169 -58.20 -19.20 -54.21
N VAL E 170 -56.89 -19.01 -53.99
CA VAL E 170 -56.12 -17.91 -54.57
C VAL E 170 -55.89 -18.19 -56.05
N VAL E 171 -56.30 -17.22 -56.85
CA VAL E 171 -56.29 -17.35 -58.29
C VAL E 171 -55.23 -16.36 -58.80
N HIS E 172 -55.30 -15.11 -58.34
CA HIS E 172 -54.41 -14.14 -58.89
C HIS E 172 -53.96 -13.15 -57.84
N ILE E 173 -52.75 -12.63 -57.98
CA ILE E 173 -52.20 -11.65 -57.03
C ILE E 173 -51.46 -10.51 -57.74
N VAL E 174 -51.81 -9.30 -57.39
CA VAL E 174 -51.27 -8.13 -58.05
C VAL E 174 -50.54 -7.33 -57.04
N GLY E 175 -49.24 -7.21 -57.24
CA GLY E 175 -48.38 -6.48 -56.33
C GLY E 175 -47.93 -5.19 -56.96
N LEU E 176 -48.25 -4.09 -56.31
CA LEU E 176 -48.02 -2.79 -56.88
C LEU E 176 -47.26 -1.97 -55.87
N GLY E 177 -45.95 -1.78 -56.14
CA GLY E 177 -45.01 -1.18 -55.18
C GLY E 177 -44.22 0.05 -55.60
N PRO E 178 -44.84 1.25 -55.59
CA PRO E 178 -44.17 2.53 -55.87
C PRO E 178 -43.39 3.03 -54.66
N HIS E 179 -42.25 3.68 -54.89
CA HIS E 179 -41.43 4.24 -53.80
C HIS E 179 -41.02 5.66 -54.16
N ARG E 180 -40.60 6.42 -53.14
CA ARG E 180 -40.08 7.77 -53.36
C ARG E 180 -38.56 7.74 -53.49
N LEU E 181 -38.04 8.28 -54.60
CA LEU E 181 -36.60 8.28 -54.88
C LEU E 181 -35.77 9.08 -53.88
N ARG E 182 -36.21 10.30 -53.49
CA ARG E 182 -35.52 11.08 -52.43
C ARG E 182 -34.06 11.17 -52.77
N ARG E 183 -33.78 11.54 -54.00
CA ARG E 183 -32.48 11.35 -54.64
C ARG E 183 -31.29 12.04 -53.92
N GLU E 184 -31.49 13.29 -53.49
CA GLU E 184 -30.43 13.99 -52.76
C GLU E 184 -30.04 13.21 -51.47
N THR E 185 -31.00 12.60 -50.78
CA THR E 185 -30.78 11.68 -49.62
C THR E 185 -29.89 10.42 -49.86
N ARG E 186 -29.73 9.98 -51.09
CA ARG E 186 -29.17 8.64 -51.36
C ARG E 186 -27.67 8.55 -51.25
N PRO E 187 -27.16 7.42 -50.83
CA PRO E 187 -25.74 7.16 -50.79
C PRO E 187 -25.23 6.80 -52.18
N ASP E 188 -23.93 6.99 -52.43
CA ASP E 188 -23.36 6.70 -53.74
C ASP E 188 -23.77 5.30 -54.20
N TRP E 189 -23.57 4.29 -53.37
CA TRP E 189 -23.79 2.90 -53.80
C TRP E 189 -25.24 2.59 -54.26
N PHE E 190 -26.15 3.50 -53.95
CA PHE E 190 -27.53 3.36 -54.35
C PHE E 190 -27.61 3.41 -55.86
N PHE E 191 -26.60 4.02 -56.47
CA PHE E 191 -26.65 4.32 -57.88
C PHE E 191 -25.82 3.40 -58.77
N ARG E 192 -25.13 2.45 -58.16
CA ARG E 192 -24.19 1.60 -58.87
C ARG E 192 -24.73 0.15 -58.91
N ARG E 193 -25.05 -0.31 -60.12
CA ARG E 193 -25.73 -1.59 -60.34
C ARG E 193 -25.14 -2.80 -59.59
N ALA E 194 -23.82 -2.92 -59.55
CA ALA E 194 -23.21 -4.07 -58.85
C ALA E 194 -23.47 -3.95 -57.36
N ASP E 195 -23.64 -2.73 -56.86
CA ASP E 195 -23.90 -2.54 -55.43
C ASP E 195 -25.37 -2.78 -55.04
N TYR E 196 -26.31 -2.32 -55.87
CA TYR E 196 -27.70 -2.42 -55.40
C TYR E 196 -28.45 -3.59 -55.94
N GLY E 197 -28.05 -4.12 -57.08
CA GLY E 197 -28.64 -5.36 -57.57
C GLY E 197 -29.73 -5.31 -58.64
N GLY E 198 -30.11 -4.11 -59.10
CA GLY E 198 -31.26 -3.95 -59.99
C GLY E 198 -32.58 -3.74 -59.26
N ILE E 199 -33.52 -2.99 -59.85
CA ILE E 199 -34.83 -2.75 -59.26
C ILE E 199 -35.61 -4.01 -58.88
N LEU E 200 -35.54 -5.06 -59.69
CA LEU E 200 -36.32 -6.24 -59.34
C LEU E 200 -35.69 -6.96 -58.16
N THR E 201 -34.38 -7.07 -58.17
CA THR E 201 -33.69 -7.70 -57.09
C THR E 201 -33.84 -6.89 -55.84
N ASP E 202 -33.57 -5.62 -55.93
CA ASP E 202 -33.75 -4.76 -54.82
C ASP E 202 -35.11 -4.49 -54.24
N ILE E 203 -36.12 -4.20 -55.05
CA ILE E 203 -37.44 -3.91 -54.49
C ILE E 203 -38.60 -4.81 -54.86
N ALA E 204 -38.41 -5.74 -55.74
CA ALA E 204 -39.45 -6.67 -56.06
C ALA E 204 -39.29 -7.86 -55.17
N SER E 205 -38.27 -7.85 -54.36
CA SER E 205 -38.05 -8.92 -53.43
C SER E 205 -39.21 -9.05 -52.46
N HIS E 206 -39.71 -7.91 -52.00
CA HIS E 206 -40.91 -7.85 -51.16
C HIS E 206 -42.05 -8.61 -51.76
N GLN E 207 -42.34 -8.38 -53.04
CA GLN E 207 -43.56 -8.90 -53.62
C GLN E 207 -43.41 -10.34 -54.07
N CYS E 208 -42.18 -10.78 -54.34
CA CYS E 208 -41.99 -12.20 -54.64
C CYS E 208 -42.26 -13.01 -53.41
N GLU E 209 -41.90 -12.50 -52.23
CA GLU E 209 -42.20 -13.17 -50.98
C GLU E 209 -43.70 -13.21 -50.76
N GLN E 210 -44.39 -12.08 -51.00
CA GLN E 210 -45.82 -12.02 -50.83
C GLN E 210 -46.55 -12.93 -51.77
N PHE E 211 -46.00 -13.11 -52.97
CA PHE E 211 -46.57 -14.08 -53.87
C PHE E 211 -46.45 -15.51 -53.32
N LEU E 212 -45.24 -15.91 -52.93
CA LEU E 212 -45.03 -17.25 -52.40
C LEU E 212 -45.87 -17.53 -51.13
N PHE E 213 -46.06 -16.47 -50.34
CA PHE E 213 -46.73 -16.57 -49.06
C PHE E 213 -48.17 -16.87 -49.32
N PHE E 214 -48.80 -15.99 -50.11
CA PHE E 214 -50.22 -16.08 -50.36
C PHE E 214 -50.58 -17.29 -51.19
N THR E 215 -49.75 -17.67 -52.15
CA THR E 215 -50.05 -18.91 -52.89
C THR E 215 -49.73 -20.13 -52.03
N GLY E 216 -48.99 -19.93 -50.96
CA GLY E 216 -48.67 -21.01 -50.03
C GLY E 216 -47.73 -22.02 -50.62
N VAL E 217 -47.53 -21.95 -51.93
CA VAL E 217 -46.59 -22.84 -52.62
C VAL E 217 -45.17 -22.41 -52.28
N ASN E 218 -44.21 -22.97 -53.00
CA ASN E 218 -42.82 -22.72 -52.63
C ASN E 218 -41.82 -22.78 -53.79
N ASP E 219 -42.34 -23.01 -54.99
CA ASP E 219 -41.57 -22.83 -56.21
C ASP E 219 -42.49 -22.20 -57.25
N ALA E 220 -41.93 -21.36 -58.12
CA ALA E 220 -42.73 -20.64 -59.07
C ALA E 220 -41.90 -20.24 -60.28
N THR E 221 -42.57 -19.79 -61.33
CA THR E 221 -41.91 -19.43 -62.58
C THR E 221 -42.12 -17.98 -62.97
N VAL E 222 -41.02 -17.32 -63.31
CA VAL E 222 -41.02 -16.01 -63.93
C VAL E 222 -41.39 -16.27 -65.37
N LEU E 223 -42.45 -15.67 -65.85
CA LEU E 223 -42.81 -15.82 -67.26
C LEU E 223 -42.11 -14.72 -68.04
N SER E 224 -41.98 -13.54 -67.45
CA SER E 224 -41.37 -12.42 -68.12
C SER E 224 -41.09 -11.39 -67.05
N ALA E 225 -40.22 -10.45 -67.37
CA ALA E 225 -39.75 -9.47 -66.43
C ALA E 225 -39.25 -8.33 -67.28
N SER E 226 -39.44 -7.10 -66.83
CA SER E 226 -38.95 -5.92 -67.51
C SER E 226 -38.43 -4.94 -66.51
N VAL E 227 -37.49 -4.08 -66.89
CA VAL E 227 -36.95 -2.98 -66.05
C VAL E 227 -36.61 -1.86 -67.00
N GLY E 228 -36.52 -0.63 -66.51
CA GLY E 228 -36.05 0.48 -67.33
C GLY E 228 -35.78 1.73 -66.53
N ASN E 229 -35.24 2.75 -67.19
CA ASN E 229 -35.00 4.03 -66.60
C ASN E 229 -35.64 5.07 -67.50
N GLN E 230 -36.67 5.79 -67.03
CA GLN E 230 -37.35 6.72 -67.91
C GLN E 230 -37.29 8.14 -67.43
N SER E 231 -36.96 8.36 -66.17
CA SER E 231 -37.00 9.69 -65.62
C SER E 231 -35.66 10.20 -65.11
N VAL E 232 -34.67 9.31 -65.05
CA VAL E 232 -33.40 9.70 -64.48
C VAL E 232 -32.31 9.33 -65.42
N PRO E 233 -32.36 9.86 -66.63
CA PRO E 233 -31.26 9.48 -67.51
C PRO E 233 -29.89 10.03 -66.96
N ASP E 234 -29.96 11.03 -66.07
CA ASP E 234 -28.84 11.45 -65.19
C ASP E 234 -28.08 10.28 -64.52
N ALA E 235 -28.78 9.23 -64.09
CA ALA E 235 -28.18 8.21 -63.25
C ALA E 235 -28.36 6.92 -63.96
N PRO E 236 -27.47 6.65 -64.93
CA PRO E 236 -27.75 5.68 -66.00
C PRO E 236 -27.90 4.24 -65.52
N GLU E 237 -27.36 3.92 -64.32
CA GLU E 237 -27.33 2.53 -63.84
C GLU E 237 -28.50 2.24 -62.89
N LEU E 238 -29.18 3.30 -62.54
CA LEU E 238 -30.36 3.18 -61.75
C LEU E 238 -31.51 2.77 -62.69
N GLN E 239 -32.33 1.86 -62.23
CA GLN E 239 -33.50 1.37 -62.90
C GLN E 239 -34.69 1.99 -62.21
N ASP E 240 -35.45 2.74 -62.98
CA ASP E 240 -36.67 3.44 -62.68
C ASP E 240 -37.97 2.69 -62.34
N THR E 241 -38.17 1.61 -63.05
CA THR E 241 -39.41 0.91 -63.14
C THR E 241 -39.07 -0.52 -63.48
N GLY E 242 -39.90 -1.45 -63.08
CA GLY E 242 -39.68 -2.86 -63.28
C GLY E 242 -41.01 -3.53 -63.06
N SER E 243 -41.23 -4.64 -63.74
CA SER E 243 -42.37 -5.50 -63.45
C SER E 243 -42.05 -6.92 -63.79
N ILE E 244 -42.91 -7.81 -63.33
CA ILE E 244 -42.71 -9.20 -63.55
C ILE E 244 -44.00 -9.96 -63.53
N HIS E 245 -44.02 -11.00 -64.36
CA HIS E 245 -45.13 -11.88 -64.48
C HIS E 245 -44.79 -13.27 -63.97
N LEU E 246 -45.57 -13.75 -63.03
CA LEU E 246 -45.26 -14.97 -62.28
C LEU E 246 -46.39 -15.97 -62.44
N SER E 247 -46.06 -17.25 -62.22
CA SER E 247 -47.09 -18.28 -62.17
C SER E 247 -46.61 -19.55 -61.47
N THR E 248 -47.57 -20.22 -60.81
CA THR E 248 -47.35 -21.52 -60.17
C THR E 248 -48.20 -22.61 -60.80
N GLY E 249 -48.63 -22.45 -62.04
CA GLY E 249 -49.52 -23.49 -62.58
C GLY E 249 -50.94 -23.51 -62.00
N ARG E 250 -51.12 -23.24 -60.69
CA ARG E 250 -52.49 -22.99 -60.15
C ARG E 250 -52.82 -21.51 -59.78
N THR E 251 -51.80 -20.68 -59.69
CA THR E 251 -51.97 -19.26 -59.36
C THR E 251 -51.12 -18.43 -60.28
N THR E 252 -51.54 -17.21 -60.52
CA THR E 252 -50.82 -16.33 -61.40
C THR E 252 -50.57 -15.00 -60.66
N GLY E 253 -49.52 -14.27 -61.03
CA GLY E 253 -49.23 -13.04 -60.26
C GLY E 253 -48.54 -11.98 -61.08
N MSE E 254 -48.83 -10.73 -60.80
CA MSE E 254 -48.15 -9.67 -61.49
C MSE E 254 -47.58 -8.69 -60.53
O MSE E 254 -48.20 -8.37 -59.51
CB MSE E 254 -49.14 -8.95 -62.32
CG MSE E 254 -49.04 -9.33 -63.74
SE MSE E 254 -50.72 -8.93 -64.67
CE MSE E 254 -51.81 -7.89 -63.35
N ILE E 255 -46.39 -8.18 -60.84
CA ILE E 255 -45.73 -7.26 -59.95
C ILE E 255 -45.17 -6.08 -60.69
N HIS E 256 -45.44 -4.86 -60.19
CA HIS E 256 -44.81 -3.69 -60.73
C HIS E 256 -44.16 -2.87 -59.66
N VAL E 257 -42.92 -2.45 -59.85
CA VAL E 257 -42.22 -1.58 -58.92
C VAL E 257 -41.65 -0.32 -59.51
N ASN E 258 -41.72 0.76 -58.80
CA ASN E 258 -41.16 1.95 -59.34
C ASN E 258 -40.47 2.86 -58.33
N TRP E 259 -39.64 3.77 -58.80
CA TRP E 259 -38.95 4.77 -57.99
C TRP E 259 -39.56 6.12 -58.27
N LEU E 260 -40.86 6.09 -58.51
CA LEU E 260 -41.61 7.14 -59.15
C LEU E 260 -42.79 7.76 -58.35
N THR E 261 -42.83 7.56 -57.03
CA THR E 261 -43.78 8.31 -56.21
C THR E 261 -43.70 9.83 -56.45
N PRO E 262 -44.87 10.47 -56.69
CA PRO E 262 -45.00 11.93 -56.96
C PRO E 262 -44.70 12.70 -55.69
N GLU E 263 -44.16 13.91 -55.82
CA GLU E 263 -43.84 14.70 -54.63
C GLU E 263 -45.12 14.98 -53.75
N GLY E 264 -46.28 15.09 -54.37
CA GLY E 264 -47.53 15.42 -53.64
C GLY E 264 -48.16 14.32 -52.82
N MSE E 265 -47.54 13.16 -52.78
CA MSE E 265 -48.03 12.05 -51.97
C MSE E 265 -47.69 12.24 -50.50
O MSE E 265 -46.55 12.51 -50.17
CB MSE E 265 -47.41 10.74 -52.47
CG MSE E 265 -48.09 9.49 -51.93
SE MSE E 265 -49.71 8.97 -52.97
CE MSE E 265 -50.46 7.89 -51.57
N PRO E 266 -48.69 12.10 -49.60
CA PRO E 266 -48.52 12.12 -48.14
C PRO E 266 -47.52 11.13 -47.56
N THR E 267 -47.08 10.13 -48.34
CA THR E 267 -46.18 9.05 -47.86
C THR E 267 -45.19 8.56 -48.90
N TRP E 268 -44.29 7.68 -48.52
CA TRP E 268 -43.31 7.20 -49.48
C TRP E 268 -43.87 6.42 -50.65
N GLY E 269 -44.77 5.49 -50.41
CA GLY E 269 -45.41 4.80 -51.49
C GLY E 269 -46.87 4.49 -51.36
N ASP E 270 -47.68 4.75 -52.35
CA ASP E 270 -49.06 4.29 -52.29
C ASP E 270 -49.15 2.85 -52.76
N GLY E 271 -48.61 1.96 -51.97
CA GLY E 271 -48.60 0.56 -52.29
C GLY E 271 -49.85 -0.24 -52.26
N ARG E 272 -50.03 -1.14 -53.21
CA ARG E 272 -51.24 -1.93 -53.35
C ARG E 272 -51.06 -3.42 -53.48
N LEU E 273 -51.93 -4.20 -52.87
CA LEU E 273 -51.94 -5.61 -53.06
C LEU E 273 -53.32 -6.08 -53.39
N PHE E 274 -53.50 -6.76 -54.51
CA PHE E 274 -54.81 -7.34 -54.82
C PHE E 274 -54.68 -8.83 -54.81
N ILE E 275 -55.55 -9.51 -54.09
CA ILE E 275 -55.53 -10.96 -54.03
C ILE E 275 -56.85 -11.44 -54.53
N VAL E 276 -56.89 -11.88 -55.77
CA VAL E 276 -58.09 -12.41 -56.38
C VAL E 276 -58.37 -13.88 -56.02
N GLY E 277 -59.45 -14.10 -55.27
CA GLY E 277 -59.90 -15.45 -54.96
C GLY E 277 -61.09 -15.92 -55.78
N THR E 278 -61.32 -17.23 -55.77
CA THR E 278 -62.46 -17.86 -56.43
C THR E 278 -63.76 -17.34 -55.86
N SER E 279 -63.84 -17.11 -54.57
CA SER E 279 -65.14 -16.69 -54.08
C SER E 279 -65.19 -15.26 -53.60
N GLY E 280 -64.08 -14.52 -53.73
CA GLY E 280 -63.94 -13.20 -53.12
C GLY E 280 -62.66 -12.51 -53.53
N THR E 281 -62.42 -11.32 -52.99
CA THR E 281 -61.27 -10.51 -53.40
C THR E 281 -60.86 -9.52 -52.28
N ILE E 282 -59.55 -9.42 -52.04
CA ILE E 282 -59.01 -8.51 -51.03
C ILE E 282 -58.17 -7.45 -51.71
N GLU E 283 -58.41 -6.19 -51.37
CA GLU E 283 -57.45 -5.15 -51.74
C GLU E 283 -56.80 -4.59 -50.48
N VAL E 284 -55.47 -4.56 -50.49
CA VAL E 284 -54.75 -3.88 -49.42
C VAL E 284 -54.12 -2.58 -49.95
N ARG E 285 -54.48 -1.45 -49.32
CA ARG E 285 -53.72 -0.21 -49.45
C ARG E 285 -52.77 -0.04 -48.25
N LYS E 286 -51.49 -0.23 -48.53
CA LYS E 286 -50.48 -0.43 -47.49
C LYS E 286 -50.29 0.85 -46.68
N THR E 287 -50.47 1.98 -47.31
CA THR E 287 -49.91 3.20 -46.76
C THR E 287 -50.84 4.40 -46.69
N VAL E 288 -51.84 4.45 -47.53
CA VAL E 288 -52.62 5.64 -47.66
C VAL E 288 -53.93 5.32 -48.37
N ASP E 289 -54.86 6.26 -48.33
CA ASP E 289 -56.09 6.12 -49.08
C ASP E 289 -56.36 7.46 -49.77
N LEU E 290 -55.91 7.56 -51.02
CA LEU E 290 -56.31 8.63 -51.88
C LEU E 290 -57.84 8.55 -51.99
N ALA E 291 -58.53 9.67 -51.89
CA ALA E 291 -58.07 10.83 -51.22
C ALA E 291 -59.08 10.76 -50.08
N GLY E 292 -59.20 9.58 -49.49
CA GLY E 292 -60.18 9.30 -48.47
C GLY E 292 -59.77 9.09 -47.05
N ARG E 293 -59.81 7.87 -46.56
CA ARG E 293 -59.57 7.56 -45.18
C ARG E 293 -58.19 7.86 -44.65
N GLU E 294 -58.10 8.30 -43.43
CA GLU E 294 -56.84 8.66 -42.86
C GLU E 294 -56.08 7.47 -42.43
N GLY E 295 -54.78 7.59 -42.51
CA GLY E 295 -53.92 6.46 -42.30
C GLY E 295 -53.69 5.60 -43.51
N GLY E 296 -53.02 4.51 -43.25
CA GLY E 296 -53.01 3.21 -43.88
C GLY E 296 -53.08 2.38 -42.65
N ASN E 297 -53.44 1.12 -42.61
CA ASN E 297 -53.35 0.09 -43.57
C ASN E 297 -54.74 -0.33 -43.69
N HIS E 298 -55.25 -0.36 -44.89
CA HIS E 298 -56.63 -0.51 -45.09
C HIS E 298 -56.79 -1.73 -45.84
N LEU E 299 -57.70 -2.57 -45.42
CA LEU E 299 -57.93 -3.77 -46.13
C LEU E 299 -59.35 -3.73 -46.59
N PHE E 300 -59.56 -3.83 -47.88
CA PHE E 300 -60.93 -3.99 -48.37
C PHE E 300 -61.29 -5.46 -48.69
N LEU E 301 -62.37 -6.00 -48.15
CA LEU E 301 -62.81 -7.36 -48.49
C LEU E 301 -64.13 -7.39 -49.27
N ALA E 302 -64.13 -8.10 -50.39
CA ALA E 302 -65.29 -8.23 -51.23
C ALA E 302 -65.60 -9.71 -51.29
N ASP E 303 -66.83 -10.03 -50.92
CA ASP E 303 -67.19 -11.32 -50.35
C ASP E 303 -68.47 -11.85 -50.97
N ARG E 304 -68.81 -13.11 -50.69
CA ARG E 304 -70.14 -13.59 -51.08
C ARG E 304 -71.24 -12.75 -50.38
N ASN E 305 -70.96 -12.19 -49.21
CA ASN E 305 -71.95 -11.43 -48.45
C ASN E 305 -71.95 -9.90 -48.64
N GLY E 306 -70.78 -9.28 -48.84
CA GLY E 306 -70.80 -7.84 -49.14
C GLY E 306 -69.42 -7.31 -49.32
N VAL E 307 -69.28 -5.99 -49.18
CA VAL E 307 -67.99 -5.32 -49.22
C VAL E 307 -67.71 -4.68 -47.88
N GLU E 308 -66.52 -4.88 -47.35
CA GLU E 308 -66.21 -4.39 -46.03
C GLU E 308 -64.82 -3.78 -45.96
N HIS E 309 -64.72 -2.59 -45.40
CA HIS E 309 -63.44 -2.01 -45.18
C HIS E 309 -63.02 -2.44 -43.82
N ILE E 310 -61.83 -3.03 -43.69
CA ILE E 310 -61.31 -3.31 -42.35
C ILE E 310 -60.09 -2.44 -42.03
N ASP E 311 -60.15 -1.76 -40.87
CA ASP E 311 -58.97 -1.12 -40.30
C ASP E 311 -58.06 -2.10 -39.55
N CYS E 312 -56.78 -2.10 -39.93
CA CYS E 312 -55.83 -3.06 -39.36
C CYS E 312 -54.73 -2.38 -38.60
N SER E 313 -54.88 -1.10 -38.31
CA SER E 313 -53.88 -0.38 -37.56
C SER E 313 -53.38 -1.21 -36.39
N ARG E 314 -54.27 -1.88 -35.70
CA ARG E 314 -53.92 -2.55 -34.48
C ARG E 314 -53.66 -4.05 -34.55
N VAL E 315 -53.61 -4.64 -35.72
CA VAL E 315 -53.27 -6.05 -35.87
C VAL E 315 -51.86 -6.34 -35.42
N ASP E 316 -51.67 -7.47 -34.77
CA ASP E 316 -50.40 -7.91 -34.25
C ASP E 316 -49.51 -8.35 -35.37
N LEU E 317 -48.27 -7.91 -35.33
CA LEU E 317 -47.23 -8.37 -36.28
C LEU E 317 -46.47 -9.50 -35.57
N PRO E 318 -46.72 -10.77 -35.96
CA PRO E 318 -46.13 -11.92 -35.26
C PRO E 318 -44.64 -12.24 -35.47
N PHE E 319 -44.04 -11.72 -36.53
CA PHE E 319 -42.74 -12.21 -37.02
C PHE E 319 -41.64 -12.18 -35.95
N GLY E 320 -41.47 -11.05 -35.28
CA GLY E 320 -40.42 -10.95 -34.28
C GLY E 320 -40.52 -12.04 -33.21
N ARG E 321 -41.70 -12.20 -32.60
CA ARG E 321 -41.90 -13.25 -31.61
C ARG E 321 -41.62 -14.65 -32.23
N GLN E 322 -42.02 -14.85 -33.49
CA GLN E 322 -41.88 -16.18 -34.05
C GLN E 322 -40.44 -16.44 -34.41
N PHE E 323 -39.76 -15.39 -34.82
CA PHE E 323 -38.39 -15.49 -35.24
C PHE E 323 -37.47 -15.75 -34.07
N LEU E 324 -37.77 -15.18 -32.92
CA LEU E 324 -37.08 -15.53 -31.68
C LEU E 324 -37.34 -16.99 -31.26
N ALA E 325 -38.59 -17.46 -31.41
CA ALA E 325 -38.99 -18.83 -31.12
C ALA E 325 -38.21 -19.82 -31.97
N ASP E 326 -38.05 -19.49 -33.24
CA ASP E 326 -37.30 -20.29 -34.18
C ASP E 326 -35.83 -20.40 -33.80
N ILE E 327 -35.29 -19.35 -33.20
CA ILE E 327 -33.90 -19.37 -32.75
C ILE E 327 -33.81 -20.30 -31.55
N ARG E 328 -34.66 -20.04 -30.53
CA ARG E 328 -34.87 -20.92 -29.40
C ARG E 328 -34.95 -22.38 -29.78
N ASP E 329 -35.88 -22.75 -30.67
CA ASP E 329 -36.21 -24.16 -30.89
C ASP E 329 -35.75 -24.75 -32.19
N ARG E 330 -35.03 -23.99 -33.00
CA ARG E 330 -34.67 -24.40 -34.40
C ARG E 330 -35.85 -24.74 -35.34
N THR E 331 -36.96 -24.01 -35.17
CA THR E 331 -38.10 -24.11 -36.09
C THR E 331 -38.05 -23.09 -37.27
N GLU E 332 -39.14 -23.03 -38.03
CA GLU E 332 -39.29 -21.97 -39.03
C GLU E 332 -40.70 -21.40 -39.08
N THR E 333 -41.22 -21.00 -37.93
CA THR E 333 -42.58 -20.47 -37.86
C THR E 333 -42.76 -19.12 -38.55
N ALA E 334 -41.76 -18.24 -38.43
CA ALA E 334 -41.82 -16.89 -38.97
C ALA E 334 -41.86 -16.84 -40.51
N MSE E 335 -41.24 -17.86 -41.12
CA MSE E 335 -41.15 -18.02 -42.54
C MSE E 335 -40.41 -19.30 -42.86
O MSE E 335 -39.37 -19.56 -42.27
CB MSE E 335 -40.34 -16.88 -43.11
CG MSE E 335 -40.01 -17.03 -44.56
SE MSE E 335 -39.58 -15.26 -45.26
CE MSE E 335 -38.09 -14.77 -44.02
N PRO E 336 -40.92 -20.11 -43.79
CA PRO E 336 -40.20 -21.31 -44.24
C PRO E 336 -38.83 -20.95 -44.79
N GLN E 337 -37.80 -21.73 -44.46
CA GLN E 337 -36.46 -21.39 -44.87
C GLN E 337 -36.37 -21.43 -46.37
N GLU E 338 -37.01 -22.44 -46.98
CA GLU E 338 -36.96 -22.67 -48.43
C GLU E 338 -37.60 -21.48 -49.14
N ARG E 339 -38.51 -20.78 -48.44
CA ARG E 339 -39.22 -19.65 -49.03
C ARG E 339 -38.40 -18.37 -49.04
N CYS E 340 -37.74 -18.12 -47.92
CA CYS E 340 -36.87 -16.98 -47.82
C CYS E 340 -35.90 -16.99 -49.01
N PHE E 341 -35.44 -18.19 -49.35
CA PHE E 341 -34.55 -18.31 -50.49
C PHE E 341 -35.20 -18.11 -51.87
N LYS E 342 -36.33 -18.79 -52.11
CA LYS E 342 -36.98 -18.74 -53.41
C LYS E 342 -37.52 -17.35 -53.75
N ALA E 343 -37.82 -16.54 -52.75
CA ALA E 343 -38.28 -15.19 -53.08
C ALA E 343 -37.18 -14.40 -53.75
N MSE E 344 -35.94 -14.62 -53.28
CA MSE E 344 -34.78 -13.95 -53.85
C MSE E 344 -34.48 -14.55 -55.19
O MSE E 344 -34.19 -13.83 -56.15
CB MSE E 344 -33.59 -14.05 -52.93
CG MSE E 344 -33.74 -13.19 -51.70
SE MSE E 344 -33.87 -11.26 -52.11
CE MSE E 344 -35.12 -10.84 -50.72
N GLU E 345 -34.59 -15.87 -55.27
CA GLU E 345 -34.41 -16.56 -56.54
C GLU E 345 -35.34 -15.95 -57.57
N LEU E 346 -36.59 -15.72 -57.19
CA LEU E 346 -37.53 -15.12 -58.13
C LEU E 346 -37.06 -13.75 -58.50
N ALA E 347 -36.63 -12.99 -57.52
CA ALA E 347 -36.33 -11.61 -57.81
C ALA E 347 -35.09 -11.54 -58.70
N LEU E 348 -34.14 -12.44 -58.47
CA LEU E 348 -32.95 -12.48 -59.28
C LEU E 348 -33.24 -13.03 -60.66
N GLN E 349 -33.97 -14.14 -60.75
CA GLN E 349 -34.34 -14.66 -62.06
C GLN E 349 -34.91 -13.55 -62.92
N ALA E 350 -35.86 -12.77 -62.37
CA ALA E 350 -36.56 -11.75 -63.14
C ALA E 350 -35.59 -10.66 -63.55
N GLN E 351 -34.65 -10.37 -62.65
CA GLN E 351 -33.70 -9.30 -62.87
C GLN E 351 -32.77 -9.67 -63.99
N ALA E 352 -32.36 -10.92 -64.02
CA ALA E 352 -31.59 -11.47 -65.09
C ALA E 352 -32.28 -11.46 -66.43
N ILE E 353 -33.53 -11.84 -66.48
CA ILE E 353 -34.33 -11.86 -67.67
C ILE E 353 -34.59 -10.51 -68.30
N ALA E 354 -34.80 -9.51 -67.50
CA ALA E 354 -35.00 -8.19 -67.99
C ALA E 354 -33.77 -7.68 -68.67
N GLU E 355 -32.64 -8.25 -68.33
CA GLU E 355 -31.34 -7.81 -68.85
C GLU E 355 -30.71 -8.91 -69.72
C ACT F . 9.92 -4.46 20.74
O ACT F . 9.72 -3.28 21.22
OXT ACT F . 10.10 -4.69 19.49
CH3 ACT F . 10.04 -5.71 21.72
C ACT G . 0.03 7.98 13.90
O ACT G . -0.39 6.87 14.38
OXT ACT G . 1.21 8.17 13.41
CH3 ACT G . -0.96 9.22 13.89
#